data_8GRT
#
_entry.id   8GRT
#
_cell.length_a   67.200
_cell.length_b   74.250
_cell.length_c   154.590
_cell.angle_alpha   90.000
_cell.angle_beta   95.110
_cell.angle_gamma   90.000
#
_symmetry.space_group_name_H-M   'P 1 21 1'
#
loop_
_entity.id
_entity.type
_entity.pdbx_description
1 polymer Dipeptidyl-peptidase
2 non-polymer '2-AMINO-3-CYCLOHEXYL-PROPIONIC ACID'
3 non-polymer TYROSINE
4 water water
#
_entity_poly.entity_id   1
_entity_poly.type   'polypeptide(L)'
_entity_poly.pdbx_seq_one_letter_code
;MRSNLLAFSIVASLGLAQVAHAAEGMWVPQQLPEIAGPLQKAGLKLSPEQLANLTGDPMGAVVALGGCTASFVSPQGLVV
TNHHCAYGAIQLNSTAQKNLIKDGFNAPTLKDELSAGPNARVFVLDQITDVTAQAKAAIAGAGNDPLARSRALDAFDKAQ
VAACEADAGFRCRLYSFSGGNTYRLFRNMEIKDVRLVYAPPGSVGKFGGDVDNWMWPRHTGDFSFYRAYVGKDGKPAAFA
ADNVPYQPKHFLKFADQPLGADDFVMVAGYPGRTNRYALAGEFNETASFTYPTIAKHYNAVLKMIADAGKADADVKVKYA
ATAASMNNVAKNYLGQLEGFKRIDAAGQKQAEEAAVLAWLKKQGAAGKPALAAHAQLLKHLDTSKSTRERDLFVGQFNNT
SAVGAAITLYRLSIERSKPDAEREAGYQERDLTTIEGGLKQMDRRYVAKMDQQLQTYWLDQYVALPAAQRDNEVLNKWLA
GSDAAAVKSLVNKLGGTELGSLDTRLKWFKADRAAFEASNDPAIQYAVAVMPALLKQEEQKKIREGESLTARPLYLQAVA
DYKKSQGEFVYPDANLSLRITFGNVMGYGKDGVKYTPFTTLEGVAAKETGEDPFDSPKALLDAVKAKRYGGLEDKRLGSV
PVNFLSNLDITGGNSGSPVLDANGKLVGLAFDGNWESVSSNWVFDPVMTRMIAVDSRYMQWIMQEVAPAPQLLKELNLAK
;
_entity_poly.pdbx_strand_id   A,B
#
# COMPACT_ATOMS: atom_id res chain seq x y z
N ALA A 23 -14.45 24.45 -4.87
CA ALA A 23 -14.07 25.82 -4.45
C ALA A 23 -13.11 25.75 -3.27
N GLU A 24 -11.94 26.38 -3.41
CA GLU A 24 -11.18 26.76 -2.26
C GLU A 24 -12.02 27.72 -1.41
N GLY A 25 -11.90 27.59 -0.07
CA GLY A 25 -12.53 28.53 0.84
C GLY A 25 -13.36 27.87 1.95
N MET A 26 -13.04 28.32 3.16
CA MET A 26 -13.80 28.08 4.38
C MET A 26 -14.42 29.41 4.82
N TRP A 27 -15.51 29.74 4.12
CA TRP A 27 -16.10 31.07 4.13
C TRP A 27 -16.99 31.23 5.34
N VAL A 28 -16.93 32.41 5.98
CA VAL A 28 -17.77 32.68 7.13
C VAL A 28 -19.12 33.18 6.62
N PRO A 29 -20.24 33.02 7.37
CA PRO A 29 -21.55 33.37 6.80
C PRO A 29 -21.63 34.86 6.43
N GLN A 30 -20.93 35.72 7.17
CA GLN A 30 -20.86 37.15 6.87
C GLN A 30 -20.26 37.42 5.48
N GLN A 31 -19.67 36.40 4.84
CA GLN A 31 -19.13 36.52 3.49
C GLN A 31 -20.14 36.01 2.44
N LEU A 32 -21.39 35.74 2.82
CA LEU A 32 -22.35 35.24 1.85
C LEU A 32 -22.54 36.20 0.69
N PRO A 33 -22.55 37.55 0.89
CA PRO A 33 -22.69 38.49 -0.24
C PRO A 33 -21.77 38.23 -1.43
N GLU A 34 -20.49 37.94 -1.15
CA GLU A 34 -19.49 37.85 -2.20
C GLU A 34 -19.36 36.43 -2.80
N ILE A 35 -19.90 35.39 -2.15
CA ILE A 35 -19.89 34.08 -2.79
C ILE A 35 -21.26 33.76 -3.38
N ALA A 36 -22.23 34.68 -3.29
CA ALA A 36 -23.59 34.50 -3.84
C ALA A 36 -23.59 34.10 -5.32
N GLY A 37 -22.86 34.88 -6.14
CA GLY A 37 -22.80 34.65 -7.57
C GLY A 37 -22.12 33.32 -7.86
N PRO A 38 -20.89 33.13 -7.35
CA PRO A 38 -20.19 31.83 -7.45
C PRO A 38 -21.06 30.62 -7.04
N LEU A 39 -21.81 30.76 -5.94
CA LEU A 39 -22.72 29.71 -5.52
C LEU A 39 -23.71 29.38 -6.63
N GLN A 40 -24.46 30.38 -7.09
CA GLN A 40 -25.54 30.17 -8.04
C GLN A 40 -24.97 29.57 -9.32
N LYS A 41 -23.76 29.97 -9.68
CA LYS A 41 -23.09 29.59 -10.91
C LYS A 41 -22.63 28.13 -10.85
N ALA A 42 -22.42 27.63 -9.63
CA ALA A 42 -22.00 26.26 -9.39
C ALA A 42 -23.21 25.32 -9.41
N GLY A 43 -24.43 25.86 -9.20
CA GLY A 43 -25.67 25.10 -9.32
C GLY A 43 -26.69 25.28 -8.17
N LEU A 44 -26.40 26.10 -7.15
CA LEU A 44 -27.39 26.36 -6.11
C LEU A 44 -28.71 26.88 -6.71
N LYS A 45 -29.83 26.31 -6.26
CA LYS A 45 -31.14 26.70 -6.75
C LYS A 45 -32.00 27.32 -5.65
N LEU A 46 -31.49 27.35 -4.42
CA LEU A 46 -31.98 28.27 -3.39
C LEU A 46 -31.38 29.64 -3.67
N SER A 47 -31.95 30.66 -3.04
CA SER A 47 -31.28 31.96 -3.03
C SER A 47 -30.38 32.02 -1.81
N PRO A 48 -29.18 32.61 -1.96
CA PRO A 48 -28.26 32.77 -0.83
C PRO A 48 -28.82 33.45 0.42
N GLU A 49 -29.92 34.21 0.27
CA GLU A 49 -30.53 34.87 1.42
C GLU A 49 -31.09 33.81 2.37
N GLN A 50 -31.62 32.72 1.82
CA GLN A 50 -32.14 31.65 2.65
C GLN A 50 -31.04 30.98 3.49
N LEU A 51 -29.80 30.95 2.98
CA LEU A 51 -28.65 30.46 3.73
C LEU A 51 -28.17 31.47 4.78
N ALA A 52 -28.51 32.76 4.60
CA ALA A 52 -27.99 33.82 5.46
C ALA A 52 -28.71 33.80 6.81
N ASN A 53 -29.87 33.13 6.87
CA ASN A 53 -30.58 32.88 8.11
C ASN A 53 -30.03 31.59 8.75
N LEU A 54 -29.16 31.79 9.75
CA LEU A 54 -28.32 30.76 10.33
C LEU A 54 -29.10 29.95 11.36
N THR A 55 -30.27 30.45 11.74
CA THR A 55 -31.18 29.70 12.60
C THR A 55 -32.45 29.32 11.82
N GLY A 56 -32.43 29.44 10.49
CA GLY A 56 -33.58 29.10 9.66
C GLY A 56 -33.38 27.78 8.89
N ASP A 57 -34.09 27.63 7.77
CA ASP A 57 -34.10 26.40 7.00
C ASP A 57 -33.21 26.62 5.78
N PRO A 58 -32.11 25.84 5.51
CA PRO A 58 -31.64 24.70 6.33
C PRO A 58 -30.53 24.86 7.36
N MET A 59 -29.87 26.03 7.42
CA MET A 59 -28.67 26.23 8.23
C MET A 59 -28.88 25.92 9.70
N GLY A 60 -30.05 26.31 10.25
CA GLY A 60 -30.36 26.13 11.65
C GLY A 60 -30.41 24.67 12.13
N ALA A 61 -30.31 23.70 11.22
CA ALA A 61 -30.30 22.30 11.59
C ALA A 61 -28.87 21.79 11.72
N VAL A 62 -27.89 22.60 11.31
CA VAL A 62 -26.49 22.26 11.43
C VAL A 62 -26.06 22.55 12.87
N VAL A 63 -25.38 21.57 13.49
CA VAL A 63 -25.04 21.67 14.90
C VAL A 63 -23.62 21.18 15.13
N ALA A 64 -23.02 21.70 16.20
CA ALA A 64 -21.69 21.33 16.65
C ALA A 64 -21.81 20.35 17.84
N LEU A 65 -20.85 19.41 17.90
CA LEU A 65 -20.72 18.48 19.02
C LEU A 65 -19.51 18.80 19.91
N GLY A 66 -18.76 19.85 19.61
CA GLY A 66 -17.34 19.88 19.93
C GLY A 66 -16.55 19.84 18.63
N GLY A 67 -15.57 18.93 18.57
CA GLY A 67 -14.70 18.79 17.41
C GLY A 67 -15.30 17.94 16.29
N CYS A 68 -16.64 17.87 16.22
CA CYS A 68 -17.35 17.29 15.09
C CYS A 68 -18.56 18.17 14.77
N THR A 69 -19.09 17.98 13.57
CA THR A 69 -20.35 18.56 13.15
C THR A 69 -21.42 17.46 13.25
N ALA A 70 -22.68 17.89 13.26
CA ALA A 70 -23.81 17.00 13.08
C ALA A 70 -25.00 17.84 12.61
N SER A 71 -26.17 17.22 12.53
CA SER A 71 -27.36 17.96 12.17
C SER A 71 -28.62 17.20 12.60
N PHE A 72 -29.67 17.98 12.91
CA PHE A 72 -31.00 17.43 13.14
C PHE A 72 -31.62 16.93 11.85
N VAL A 73 -32.30 15.80 11.97
CA VAL A 73 -33.01 15.21 10.85
C VAL A 73 -34.39 14.69 11.25
N SER A 74 -34.93 15.12 12.41
CA SER A 74 -36.30 14.79 12.78
C SER A 74 -36.83 15.78 13.80
N PRO A 75 -38.18 15.92 13.90
CA PRO A 75 -38.78 16.86 14.81
C PRO A 75 -38.80 16.36 16.25
N GLN A 76 -38.36 15.12 16.49
CA GLN A 76 -38.26 14.53 17.83
C GLN A 76 -36.80 14.41 18.28
N GLY A 77 -35.89 15.14 17.62
CA GLY A 77 -34.61 15.49 18.22
C GLY A 77 -33.51 14.52 17.83
N LEU A 78 -33.75 13.79 16.73
CA LEU A 78 -32.81 12.82 16.20
C LEU A 78 -31.72 13.51 15.39
N VAL A 79 -30.49 13.01 15.53
CA VAL A 79 -29.29 13.73 15.16
C VAL A 79 -28.35 12.75 14.48
N VAL A 80 -27.86 13.10 13.29
CA VAL A 80 -27.00 12.20 12.56
C VAL A 80 -25.62 12.85 12.42
N THR A 81 -24.60 11.97 12.46
CA THR A 81 -23.18 12.34 12.40
C THR A 81 -22.34 11.13 11.96
N ASN A 82 -21.01 11.24 12.00
CA ASN A 82 -20.19 10.10 11.63
C ASN A 82 -20.16 9.06 12.74
N HIS A 83 -20.03 7.80 12.34
CA HIS A 83 -19.64 6.71 13.19
C HIS A 83 -18.41 7.05 14.04
N HIS A 84 -17.40 7.69 13.43
CA HIS A 84 -16.13 7.86 14.11
C HIS A 84 -16.17 9.04 15.10
N CYS A 85 -17.28 9.81 15.04
CA CYS A 85 -17.61 10.93 15.90
C CYS A 85 -18.38 10.41 17.09
N ALA A 86 -19.20 9.39 16.81
CA ALA A 86 -19.93 8.69 17.83
C ALA A 86 -19.08 7.61 18.51
N TYR A 87 -17.90 7.27 17.96
CA TYR A 87 -17.03 6.22 18.51
C TYR A 87 -16.87 6.38 20.02
N GLY A 88 -16.63 7.62 20.48
CA GLY A 88 -16.50 7.92 21.90
C GLY A 88 -17.64 7.35 22.75
N ALA A 89 -18.86 7.82 22.47
CA ALA A 89 -20.07 7.34 23.14
C ALA A 89 -20.25 5.82 23.00
N ILE A 90 -19.93 5.26 21.83
CA ILE A 90 -20.15 3.85 21.57
C ILE A 90 -19.17 3.06 22.46
N GLN A 91 -17.91 3.53 22.50
CA GLN A 91 -16.85 3.00 23.35
C GLN A 91 -17.27 3.00 24.82
N LEU A 92 -17.82 4.15 25.30
CA LEU A 92 -18.21 4.35 26.69
C LEU A 92 -19.20 3.29 27.13
N ASN A 93 -20.10 2.90 26.22
CA ASN A 93 -21.17 1.95 26.52
C ASN A 93 -20.79 0.51 26.16
N SER A 94 -19.55 0.26 25.71
CA SER A 94 -19.15 -1.08 25.31
C SER A 94 -18.49 -1.83 26.47
N THR A 95 -18.59 -3.15 26.45
CA THR A 95 -17.79 -4.00 27.32
C THR A 95 -17.16 -5.09 26.48
N ALA A 96 -16.26 -5.90 27.07
CA ALA A 96 -15.59 -6.93 26.29
C ALA A 96 -16.59 -8.04 25.93
N GLN A 97 -17.58 -8.31 26.80
CA GLN A 97 -18.62 -9.27 26.45
C GLN A 97 -19.62 -8.68 25.45
N LYS A 98 -20.00 -7.41 25.64
CA LYS A 98 -21.02 -6.77 24.82
C LYS A 98 -20.37 -5.54 24.17
N ASN A 99 -19.72 -5.80 23.02
CA ASN A 99 -18.84 -4.85 22.35
C ASN A 99 -19.53 -4.19 21.15
N LEU A 100 -19.99 -2.93 21.34
CA LEU A 100 -20.88 -2.25 20.42
C LEU A 100 -20.10 -1.60 19.27
N ILE A 101 -18.82 -1.31 19.52
CA ILE A 101 -17.89 -0.98 18.45
C ILE A 101 -17.90 -2.08 17.37
N LYS A 102 -17.86 -3.34 17.81
CA LYS A 102 -17.81 -4.46 16.89
C LYS A 102 -19.21 -4.73 16.33
N ASP A 103 -20.22 -4.72 17.20
CA ASP A 103 -21.52 -5.31 16.96
C ASP A 103 -22.55 -4.32 16.38
N GLY A 104 -22.28 -3.00 16.53
CA GLY A 104 -23.30 -2.00 16.28
C GLY A 104 -24.33 -1.98 17.39
N PHE A 105 -25.41 -1.22 17.20
CA PHE A 105 -26.37 -1.02 18.28
C PHE A 105 -27.63 -0.39 17.73
N ASN A 106 -28.81 -0.76 18.28
CA ASN A 106 -30.07 -0.17 17.84
C ASN A 106 -31.05 -0.15 19.01
N ALA A 107 -31.75 1.00 19.13
CA ALA A 107 -32.77 1.22 20.15
C ALA A 107 -34.14 1.32 19.49
N PRO A 108 -34.98 0.26 19.58
CA PRO A 108 -36.32 0.30 18.96
C PRO A 108 -37.30 1.27 19.59
N THR A 109 -37.05 1.70 20.82
CA THR A 109 -37.96 2.62 21.50
C THR A 109 -37.11 3.64 22.27
N LEU A 110 -37.74 4.76 22.67
CA LEU A 110 -37.03 5.80 23.38
C LEU A 110 -36.28 5.23 24.58
N LYS A 111 -36.90 4.27 25.26
CA LYS A 111 -36.44 3.91 26.60
C LYS A 111 -35.19 3.05 26.52
N ASP A 112 -34.84 2.54 25.32
CA ASP A 112 -33.68 1.70 25.08
C ASP A 112 -32.40 2.51 24.82
N GLU A 113 -32.55 3.80 24.49
CA GLU A 113 -31.44 4.60 23.99
C GLU A 113 -30.44 4.79 25.14
N LEU A 114 -29.14 4.73 24.82
CA LEU A 114 -28.07 4.78 25.79
C LEU A 114 -27.55 6.19 25.93
N SER A 115 -27.23 6.59 27.16
CA SER A 115 -26.55 7.85 27.44
C SER A 115 -25.19 7.84 26.76
N ALA A 116 -24.87 8.94 26.05
CA ALA A 116 -23.61 9.10 25.35
C ALA A 116 -22.49 9.55 26.31
N GLY A 117 -22.88 9.77 27.58
CA GLY A 117 -21.92 10.16 28.58
C GLY A 117 -22.09 11.61 29.02
N PRO A 118 -21.53 11.94 30.21
CA PRO A 118 -21.79 13.23 30.85
C PRO A 118 -21.31 14.44 30.05
N ASN A 119 -20.22 14.27 29.28
CA ASN A 119 -19.65 15.38 28.52
C ASN A 119 -20.12 15.42 27.05
N ALA A 120 -21.12 14.59 26.64
CA ALA A 120 -21.71 14.70 25.31
C ALA A 120 -22.50 16.01 25.20
N ARG A 121 -22.30 16.73 24.09
CA ARG A 121 -22.95 18.02 23.90
C ARG A 121 -23.53 18.09 22.50
N VAL A 122 -24.63 18.85 22.38
CA VAL A 122 -25.13 19.34 21.10
C VAL A 122 -25.34 20.84 21.25
N PHE A 123 -24.67 21.62 20.38
CA PHE A 123 -24.75 23.07 20.43
C PHE A 123 -25.60 23.56 19.25
N VAL A 124 -26.67 24.29 19.60
CA VAL A 124 -27.62 24.88 18.67
C VAL A 124 -27.42 26.40 18.67
N LEU A 125 -27.03 26.94 17.50
CA LEU A 125 -26.69 28.35 17.35
C LEU A 125 -27.91 29.23 17.60
N ASP A 126 -27.78 30.12 18.59
CA ASP A 126 -28.76 31.17 18.81
C ASP A 126 -28.43 32.45 18.04
N GLN A 127 -27.15 32.85 17.92
CA GLN A 127 -26.79 34.25 17.64
C GLN A 127 -25.28 34.47 17.53
N ILE A 128 -24.89 35.34 16.58
CA ILE A 128 -23.53 35.79 16.38
C ILE A 128 -23.54 37.31 16.48
N THR A 129 -22.58 37.91 17.23
CA THR A 129 -22.43 39.36 17.21
C THR A 129 -20.95 39.74 17.16
N ASP A 130 -20.66 40.76 16.35
CA ASP A 130 -19.34 41.35 16.18
C ASP A 130 -18.97 42.22 17.40
N VAL A 131 -17.79 41.95 17.97
CA VAL A 131 -17.34 42.71 19.13
C VAL A 131 -15.91 43.22 18.91
N THR A 132 -15.55 43.43 17.64
CA THR A 132 -14.22 43.77 17.17
C THR A 132 -13.75 45.10 17.80
N ALA A 133 -14.63 46.10 17.84
CA ALA A 133 -14.22 47.44 18.27
C ALA A 133 -13.95 47.44 19.77
N GLN A 134 -14.89 46.86 20.52
CA GLN A 134 -14.73 46.59 21.95
C GLN A 134 -13.43 45.85 22.23
N ALA A 135 -13.18 44.77 21.49
CA ALA A 135 -12.09 43.88 21.85
C ALA A 135 -10.77 44.62 21.72
N LYS A 136 -10.67 45.39 20.63
CA LYS A 136 -9.48 46.14 20.26
C LYS A 136 -9.24 47.27 21.26
N ALA A 137 -10.33 47.90 21.71
CA ALA A 137 -10.28 48.94 22.73
C ALA A 137 -9.75 48.38 24.05
N ALA A 138 -10.08 47.13 24.35
CA ALA A 138 -9.62 46.51 25.60
C ALA A 138 -8.13 46.19 25.50
N ILE A 139 -7.69 45.75 24.32
CA ILE A 139 -6.31 45.41 24.06
C ILE A 139 -5.45 46.69 24.06
N ALA A 140 -5.97 47.79 23.51
CA ALA A 140 -5.27 49.06 23.49
C ALA A 140 -5.15 49.63 24.89
N GLY A 141 -6.20 49.46 25.71
CA GLY A 141 -6.20 49.91 27.10
C GLY A 141 -5.07 49.31 27.96
N ALA A 142 -4.39 48.24 27.51
CA ALA A 142 -3.30 47.66 28.29
C ALA A 142 -1.95 48.26 27.89
N GLY A 143 -1.87 48.93 26.73
CA GLY A 143 -0.65 49.59 26.29
C GLY A 143 0.46 48.59 25.91
N ASN A 144 1.71 48.98 26.21
CA ASN A 144 2.93 48.24 25.97
C ASN A 144 2.90 46.79 26.44
N ASP A 145 2.53 46.54 27.70
CA ASP A 145 2.97 45.35 28.43
C ASP A 145 2.28 44.09 27.87
N PRO A 146 3.04 43.06 27.42
CA PRO A 146 2.45 41.84 26.87
C PRO A 146 1.50 41.07 27.80
N LEU A 147 1.90 40.85 29.06
CA LEU A 147 1.10 40.05 29.98
C LEU A 147 -0.26 40.76 30.20
N ALA A 148 -0.22 42.09 30.21
CA ALA A 148 -1.41 42.88 30.47
C ALA A 148 -2.36 42.76 29.28
N ARG A 149 -1.79 42.70 28.08
CA ARG A 149 -2.51 42.68 26.82
C ARG A 149 -3.31 41.38 26.74
N SER A 150 -2.71 40.31 27.28
CA SER A 150 -3.28 38.98 27.35
C SER A 150 -4.31 38.88 28.46
N ARG A 151 -4.05 39.54 29.61
CA ARG A 151 -4.99 39.59 30.73
C ARG A 151 -6.27 40.31 30.30
N ALA A 152 -6.08 41.45 29.62
CA ALA A 152 -7.16 42.33 29.22
C ALA A 152 -8.06 41.60 28.22
N LEU A 153 -7.47 40.87 27.26
CA LEU A 153 -8.31 40.14 26.33
C LEU A 153 -9.10 39.05 27.07
N ASP A 154 -8.43 38.41 28.04
CA ASP A 154 -9.02 37.34 28.82
C ASP A 154 -10.21 37.84 29.64
N ALA A 155 -10.08 39.01 30.29
CA ALA A 155 -11.13 39.59 31.09
C ALA A 155 -12.31 40.06 30.21
N PHE A 156 -12.02 40.52 28.99
CA PHE A 156 -13.04 40.85 28.01
C PHE A 156 -13.86 39.60 27.62
N ASP A 157 -13.17 38.50 27.35
CA ASP A 157 -13.81 37.25 27.02
C ASP A 157 -14.76 36.81 28.12
N LYS A 158 -14.25 36.77 29.36
CA LYS A 158 -15.01 36.29 30.50
C LYS A 158 -16.28 37.10 30.73
N ALA A 159 -16.14 38.42 30.56
CA ALA A 159 -17.22 39.36 30.85
C ALA A 159 -18.32 39.25 29.81
N GLN A 160 -17.93 39.12 28.52
CA GLN A 160 -18.85 38.95 27.41
C GLN A 160 -19.57 37.61 27.53
N VAL A 161 -18.83 36.59 27.97
CA VAL A 161 -19.39 35.27 28.19
C VAL A 161 -20.35 35.27 29.39
N ALA A 162 -20.03 35.98 30.48
CA ALA A 162 -20.92 36.02 31.63
C ALA A 162 -22.27 36.65 31.26
N ALA A 163 -22.25 37.71 30.47
CA ALA A 163 -23.48 38.49 30.23
C ALA A 163 -24.37 37.72 29.25
N CYS A 164 -23.73 37.11 28.26
CA CYS A 164 -24.37 36.26 27.27
C CYS A 164 -25.00 35.00 27.91
N GLU A 165 -24.36 34.42 28.94
CA GLU A 165 -24.79 33.16 29.54
C GLU A 165 -25.67 33.40 30.76
N ALA A 166 -26.12 34.65 30.98
CA ALA A 166 -26.99 34.95 32.10
C ALA A 166 -28.20 34.02 32.09
N ASP A 167 -28.89 33.96 30.94
CA ASP A 167 -30.02 33.05 30.74
C ASP A 167 -29.58 31.57 30.77
N ALA A 168 -30.41 30.75 31.41
CA ALA A 168 -30.15 29.32 31.56
C ALA A 168 -30.21 28.59 30.22
N GLY A 169 -29.27 27.64 30.03
CA GLY A 169 -29.27 26.74 28.89
C GLY A 169 -28.51 27.26 27.66
N PHE A 170 -27.89 28.45 27.80
CA PHE A 170 -26.98 29.00 26.80
C PHE A 170 -25.55 28.86 27.24
N ARG A 171 -24.71 28.51 26.28
CA ARG A 171 -23.27 28.60 26.43
C ARG A 171 -22.70 29.42 25.27
N CYS A 172 -21.84 30.40 25.58
CA CYS A 172 -21.34 31.34 24.59
C CYS A 172 -19.83 31.14 24.44
N ARG A 173 -19.32 31.53 23.26
CA ARG A 173 -17.89 31.44 22.96
C ARG A 173 -17.44 32.65 22.12
N LEU A 174 -16.21 33.10 22.39
CA LEU A 174 -15.65 34.20 21.61
C LEU A 174 -14.58 33.67 20.65
N TYR A 175 -14.64 34.13 19.40
CA TYR A 175 -13.77 33.65 18.34
C TYR A 175 -12.87 34.80 17.85
N SER A 176 -11.57 34.52 17.76
CA SER A 176 -10.61 35.38 17.09
C SER A 176 -10.50 34.98 15.62
N PHE A 177 -10.64 35.95 14.72
CA PHE A 177 -10.47 35.71 13.29
C PHE A 177 -9.28 36.50 12.76
N SER A 178 -8.67 35.96 11.70
CA SER A 178 -7.62 36.61 10.92
C SER A 178 -6.51 37.15 11.84
N GLY A 179 -6.11 36.36 12.83
CA GLY A 179 -5.00 36.70 13.70
C GLY A 179 -5.35 37.76 14.74
N GLY A 180 -6.63 38.15 14.82
CA GLY A 180 -7.07 39.19 15.75
C GLY A 180 -7.67 40.42 15.07
N ASN A 181 -7.88 40.39 13.75
CA ASN A 181 -8.48 41.54 13.08
C ASN A 181 -9.99 41.62 13.36
N THR A 182 -10.63 40.47 13.68
CA THR A 182 -12.06 40.36 13.90
C THR A 182 -12.30 39.44 15.10
N TYR A 183 -13.29 39.81 15.91
CA TYR A 183 -13.74 39.04 17.06
C TYR A 183 -15.26 38.92 16.97
N ARG A 184 -15.79 37.70 17.18
CA ARG A 184 -17.22 37.51 17.15
C ARG A 184 -17.60 36.55 18.27
N LEU A 185 -18.78 36.83 18.86
CA LEU A 185 -19.29 36.10 19.99
C LEU A 185 -20.46 35.23 19.55
N PHE A 186 -20.33 33.92 19.78
CA PHE A 186 -21.36 32.96 19.40
C PHE A 186 -22.15 32.65 20.65
N ARG A 187 -23.47 32.55 20.50
CA ARG A 187 -24.33 32.08 21.58
C ARG A 187 -25.03 30.83 21.11
N ASN A 188 -24.85 29.74 21.87
CA ASN A 188 -25.45 28.44 21.57
C ASN A 188 -26.32 27.98 22.74
N MET A 189 -27.39 27.24 22.43
CA MET A 189 -28.08 26.48 23.46
C MET A 189 -27.37 25.13 23.63
N GLU A 190 -26.99 24.81 24.86
CA GLU A 190 -26.11 23.69 25.14
C GLU A 190 -26.94 22.54 25.69
N ILE A 191 -27.20 21.57 24.82
CA ILE A 191 -27.94 20.39 25.21
C ILE A 191 -26.95 19.43 25.90
N LYS A 192 -27.27 19.00 27.13
CA LYS A 192 -26.36 18.22 27.96
C LYS A 192 -26.78 16.74 28.06
N ASP A 193 -27.96 16.34 27.58
CA ASP A 193 -28.42 14.97 27.64
C ASP A 193 -28.58 14.41 26.23
N VAL A 194 -27.55 13.67 25.78
CA VAL A 194 -27.47 13.15 24.43
C VAL A 194 -27.39 11.63 24.56
N ARG A 195 -28.09 10.91 23.66
CA ARG A 195 -28.27 9.47 23.76
C ARG A 195 -28.12 8.81 22.39
N LEU A 196 -27.55 7.62 22.42
CA LEU A 196 -27.28 6.88 21.21
C LEU A 196 -28.54 6.12 20.81
N VAL A 197 -28.83 6.14 19.49
CA VAL A 197 -30.00 5.52 18.91
C VAL A 197 -29.56 4.39 17.97
N TYR A 198 -28.52 4.65 17.17
CA TYR A 198 -28.11 3.67 16.18
C TYR A 198 -26.64 3.82 15.80
N ALA A 199 -25.95 2.69 15.78
CA ALA A 199 -24.60 2.59 15.24
C ALA A 199 -24.58 1.35 14.37
N PRO A 200 -24.08 1.40 13.11
CA PRO A 200 -23.91 0.19 12.33
C PRO A 200 -22.75 -0.59 12.95
N PRO A 201 -22.60 -1.89 12.58
CA PRO A 201 -21.45 -2.68 12.99
C PRO A 201 -20.17 -1.92 12.67
N GLY A 202 -19.09 -2.22 13.38
CA GLY A 202 -17.80 -1.62 13.09
C GLY A 202 -17.23 -1.99 11.72
N SER A 203 -17.58 -3.18 11.21
CA SER A 203 -17.18 -3.60 9.88
C SER A 203 -17.83 -2.75 8.78
N VAL A 204 -18.91 -2.02 9.10
CA VAL A 204 -19.50 -1.10 8.13
C VAL A 204 -19.05 0.31 8.42
N GLY A 205 -19.15 0.74 9.69
CA GLY A 205 -18.85 2.12 10.06
C GLY A 205 -17.37 2.48 9.89
N LYS A 206 -16.52 1.47 9.97
CA LYS A 206 -15.06 1.64 9.98
C LYS A 206 -14.44 0.67 8.97
N PHE A 207 -15.16 0.40 7.88
CA PHE A 207 -14.67 -0.54 6.91
C PHE A 207 -13.33 -0.06 6.37
N GLY A 208 -12.37 -1.00 6.33
CA GLY A 208 -11.06 -0.77 5.78
C GLY A 208 -10.11 -0.14 6.81
N GLY A 209 -10.64 0.28 7.95
CA GLY A 209 -9.83 0.61 9.11
C GLY A 209 -8.72 1.57 8.72
N ASP A 210 -7.51 1.25 9.17
CA ASP A 210 -6.36 2.16 9.09
C ASP A 210 -5.69 2.04 7.72
N VAL A 211 -5.96 0.95 7.00
CA VAL A 211 -5.47 0.77 5.64
C VAL A 211 -6.08 1.81 4.71
N ASP A 212 -7.42 1.97 4.74
CA ASP A 212 -8.14 2.83 3.81
C ASP A 212 -8.25 4.27 4.31
N ASN A 213 -7.85 4.54 5.55
CA ASN A 213 -7.95 5.87 6.11
C ASN A 213 -7.19 6.84 5.21
N TRP A 214 -7.71 8.06 5.04
CA TRP A 214 -7.13 9.06 4.15
C TRP A 214 -6.95 8.52 2.72
N MET A 215 -7.81 7.60 2.28
CA MET A 215 -7.64 7.00 0.96
C MET A 215 -8.95 6.98 0.18
N TRP A 216 -8.79 7.26 -1.13
CA TRP A 216 -9.76 6.90 -2.14
C TRP A 216 -9.08 5.94 -3.10
N PRO A 217 -9.77 4.91 -3.65
CA PRO A 217 -11.18 4.59 -3.36
C PRO A 217 -11.57 4.16 -1.94
N ARG A 218 -12.80 4.51 -1.55
CA ARG A 218 -13.26 4.33 -0.19
C ARG A 218 -14.67 3.74 -0.20
N HIS A 219 -14.96 2.90 0.81
CA HIS A 219 -16.17 2.10 0.85
C HIS A 219 -16.67 1.97 2.29
N THR A 220 -16.68 3.10 3.02
CA THR A 220 -16.91 3.15 4.45
C THR A 220 -18.29 3.72 4.79
N GLY A 221 -19.05 3.01 5.63
CA GLY A 221 -20.36 3.46 6.07
C GLY A 221 -20.31 4.31 7.33
N ASP A 222 -19.60 5.45 7.27
CA ASP A 222 -19.29 6.23 8.47
C ASP A 222 -20.48 7.15 8.79
N PHE A 223 -21.46 6.56 9.51
CA PHE A 223 -22.59 7.28 10.06
C PHE A 223 -23.05 6.61 11.36
N SER A 224 -23.78 7.41 12.17
CA SER A 224 -24.44 7.00 13.41
C SER A 224 -25.48 8.06 13.82
N PHE A 225 -26.44 7.67 14.70
CA PHE A 225 -27.50 8.58 15.12
C PHE A 225 -27.51 8.75 16.65
N TYR A 226 -27.78 10.00 17.07
CA TYR A 226 -28.02 10.39 18.44
C TYR A 226 -29.45 10.91 18.57
N ARG A 227 -29.89 11.16 19.81
CA ARG A 227 -31.09 11.95 20.10
C ARG A 227 -30.81 12.92 21.26
N ALA A 228 -31.25 14.16 21.04
CA ALA A 228 -31.11 15.26 21.97
C ALA A 228 -32.32 15.23 22.91
N TYR A 229 -32.08 15.30 24.22
CA TYR A 229 -33.12 15.40 25.24
C TYR A 229 -32.95 16.71 26.01
N VAL A 230 -34.06 17.18 26.60
CA VAL A 230 -34.10 18.28 27.55
C VAL A 230 -34.94 17.84 28.74
N GLY A 231 -35.03 18.68 29.78
CA GLY A 231 -35.91 18.43 30.93
C GLY A 231 -37.39 18.61 30.59
N LYS A 232 -38.29 18.05 31.43
CA LYS A 232 -39.74 18.29 31.36
C LYS A 232 -40.11 19.77 31.19
N ASP A 233 -39.27 20.67 31.72
CA ASP A 233 -39.53 22.09 31.75
C ASP A 233 -39.02 22.76 30.47
N GLY A 234 -38.22 22.04 29.67
CA GLY A 234 -37.80 22.54 28.38
C GLY A 234 -36.35 23.00 28.36
N LYS A 235 -35.70 23.07 29.53
CA LYS A 235 -34.32 23.57 29.61
C LYS A 235 -33.34 22.41 29.53
N PRO A 236 -32.11 22.61 29.05
CA PRO A 236 -31.12 21.54 29.09
C PRO A 236 -30.96 21.11 30.53
N ALA A 237 -30.83 19.80 30.71
CA ALA A 237 -30.58 19.15 31.99
C ALA A 237 -29.63 17.98 31.73
N ALA A 238 -28.78 17.68 32.71
CA ALA A 238 -28.09 16.40 32.74
C ALA A 238 -29.10 15.25 32.59
N PHE A 239 -28.58 14.06 32.26
CA PHE A 239 -29.34 12.84 32.13
C PHE A 239 -30.32 12.66 33.30
N ALA A 240 -31.48 12.10 32.97
CA ALA A 240 -32.55 11.86 33.91
C ALA A 240 -33.62 11.02 33.21
N ALA A 241 -34.17 10.02 33.92
CA ALA A 241 -35.08 9.06 33.31
C ALA A 241 -36.36 9.73 32.79
N ASP A 242 -36.69 10.91 33.31
CA ASP A 242 -37.93 11.60 33.00
C ASP A 242 -37.65 12.76 32.04
N ASN A 243 -36.42 12.82 31.51
CA ASN A 243 -36.12 13.75 30.45
C ASN A 243 -36.93 13.35 29.21
N VAL A 244 -37.11 14.34 28.30
CA VAL A 244 -37.90 14.16 27.09
C VAL A 244 -37.12 14.67 25.88
N PRO A 245 -37.46 14.13 24.69
CA PRO A 245 -36.85 14.58 23.44
C PRO A 245 -36.97 16.08 23.23
N TYR A 246 -35.90 16.67 22.71
CA TYR A 246 -35.87 18.06 22.28
C TYR A 246 -36.59 18.17 20.95
N GLN A 247 -37.27 19.32 20.73
CA GLN A 247 -38.08 19.51 19.53
C GLN A 247 -37.45 20.66 18.75
N PRO A 248 -36.58 20.37 17.75
CA PRO A 248 -35.94 21.42 16.96
C PRO A 248 -36.88 22.22 16.04
N LYS A 249 -36.66 23.54 15.98
CA LYS A 249 -37.23 24.44 14.97
C LYS A 249 -37.14 23.84 13.57
N HIS A 250 -35.93 23.36 13.22
CA HIS A 250 -35.57 23.00 11.86
C HIS A 250 -34.73 21.72 11.84
N PHE A 251 -34.88 20.95 10.75
CA PHE A 251 -34.21 19.68 10.55
C PHE A 251 -34.08 19.40 9.05
N LEU A 252 -33.04 18.67 8.64
CA LEU A 252 -32.85 18.38 7.23
C LEU A 252 -33.74 17.22 6.78
N LYS A 253 -34.01 17.19 5.47
CA LYS A 253 -34.68 16.05 4.86
C LYS A 253 -33.68 15.37 3.94
N PHE A 254 -33.78 14.05 3.86
CA PHE A 254 -33.08 13.29 2.87
C PHE A 254 -33.59 13.67 1.48
N ALA A 255 -32.65 13.64 0.52
CA ALA A 255 -32.86 14.08 -0.84
C ALA A 255 -33.69 13.06 -1.63
N ASP A 256 -34.60 13.54 -2.47
CA ASP A 256 -35.35 12.68 -3.39
C ASP A 256 -34.72 12.70 -4.79
N GLN A 257 -33.83 13.68 -5.06
CA GLN A 257 -33.14 13.77 -6.34
C GLN A 257 -31.84 12.98 -6.30
N PRO A 258 -31.67 11.95 -7.18
CA PRO A 258 -30.39 11.23 -7.28
C PRO A 258 -29.20 12.14 -7.62
N LEU A 259 -28.14 12.00 -6.81
CA LEU A 259 -26.93 12.79 -6.94
C LEU A 259 -25.99 12.13 -7.92
N GLY A 260 -25.63 12.87 -8.98
CA GLY A 260 -24.71 12.40 -10.01
C GLY A 260 -23.50 13.31 -10.12
N ALA A 261 -22.54 12.90 -10.97
CA ALA A 261 -21.30 13.63 -11.22
C ALA A 261 -21.59 15.03 -11.74
N ASP A 262 -20.83 16.01 -11.24
CA ASP A 262 -20.91 17.42 -11.63
C ASP A 262 -22.02 18.16 -10.88
N ASP A 263 -22.87 17.44 -10.14
CA ASP A 263 -23.92 18.07 -9.36
C ASP A 263 -23.29 18.95 -8.27
N PHE A 264 -23.95 20.10 -8.06
CA PHE A 264 -23.61 21.03 -7.02
C PHE A 264 -23.69 20.36 -5.64
N VAL A 265 -22.73 20.67 -4.75
CA VAL A 265 -22.84 20.29 -3.35
C VAL A 265 -22.24 21.38 -2.45
N MET A 266 -22.74 21.43 -1.21
CA MET A 266 -22.19 22.29 -0.18
C MET A 266 -22.25 21.64 1.20
N VAL A 267 -21.36 22.15 2.05
CA VAL A 267 -21.22 21.71 3.42
C VAL A 267 -21.24 22.96 4.30
N ALA A 268 -21.87 22.82 5.47
CA ALA A 268 -21.73 23.77 6.54
C ALA A 268 -21.24 23.00 7.76
N GLY A 269 -20.41 23.65 8.57
CA GLY A 269 -19.79 22.93 9.67
C GLY A 269 -18.76 23.78 10.39
N TYR A 270 -18.00 23.08 11.24
CA TYR A 270 -17.18 23.70 12.25
C TYR A 270 -15.78 23.14 12.08
N PRO A 271 -15.08 23.54 11.00
CA PRO A 271 -13.67 23.20 10.81
C PRO A 271 -12.86 23.80 11.96
N GLY A 272 -11.86 23.00 12.39
CA GLY A 272 -11.06 23.28 13.57
C GLY A 272 -9.97 24.30 13.32
N ARG A 273 -8.88 23.85 12.66
CA ARG A 273 -7.71 24.69 12.54
C ARG A 273 -7.10 24.51 11.14
N THR A 274 -6.76 25.63 10.47
CA THR A 274 -5.90 25.59 9.29
C THR A 274 -4.75 26.58 9.51
N ASN A 275 -3.65 26.42 8.76
CA ASN A 275 -2.43 27.18 8.99
C ASN A 275 -1.89 27.74 7.67
N ARG A 276 -2.81 28.19 6.80
CA ARG A 276 -2.49 28.63 5.44
C ARG A 276 -1.80 29.99 5.40
N TYR A 277 -1.89 30.77 6.48
CA TYR A 277 -1.25 32.08 6.54
C TYR A 277 -0.04 32.04 7.49
N ALA A 278 0.51 30.84 7.73
CA ALA A 278 1.61 30.71 8.69
C ALA A 278 2.93 31.15 8.04
N LEU A 279 3.91 31.47 8.91
CA LEU A 279 5.26 31.80 8.47
C LEU A 279 5.90 30.54 7.90
N ALA A 280 6.79 30.74 6.91
CA ALA A 280 7.61 29.67 6.34
C ALA A 280 8.41 28.96 7.43
N GLY A 281 8.77 29.70 8.50
CA GLY A 281 9.52 29.14 9.63
C GLY A 281 8.68 28.20 10.49
N GLU A 282 7.43 28.60 10.79
CA GLU A 282 6.48 27.79 11.53
C GLU A 282 6.26 26.47 10.81
N PHE A 283 6.05 26.55 9.50
CA PHE A 283 5.87 25.38 8.66
C PHE A 283 7.10 24.48 8.74
N ASN A 284 8.30 25.09 8.82
CA ASN A 284 9.52 24.33 8.69
C ASN A 284 9.79 23.58 9.99
N GLU A 285 9.49 24.20 11.14
CA GLU A 285 9.65 23.50 12.41
C GLU A 285 8.65 22.35 12.54
N THR A 286 7.42 22.57 12.05
CA THR A 286 6.37 21.55 12.03
C THR A 286 6.78 20.38 11.14
N ALA A 287 7.29 20.67 9.95
CA ALA A 287 7.56 19.64 8.95
C ALA A 287 8.74 18.73 9.35
N SER A 288 9.75 19.27 10.04
CA SER A 288 11.00 18.54 10.21
C SER A 288 11.19 18.06 11.65
N PHE A 289 10.40 18.59 12.62
CA PHE A 289 10.38 18.06 13.98
C PHE A 289 9.06 17.38 14.34
N THR A 290 7.95 18.14 14.30
CA THR A 290 6.74 17.68 14.98
C THR A 290 6.20 16.42 14.31
N TYR A 291 5.89 16.49 13.01
CA TYR A 291 5.18 15.40 12.34
C TYR A 291 5.97 14.10 12.39
N PRO A 292 7.29 14.08 12.07
CA PRO A 292 8.05 12.82 12.13
C PRO A 292 8.18 12.27 13.56
N THR A 293 8.36 13.16 14.54
CA THR A 293 8.60 12.73 15.92
C THR A 293 7.37 12.05 16.49
N ILE A 294 6.26 12.81 16.47
CA ILE A 294 4.96 12.34 16.93
C ILE A 294 4.56 11.03 16.24
N ALA A 295 4.58 11.00 14.90
CA ALA A 295 4.25 9.79 14.15
C ALA A 295 5.11 8.60 14.60
N LYS A 296 6.40 8.83 14.84
CA LYS A 296 7.29 7.75 15.23
C LYS A 296 6.85 7.16 16.58
N HIS A 297 6.72 8.01 17.61
CA HIS A 297 6.36 7.57 18.96
C HIS A 297 4.94 7.01 19.05
N TYR A 298 3.99 7.63 18.35
CA TYR A 298 2.64 7.08 18.29
C TYR A 298 2.69 5.64 17.80
N ASN A 299 3.50 5.35 16.79
CA ASN A 299 3.49 3.99 16.23
C ASN A 299 4.07 3.00 17.23
N ALA A 300 4.94 3.45 18.14
CA ALA A 300 5.43 2.61 19.23
C ALA A 300 4.33 2.39 20.28
N VAL A 301 3.70 3.47 20.75
CA VAL A 301 2.66 3.31 21.74
C VAL A 301 1.55 2.42 21.17
N LEU A 302 1.16 2.61 19.91
CA LEU A 302 0.11 1.79 19.33
C LEU A 302 0.50 0.31 19.33
N LYS A 303 1.77 -0.01 19.12
CA LYS A 303 2.20 -1.40 19.06
C LYS A 303 1.99 -2.05 20.44
N MET A 304 2.25 -1.26 21.48
CA MET A 304 2.17 -1.65 22.87
C MET A 304 0.73 -1.86 23.31
N ILE A 305 -0.18 -0.94 22.95
CA ILE A 305 -1.62 -1.11 23.21
C ILE A 305 -2.18 -2.31 22.44
N ALA A 306 -1.92 -2.44 21.14
CA ALA A 306 -2.39 -3.61 20.42
C ALA A 306 -1.96 -4.88 21.16
N ASP A 307 -0.70 -4.93 21.63
CA ASP A 307 -0.12 -6.13 22.24
C ASP A 307 -0.78 -6.43 23.59
N ALA A 308 -0.99 -5.39 24.43
CA ALA A 308 -1.71 -5.55 25.69
C ALA A 308 -3.14 -5.99 25.43
N GLY A 309 -3.75 -5.47 24.37
CA GLY A 309 -5.16 -5.69 24.05
C GLY A 309 -5.46 -7.14 23.71
N LYS A 310 -4.44 -7.90 23.32
CA LYS A 310 -4.62 -9.31 22.98
C LYS A 310 -4.53 -10.20 24.22
N ALA A 311 -3.91 -9.66 25.28
CA ALA A 311 -3.71 -10.34 26.57
C ALA A 311 -4.98 -10.24 27.44
N ASP A 312 -5.70 -9.13 27.28
CA ASP A 312 -6.92 -8.83 28.01
C ASP A 312 -7.77 -7.90 27.14
N ALA A 313 -8.95 -8.39 26.75
CA ALA A 313 -9.90 -7.67 25.90
C ALA A 313 -10.57 -6.48 26.61
N ASP A 314 -10.52 -6.40 27.94
CA ASP A 314 -10.96 -5.18 28.62
C ASP A 314 -10.02 -4.01 28.26
N VAL A 315 -8.72 -4.28 28.14
CA VAL A 315 -7.77 -3.25 27.74
C VAL A 315 -8.09 -2.75 26.32
N LYS A 316 -8.29 -3.70 25.39
CA LYS A 316 -8.67 -3.39 24.02
C LYS A 316 -9.86 -2.42 23.98
N VAL A 317 -10.87 -2.65 24.82
CA VAL A 317 -12.06 -1.82 24.75
C VAL A 317 -11.87 -0.48 25.49
N LYS A 318 -11.14 -0.48 26.61
CA LYS A 318 -11.04 0.76 27.37
C LYS A 318 -10.13 1.75 26.64
N TYR A 319 -9.18 1.25 25.83
CA TYR A 319 -8.23 2.12 25.17
C TYR A 319 -8.52 2.25 23.68
N ALA A 320 -9.70 1.82 23.21
CA ALA A 320 -10.01 1.84 21.78
C ALA A 320 -10.24 3.24 21.21
N ALA A 321 -10.73 4.19 21.99
CA ALA A 321 -10.87 5.56 21.51
C ALA A 321 -9.50 6.23 21.34
N THR A 322 -8.57 5.97 22.27
CA THR A 322 -7.22 6.51 22.22
C THR A 322 -6.51 5.97 20.97
N ALA A 323 -6.67 4.67 20.74
CA ALA A 323 -5.97 3.99 19.69
C ALA A 323 -6.46 4.48 18.34
N ALA A 324 -7.77 4.54 18.16
CA ALA A 324 -8.37 5.01 16.91
C ALA A 324 -7.87 6.41 16.57
N SER A 325 -7.85 7.26 17.59
CA SER A 325 -7.48 8.66 17.42
C SER A 325 -5.98 8.81 17.16
N MET A 326 -5.13 7.98 17.78
CA MET A 326 -3.68 8.06 17.57
C MET A 326 -3.29 7.57 16.17
N ASN A 327 -3.89 6.45 15.72
CA ASN A 327 -3.75 5.95 14.37
C ASN A 327 -4.04 7.04 13.32
N ASN A 328 -5.12 7.78 13.56
CA ASN A 328 -5.59 8.74 12.60
C ASN A 328 -4.53 9.84 12.51
N VAL A 329 -4.15 10.42 13.65
CA VAL A 329 -3.10 11.43 13.71
C VAL A 329 -1.79 10.96 13.09
N ALA A 330 -1.29 9.78 13.48
CA ALA A 330 0.01 9.34 12.99
C ALA A 330 0.00 9.20 11.47
N LYS A 331 -1.03 8.54 10.93
CA LYS A 331 -1.13 8.36 9.48
C LYS A 331 -1.26 9.72 8.78
N ASN A 332 -1.96 10.67 9.42
CA ASN A 332 -2.19 11.97 8.84
C ASN A 332 -0.84 12.65 8.65
N TYR A 333 0.02 12.55 9.68
CA TYR A 333 1.30 13.22 9.66
C TYR A 333 2.20 12.62 8.57
N LEU A 334 2.17 11.30 8.36
CA LEU A 334 2.98 10.70 7.30
C LEU A 334 2.51 11.19 5.92
N GLY A 335 1.19 11.34 5.76
CA GLY A 335 0.61 11.88 4.54
C GLY A 335 0.93 13.35 4.29
N GLN A 336 1.12 14.17 5.34
CA GLN A 336 1.45 15.59 5.15
C GLN A 336 2.91 15.75 4.70
N LEU A 337 3.84 15.00 5.33
CA LEU A 337 5.24 14.98 4.93
C LEU A 337 5.37 14.76 3.42
N GLU A 338 4.70 13.72 2.92
CA GLU A 338 4.75 13.35 1.52
C GLU A 338 4.01 14.38 0.65
N GLY A 339 2.86 14.86 1.11
CA GLY A 339 2.19 15.99 0.51
C GLY A 339 3.15 17.16 0.28
N PHE A 340 4.05 17.42 1.25
CA PHE A 340 5.00 18.52 1.12
C PHE A 340 6.05 18.29 0.02
N LYS A 341 6.50 17.04 -0.21
CA LYS A 341 7.40 16.75 -1.33
C LYS A 341 6.65 16.87 -2.67
N ARG A 342 5.39 16.39 -2.72
CA ARG A 342 4.61 16.42 -3.95
C ARG A 342 4.54 17.84 -4.52
N ILE A 343 4.42 18.87 -3.66
CA ILE A 343 4.22 20.24 -4.16
C ILE A 343 5.33 21.19 -3.69
N ASP A 344 6.37 20.70 -3.00
CA ASP A 344 7.44 21.57 -2.52
C ASP A 344 6.84 22.78 -1.81
N ALA A 345 6.26 22.54 -0.64
CA ALA A 345 5.61 23.60 0.12
C ALA A 345 6.65 24.47 0.84
N ALA A 346 7.88 23.96 1.00
CA ALA A 346 8.97 24.76 1.56
C ALA A 346 9.32 25.91 0.61
N GLY A 347 9.32 25.61 -0.70
CA GLY A 347 9.50 26.61 -1.75
C GLY A 347 8.37 27.63 -1.81
N GLN A 348 7.12 27.18 -1.81
CA GLN A 348 6.01 28.08 -2.13
C GLN A 348 5.82 29.10 -1.01
N LYS A 349 5.94 28.59 0.22
CA LYS A 349 5.92 29.39 1.43
C LYS A 349 7.03 30.43 1.37
N GLN A 350 8.25 30.00 1.02
CA GLN A 350 9.42 30.86 0.95
C GLN A 350 9.20 31.98 -0.06
N ALA A 351 8.68 31.59 -1.23
CA ALA A 351 8.46 32.51 -2.33
C ALA A 351 7.37 33.52 -1.96
N GLU A 352 6.19 33.05 -1.58
CA GLU A 352 5.10 33.93 -1.20
C GLU A 352 5.52 34.83 -0.02
N GLU A 353 6.32 34.32 0.92
CA GLU A 353 6.72 35.12 2.07
C GLU A 353 7.66 36.26 1.65
N ALA A 354 8.60 35.94 0.75
CA ALA A 354 9.54 36.93 0.24
C ALA A 354 8.82 37.85 -0.76
N ALA A 355 7.73 37.37 -1.36
CA ALA A 355 6.99 38.16 -2.33
C ALA A 355 6.25 39.29 -1.62
N VAL A 356 5.86 39.02 -0.36
CA VAL A 356 5.05 39.94 0.42
C VAL A 356 5.95 41.01 1.04
N LEU A 357 7.02 40.55 1.68
CA LEU A 357 8.05 41.42 2.25
C LEU A 357 8.56 42.43 1.22
N ALA A 358 8.45 42.10 -0.08
CA ALA A 358 8.83 43.00 -1.15
C ALA A 358 7.72 44.02 -1.40
N TRP A 359 6.50 43.53 -1.67
CA TRP A 359 5.34 44.40 -1.87
C TRP A 359 5.22 45.47 -0.78
N LEU A 360 5.54 45.10 0.46
CA LEU A 360 5.51 46.01 1.60
C LEU A 360 6.62 47.06 1.47
N LYS A 361 7.81 46.62 1.03
CA LYS A 361 8.97 47.50 0.84
C LYS A 361 8.62 48.66 -0.09
N LYS A 362 7.70 48.40 -1.05
CA LYS A 362 7.31 49.35 -2.07
C LYS A 362 6.40 50.45 -1.53
N GLN A 363 5.57 50.12 -0.52
CA GLN A 363 4.43 50.95 -0.14
C GLN A 363 4.90 52.24 0.52
N GLY A 364 4.06 53.29 0.43
CA GLY A 364 4.46 54.66 0.74
C GLY A 364 4.55 54.96 2.22
N ALA A 365 5.48 54.28 2.92
CA ALA A 365 5.75 54.42 4.35
C ALA A 365 4.66 53.76 5.22
N ALA A 366 3.49 53.48 4.62
CA ALA A 366 2.37 52.86 5.33
C ALA A 366 2.60 51.34 5.48
N GLY A 367 3.53 50.77 4.70
CA GLY A 367 3.84 49.36 4.77
C GLY A 367 4.92 49.00 5.80
N LYS A 368 5.51 50.02 6.45
CA LYS A 368 6.63 49.79 7.36
C LYS A 368 6.20 49.12 8.67
N PRO A 369 5.02 49.45 9.27
CA PRO A 369 4.56 48.83 10.52
C PRO A 369 4.35 47.32 10.46
N ALA A 370 4.00 46.78 9.28
CA ALA A 370 3.77 45.36 9.09
C ALA A 370 5.09 44.59 8.95
N LEU A 371 6.13 45.27 8.46
CA LEU A 371 7.48 44.72 8.38
C LEU A 371 8.05 44.48 9.78
N ALA A 372 7.80 45.45 10.68
CA ALA A 372 8.20 45.33 12.08
C ALA A 372 7.49 44.15 12.75
N ALA A 373 6.23 43.94 12.37
CA ALA A 373 5.42 42.84 12.88
C ALA A 373 6.03 41.49 12.46
N HIS A 374 6.37 41.34 11.17
CA HIS A 374 7.02 40.14 10.67
C HIS A 374 8.23 39.81 11.54
N ALA A 375 9.08 40.82 11.80
CA ALA A 375 10.24 40.72 12.68
C ALA A 375 9.90 40.03 14.00
N GLN A 376 8.95 40.59 14.75
CA GLN A 376 8.55 40.04 16.04
C GLN A 376 8.15 38.58 15.90
N LEU A 377 7.36 38.25 14.87
CA LEU A 377 6.81 36.90 14.72
C LEU A 377 7.92 35.88 14.47
N LEU A 378 8.93 36.26 13.67
CA LEU A 378 10.11 35.43 13.44
C LEU A 378 10.74 35.01 14.78
N LYS A 379 10.99 36.00 15.65
CA LYS A 379 11.72 35.86 16.90
C LYS A 379 11.05 34.83 17.83
N HIS A 380 9.74 34.59 17.66
CA HIS A 380 9.03 33.61 18.49
C HIS A 380 9.52 32.18 18.26
N LEU A 381 9.99 31.86 17.05
CA LEU A 381 10.11 30.47 16.61
C LEU A 381 11.34 29.77 17.19
N ASP A 382 12.41 30.53 17.49
CA ASP A 382 13.72 29.93 17.78
C ASP A 382 13.80 29.27 19.16
N THR A 383 12.88 29.60 20.08
CA THR A 383 12.99 29.22 21.49
C THR A 383 13.55 27.81 21.63
N SER A 384 12.79 26.83 21.12
CA SER A 384 13.07 25.42 21.36
C SER A 384 13.86 24.84 20.19
N LYS A 385 15.06 24.34 20.49
CA LYS A 385 15.79 23.44 19.61
C LYS A 385 16.22 22.20 20.41
N SER A 386 16.81 22.47 21.58
CA SER A 386 17.38 21.44 22.46
C SER A 386 16.31 20.83 23.38
N THR A 387 15.26 21.60 23.70
CA THR A 387 14.33 21.21 24.76
C THR A 387 13.04 20.56 24.22
N ARG A 388 12.97 20.19 22.93
CA ARG A 388 11.66 19.92 22.36
C ARG A 388 11.30 18.43 22.41
N GLU A 389 12.29 17.52 22.34
CA GLU A 389 12.06 16.13 22.70
C GLU A 389 11.65 16.01 24.17
N ARG A 390 12.43 16.62 25.08
CA ARG A 390 12.15 16.64 26.51
C ARG A 390 10.72 17.07 26.80
N ASP A 391 10.26 18.17 26.19
CA ASP A 391 8.97 18.78 26.47
C ASP A 391 7.83 17.88 26.03
N LEU A 392 8.01 17.22 24.89
CA LEU A 392 7.04 16.23 24.44
C LEU A 392 6.93 15.12 25.49
N PHE A 393 8.10 14.59 25.89
CA PHE A 393 8.18 13.38 26.69
C PHE A 393 7.59 13.67 28.08
N VAL A 394 7.99 14.80 28.65
CA VAL A 394 7.44 15.26 29.92
C VAL A 394 5.94 15.56 29.76
N GLY A 395 5.58 16.42 28.80
CA GLY A 395 4.19 16.65 28.47
C GLY A 395 3.35 15.37 28.41
N GLN A 396 3.84 14.31 27.74
CA GLN A 396 3.08 13.09 27.53
C GLN A 396 2.96 12.27 28.81
N PHE A 397 4.02 12.25 29.62
CA PHE A 397 4.01 11.59 30.91
C PHE A 397 3.03 12.28 31.86
N ASN A 398 3.04 13.62 31.86
CA ASN A 398 2.10 14.38 32.67
C ASN A 398 0.66 14.24 32.19
N ASN A 399 0.45 13.66 30.99
CA ASN A 399 -0.89 13.49 30.43
C ASN A 399 -1.34 12.04 30.43
N THR A 400 -0.55 11.13 31.01
CA THR A 400 -1.09 9.81 31.36
C THR A 400 -2.17 9.98 32.43
N SER A 401 -3.00 8.94 32.63
CA SER A 401 -4.29 9.09 33.30
C SER A 401 -4.15 9.58 34.74
N ALA A 402 -3.42 8.83 35.60
CA ALA A 402 -3.49 9.09 37.04
C ALA A 402 -2.73 10.36 37.37
N VAL A 403 -1.63 10.60 36.66
CA VAL A 403 -0.84 11.80 36.90
C VAL A 403 -1.58 13.02 36.37
N GLY A 404 -2.31 12.86 35.25
CA GLY A 404 -3.08 13.94 34.64
C GLY A 404 -4.31 14.31 35.48
N ALA A 405 -4.98 13.31 36.02
CA ALA A 405 -6.08 13.60 36.94
C ALA A 405 -5.56 14.38 38.16
N ALA A 406 -4.43 13.93 38.72
CA ALA A 406 -3.87 14.50 39.94
C ALA A 406 -3.60 15.98 39.74
N ILE A 407 -3.10 16.32 38.54
CA ILE A 407 -2.76 17.69 38.16
C ILE A 407 -4.02 18.53 38.02
N THR A 408 -4.99 18.03 37.24
CA THR A 408 -6.23 18.76 37.02
C THR A 408 -6.84 19.12 38.37
N LEU A 409 -6.98 18.08 39.21
CA LEU A 409 -7.59 18.19 40.53
C LEU A 409 -6.85 19.21 41.39
N TYR A 410 -5.52 19.08 41.50
CA TYR A 410 -4.77 20.01 42.30
C TYR A 410 -4.88 21.43 41.73
N ARG A 411 -4.93 21.58 40.39
CA ARG A 411 -5.03 22.92 39.80
C ARG A 411 -6.33 23.57 40.25
N LEU A 412 -7.43 22.84 40.10
CA LEU A 412 -8.75 23.36 40.46
C LEU A 412 -8.78 23.89 41.91
N SER A 413 -8.16 23.14 42.84
CA SER A 413 -8.16 23.49 44.25
C SER A 413 -7.47 24.84 44.49
N ILE A 414 -6.46 25.16 43.66
CA ILE A 414 -5.82 26.46 43.71
C ILE A 414 -6.74 27.51 43.11
N GLU A 415 -7.41 27.16 42.00
CA GLU A 415 -8.22 28.13 41.30
C GLU A 415 -9.46 28.44 42.13
N ARG A 416 -9.87 27.48 42.98
CA ARG A 416 -10.99 27.67 43.89
C ARG A 416 -10.68 28.69 45.00
N SER A 417 -9.40 28.89 45.34
CA SER A 417 -8.97 29.99 46.19
C SER A 417 -9.55 31.31 45.66
N LYS A 418 -9.43 31.56 44.36
CA LYS A 418 -9.65 32.87 43.79
C LYS A 418 -11.16 33.11 43.61
N PRO A 419 -11.61 34.38 43.51
CA PRO A 419 -12.96 34.65 43.00
C PRO A 419 -13.11 34.24 41.53
N ASP A 420 -14.35 33.98 41.12
CA ASP A 420 -14.61 33.23 39.90
C ASP A 420 -14.08 33.95 38.66
N ALA A 421 -14.26 35.28 38.61
CA ALA A 421 -13.87 36.06 37.45
C ALA A 421 -12.37 35.95 37.18
N GLU A 422 -11.57 35.56 38.19
CA GLU A 422 -10.11 35.53 38.05
C GLU A 422 -9.54 34.12 37.93
N ARG A 423 -10.41 33.12 37.90
CA ARG A 423 -9.97 31.76 37.61
C ARG A 423 -9.56 31.65 36.14
N GLU A 424 -8.58 30.76 35.89
CA GLU A 424 -8.14 30.35 34.57
C GLU A 424 -9.35 29.80 33.82
N ALA A 425 -9.54 30.24 32.57
CA ALA A 425 -10.40 29.50 31.65
C ALA A 425 -10.08 28.00 31.74
N GLY A 426 -11.13 27.18 31.84
CA GLY A 426 -10.95 25.76 32.13
C GLY A 426 -11.43 25.39 33.52
N TYR A 427 -11.27 26.32 34.50
CA TYR A 427 -11.43 26.06 35.92
C TYR A 427 -12.40 27.03 36.61
N GLN A 428 -13.25 27.73 35.85
CA GLN A 428 -14.33 28.52 36.43
C GLN A 428 -15.52 27.63 36.80
N GLU A 429 -16.51 28.23 37.50
CA GLU A 429 -17.72 27.58 37.96
C GLU A 429 -18.42 26.92 36.78
N ARG A 430 -18.44 27.64 35.65
CA ARG A 430 -19.16 27.25 34.47
C ARG A 430 -18.51 26.01 33.81
N ASP A 431 -17.35 25.59 34.33
CA ASP A 431 -16.52 24.52 33.80
C ASP A 431 -16.50 23.26 34.67
N LEU A 432 -17.17 23.28 35.84
CA LEU A 432 -17.01 22.27 36.90
C LEU A 432 -17.68 20.97 36.48
N THR A 433 -18.90 21.13 35.99
CA THR A 433 -19.69 20.12 35.31
C THR A 433 -18.83 19.24 34.41
N THR A 434 -17.95 19.88 33.61
CA THR A 434 -17.22 19.25 32.51
C THR A 434 -16.02 18.48 33.05
N ILE A 435 -15.36 19.08 34.05
CA ILE A 435 -14.24 18.46 34.73
C ILE A 435 -14.72 17.20 35.44
N GLU A 436 -15.84 17.34 36.16
CA GLU A 436 -16.45 16.25 36.88
C GLU A 436 -16.88 15.13 35.92
N GLY A 437 -17.36 15.53 34.74
CA GLY A 437 -17.75 14.56 33.73
C GLY A 437 -16.54 13.78 33.22
N GLY A 438 -15.38 14.43 33.18
CA GLY A 438 -14.17 13.79 32.67
C GLY A 438 -13.62 12.74 33.64
N LEU A 439 -13.73 13.05 34.93
CA LEU A 439 -13.35 12.13 36.00
C LEU A 439 -14.23 10.87 35.92
N LYS A 440 -15.49 11.07 35.57
CA LYS A 440 -16.43 9.98 35.42
C LYS A 440 -16.08 9.14 34.19
N GLN A 441 -15.85 9.81 33.05
CA GLN A 441 -15.61 9.14 31.77
C GLN A 441 -14.34 8.29 31.85
N MET A 442 -13.40 8.63 32.72
CA MET A 442 -12.13 7.94 32.77
C MET A 442 -12.28 6.55 33.40
N ASP A 443 -13.37 6.32 34.13
CA ASP A 443 -13.65 4.96 34.62
C ASP A 443 -13.84 3.97 33.46
N ARG A 444 -14.16 4.46 32.26
CA ARG A 444 -14.38 3.62 31.11
C ARG A 444 -13.17 3.60 30.16
N ARG A 445 -12.05 4.24 30.54
CA ARG A 445 -10.93 4.48 29.66
C ARG A 445 -9.60 4.29 30.38
N TYR A 446 -9.62 3.55 31.49
CA TYR A 446 -8.47 3.45 32.38
C TYR A 446 -8.33 2.02 32.89
N VAL A 447 -7.10 1.49 32.78
CA VAL A 447 -6.73 0.20 33.31
C VAL A 447 -5.32 0.32 33.88
N ALA A 448 -5.15 0.02 35.18
CA ALA A 448 -3.90 0.35 35.86
C ALA A 448 -2.70 -0.23 35.13
N LYS A 449 -2.79 -1.49 34.65
CA LYS A 449 -1.60 -2.15 34.12
C LYS A 449 -1.23 -1.55 32.77
N MET A 450 -2.13 -0.77 32.17
CA MET A 450 -1.89 -0.23 30.85
C MET A 450 -1.28 1.17 31.02
N ASP A 451 -1.84 1.94 31.96
CA ASP A 451 -1.32 3.25 32.36
C ASP A 451 0.14 3.14 32.78
N GLN A 452 0.48 2.05 33.48
CA GLN A 452 1.84 1.85 33.95
C GLN A 452 2.79 1.61 32.78
N GLN A 453 2.33 0.91 31.73
CA GLN A 453 3.15 0.73 30.53
C GLN A 453 3.37 2.05 29.79
N LEU A 454 2.32 2.90 29.76
CA LEU A 454 2.42 4.22 29.12
C LEU A 454 3.41 5.11 29.89
N GLN A 455 3.26 5.19 31.21
CA GLN A 455 4.20 5.92 32.03
C GLN A 455 5.61 5.43 31.74
N THR A 456 5.77 4.10 31.66
CA THR A 456 7.09 3.51 31.48
C THR A 456 7.66 3.95 30.13
N TYR A 457 6.80 3.91 29.10
CA TYR A 457 7.25 4.24 27.76
C TYR A 457 7.86 5.65 27.71
N TRP A 458 7.13 6.67 28.16
CA TRP A 458 7.60 8.05 28.08
C TRP A 458 8.76 8.33 29.04
N LEU A 459 8.77 7.68 30.21
CA LEU A 459 9.94 7.76 31.06
C LEU A 459 11.15 7.16 30.36
N ASP A 460 10.96 6.01 29.70
CA ASP A 460 12.09 5.41 29.00
C ASP A 460 12.65 6.39 27.94
N GLN A 461 11.79 7.17 27.29
CA GLN A 461 12.24 8.13 26.30
C GLN A 461 12.93 9.33 26.98
N TYR A 462 12.65 9.63 28.24
CA TYR A 462 13.28 10.78 28.88
C TYR A 462 14.71 10.39 29.31
N VAL A 463 14.88 9.21 29.89
CA VAL A 463 16.19 8.82 30.40
C VAL A 463 17.15 8.52 29.23
N ALA A 464 16.62 8.22 28.04
CA ALA A 464 17.43 7.99 26.86
C ALA A 464 17.95 9.28 26.22
N LEU A 465 17.45 10.46 26.68
CA LEU A 465 17.97 11.75 26.22
C LEU A 465 19.43 11.93 26.63
N PRO A 466 20.22 12.76 25.91
CA PRO A 466 21.51 13.24 26.42
C PRO A 466 21.37 13.86 27.81
N ALA A 467 22.40 13.73 28.65
CA ALA A 467 22.35 14.20 30.02
C ALA A 467 22.00 15.69 30.09
N ALA A 468 22.49 16.49 29.14
CA ALA A 468 22.23 17.92 29.13
C ALA A 468 20.73 18.24 28.98
N GLN A 469 19.98 17.37 28.29
CA GLN A 469 18.61 17.68 27.93
C GLN A 469 17.66 17.12 29.00
N ARG A 470 18.21 16.37 29.97
CA ARG A 470 17.45 15.78 31.05
C ARG A 470 17.55 16.63 32.30
N ASP A 471 16.97 17.82 32.26
CA ASP A 471 17.14 18.78 33.35
C ASP A 471 15.77 19.15 33.93
N ASN A 472 14.83 18.20 33.94
CA ASN A 472 13.61 18.39 34.70
C ASN A 472 13.90 17.93 36.13
N GLU A 473 13.99 18.89 37.05
CA GLU A 473 14.61 18.63 38.33
C GLU A 473 13.68 17.78 39.20
N VAL A 474 12.38 18.09 39.16
CA VAL A 474 11.42 17.31 39.92
C VAL A 474 11.46 15.85 39.45
N LEU A 475 11.50 15.64 38.14
CA LEU A 475 11.42 14.30 37.62
C LEU A 475 12.74 13.54 37.88
N ASN A 476 13.86 14.27 37.91
CA ASN A 476 15.17 13.69 38.18
C ASN A 476 15.23 13.22 39.63
N LYS A 477 14.64 14.00 40.54
CA LYS A 477 14.58 13.67 41.97
C LYS A 477 13.75 12.40 42.22
N TRP A 478 12.61 12.28 41.52
CA TRP A 478 11.71 11.16 41.69
C TRP A 478 12.28 9.88 41.05
N LEU A 479 13.21 10.04 40.10
CA LEU A 479 13.78 8.91 39.39
C LEU A 479 14.97 8.35 40.15
N ALA A 480 15.78 9.26 40.71
CA ALA A 480 17.06 8.96 41.34
C ALA A 480 17.89 8.10 40.41
N GLY A 481 18.16 8.60 39.20
CA GLY A 481 19.03 7.92 38.25
C GLY A 481 18.46 7.97 36.83
N SER A 482 19.17 7.32 35.88
CA SER A 482 18.80 7.34 34.48
C SER A 482 18.85 5.94 33.84
N ASP A 483 18.72 4.89 34.64
CA ASP A 483 18.73 3.52 34.12
C ASP A 483 17.28 3.05 33.92
N ALA A 484 17.11 1.79 33.48
CA ALA A 484 15.79 1.18 33.36
C ALA A 484 15.22 0.80 34.74
N ALA A 485 16.10 0.61 35.73
CA ALA A 485 15.70 0.26 37.09
C ALA A 485 15.12 1.46 37.83
N ALA A 486 15.66 2.66 37.56
CA ALA A 486 15.11 3.90 38.06
C ALA A 486 13.65 4.04 37.58
N VAL A 487 13.39 3.73 36.30
CA VAL A 487 12.04 3.82 35.77
C VAL A 487 11.13 2.81 36.47
N LYS A 488 11.50 1.53 36.41
CA LYS A 488 10.75 0.47 37.06
C LYS A 488 10.37 0.91 38.47
N SER A 489 11.34 1.42 39.23
CA SER A 489 11.12 1.72 40.64
C SER A 489 10.18 2.91 40.83
N LEU A 490 10.21 3.86 39.90
CA LEU A 490 9.32 5.00 40.01
C LEU A 490 7.90 4.63 39.58
N VAL A 491 7.75 3.69 38.63
CA VAL A 491 6.42 3.28 38.22
C VAL A 491 5.76 2.48 39.33
N ASN A 492 6.55 1.63 40.04
CA ASN A 492 6.09 0.87 41.21
C ASN A 492 5.60 1.81 42.30
N LYS A 493 6.28 2.93 42.49
CA LYS A 493 5.95 3.91 43.52
C LYS A 493 4.70 4.70 43.12
N LEU A 494 4.59 5.10 41.85
CA LEU A 494 3.38 5.74 41.34
C LEU A 494 2.22 4.72 41.36
N GLY A 495 2.56 3.44 41.47
CA GLY A 495 1.56 2.38 41.52
C GLY A 495 0.72 2.38 42.79
N GLY A 496 1.16 3.10 43.82
CA GLY A 496 0.40 3.16 45.07
C GLY A 496 -0.64 4.28 45.13
N THR A 497 -0.86 5.02 44.03
CA THR A 497 -1.91 6.03 43.98
C THR A 497 -3.27 5.38 44.18
N GLU A 498 -4.23 6.16 44.70
CA GLU A 498 -5.61 5.73 44.84
C GLU A 498 -6.50 6.33 43.74
N LEU A 499 -5.93 7.08 42.79
CA LEU A 499 -6.74 7.90 41.90
C LEU A 499 -7.38 7.08 40.78
N GLY A 500 -7.08 5.78 40.75
CA GLY A 500 -7.75 4.84 39.86
C GLY A 500 -9.11 4.44 40.40
N SER A 501 -9.46 4.89 41.61
CA SER A 501 -10.82 4.81 42.11
C SER A 501 -11.62 6.08 41.79
N LEU A 502 -12.79 5.93 41.17
CA LEU A 502 -13.73 7.02 40.94
C LEU A 502 -14.09 7.73 42.26
N ASP A 503 -14.48 6.97 43.28
CA ASP A 503 -14.94 7.54 44.53
C ASP A 503 -13.88 8.50 45.08
N THR A 504 -12.62 8.10 44.97
CA THR A 504 -11.50 8.91 45.44
C THR A 504 -11.40 10.19 44.60
N ARG A 505 -11.41 10.04 43.28
CA ARG A 505 -11.36 11.18 42.38
C ARG A 505 -12.45 12.20 42.72
N LEU A 506 -13.69 11.73 42.98
CA LEU A 506 -14.80 12.64 43.22
C LEU A 506 -14.61 13.39 44.54
N LYS A 507 -13.94 12.76 45.52
CA LYS A 507 -13.64 13.43 46.79
C LYS A 507 -12.58 14.52 46.58
N TRP A 508 -11.51 14.18 45.87
CA TRP A 508 -10.45 15.12 45.57
C TRP A 508 -10.95 16.34 44.78
N PHE A 509 -12.05 16.11 44.03
CA PHE A 509 -12.76 17.11 43.24
C PHE A 509 -13.35 18.22 44.10
N LYS A 510 -13.70 17.85 45.35
CA LYS A 510 -14.27 18.75 46.34
C LYS A 510 -13.20 19.37 47.25
N ALA A 511 -11.99 18.78 47.28
CA ALA A 511 -11.11 18.97 48.42
C ALA A 511 -10.33 20.29 48.32
N ASP A 512 -9.88 20.72 49.51
CA ASP A 512 -9.19 21.97 49.75
C ASP A 512 -7.73 21.80 49.35
N ARG A 513 -7.19 22.87 48.76
CA ARG A 513 -5.79 23.02 48.39
C ARG A 513 -4.86 22.40 49.43
N ALA A 514 -5.21 22.53 50.74
CA ALA A 514 -4.33 22.10 51.83
C ALA A 514 -4.31 20.58 52.01
N ALA A 515 -5.41 19.88 51.68
CA ALA A 515 -5.40 18.42 51.72
C ALA A 515 -4.42 17.82 50.69
N PHE A 516 -4.23 18.55 49.58
CA PHE A 516 -3.37 18.10 48.49
C PHE A 516 -1.90 18.22 48.91
N GLU A 517 -1.62 19.34 49.58
CA GLU A 517 -0.27 19.70 49.97
C GLU A 517 0.22 18.81 51.11
N ALA A 518 -0.72 18.08 51.77
CA ALA A 518 -0.45 17.28 52.95
C ALA A 518 -0.74 15.79 52.73
N SER A 519 -0.85 15.34 51.47
CA SER A 519 -1.23 13.96 51.15
C SER A 519 0.02 13.13 50.84
N ASN A 520 -0.07 11.81 51.09
CA ASN A 520 1.04 10.92 50.77
C ASN A 520 0.70 10.04 49.55
N ASP A 521 -0.44 10.30 48.89
CA ASP A 521 -0.72 9.69 47.61
C ASP A 521 0.34 10.15 46.61
N PRO A 522 1.13 9.22 46.03
CA PRO A 522 2.30 9.59 45.23
C PRO A 522 1.97 10.44 43.99
N ALA A 523 0.80 10.23 43.38
CA ALA A 523 0.45 10.97 42.20
C ALA A 523 0.20 12.44 42.56
N ILE A 524 -0.48 12.65 43.69
CA ILE A 524 -0.75 13.97 44.24
C ILE A 524 0.56 14.67 44.60
N GLN A 525 1.46 13.96 45.30
CA GLN A 525 2.74 14.51 45.70
C GLN A 525 3.47 15.06 44.47
N TYR A 526 3.40 14.28 43.38
CA TYR A 526 4.09 14.66 42.17
C TYR A 526 3.39 15.89 41.55
N ALA A 527 2.04 15.91 41.58
CA ALA A 527 1.28 16.99 40.97
C ALA A 527 1.64 18.32 41.63
N VAL A 528 1.84 18.27 42.97
CA VAL A 528 2.20 19.39 43.80
C VAL A 528 3.63 19.85 43.50
N ALA A 529 4.54 18.91 43.26
CA ALA A 529 5.93 19.25 42.99
C ALA A 529 6.11 19.91 41.63
N VAL A 530 5.26 19.55 40.64
CA VAL A 530 5.46 20.01 39.27
C VAL A 530 4.65 21.28 39.00
N MET A 531 3.68 21.59 39.86
CA MET A 531 2.70 22.62 39.54
C MET A 531 3.33 24.01 39.44
N PRO A 532 4.40 24.35 40.19
CA PRO A 532 5.05 25.66 39.99
C PRO A 532 5.68 25.80 38.60
N ALA A 533 6.43 24.81 38.13
CA ALA A 533 6.97 24.91 36.79
C ALA A 533 5.84 25.02 35.76
N LEU A 534 4.73 24.30 35.99
CA LEU A 534 3.64 24.27 35.02
C LEU A 534 2.95 25.63 34.93
N LEU A 535 2.85 26.34 36.06
CA LEU A 535 2.26 27.66 36.10
C LEU A 535 3.19 28.68 35.42
N LYS A 536 4.50 28.45 35.53
CA LYS A 536 5.48 29.35 34.94
C LYS A 536 5.52 29.20 33.42
N GLN A 537 5.42 27.95 32.92
CA GLN A 537 5.36 27.65 31.50
C GLN A 537 4.09 28.27 30.90
N GLU A 538 3.00 28.18 31.67
CA GLU A 538 1.69 28.68 31.28
C GLU A 538 1.75 30.21 31.12
N GLU A 539 2.50 30.88 32.03
CA GLU A 539 2.63 32.33 32.07
C GLU A 539 3.43 32.85 30.87
N GLN A 540 4.48 32.12 30.49
CA GLN A 540 5.31 32.51 29.36
C GLN A 540 4.48 32.42 28.09
N LYS A 541 3.72 31.31 27.97
CA LYS A 541 2.84 31.15 26.83
C LYS A 541 1.88 32.35 26.72
N LYS A 542 1.33 32.83 27.84
CA LYS A 542 0.39 33.94 27.79
C LYS A 542 1.07 35.23 27.34
N ILE A 543 2.38 35.35 27.62
CA ILE A 543 3.15 36.53 27.24
C ILE A 543 3.39 36.53 25.73
N ARG A 544 3.57 35.33 25.14
CA ARG A 544 3.75 35.18 23.71
C ARG A 544 2.44 35.55 22.99
N GLU A 545 1.33 34.94 23.40
CA GLU A 545 0.02 35.33 22.90
C GLU A 545 -0.15 36.85 22.99
N GLY A 546 0.30 37.42 24.11
CA GLY A 546 0.19 38.85 24.38
C GLY A 546 0.99 39.71 23.40
N GLU A 547 2.17 39.19 22.98
CA GLU A 547 3.06 39.88 22.05
C GLU A 547 2.47 39.89 20.65
N SER A 548 1.85 38.77 20.25
CA SER A 548 1.45 38.56 18.87
C SER A 548 0.03 39.10 18.63
N LEU A 549 -0.53 39.78 19.62
CA LEU A 549 -1.92 40.17 19.63
C LEU A 549 -2.09 41.52 18.94
N THR A 550 -0.97 42.21 18.72
CA THR A 550 -0.92 43.36 17.84
C THR A 550 -0.13 43.05 16.56
N ALA A 551 0.75 42.03 16.62
CA ALA A 551 1.68 41.69 15.55
C ALA A 551 1.07 40.71 14.54
N ARG A 552 0.33 39.70 15.02
CA ARG A 552 -0.22 38.76 14.07
C ARG A 552 -1.24 39.50 13.20
N PRO A 553 -2.19 40.28 13.79
CA PRO A 553 -3.25 40.92 13.00
C PRO A 553 -2.69 41.90 11.97
N LEU A 554 -1.56 42.56 12.29
CA LEU A 554 -0.92 43.50 11.38
C LEU A 554 -0.38 42.78 10.15
N TYR A 555 0.40 41.73 10.36
CA TYR A 555 1.01 40.99 9.26
C TYR A 555 -0.08 40.28 8.43
N LEU A 556 -1.06 39.65 9.09
CA LEU A 556 -2.09 38.90 8.40
C LEU A 556 -2.96 39.81 7.53
N GLN A 557 -3.07 41.10 7.88
CA GLN A 557 -3.80 42.05 7.05
C GLN A 557 -2.97 42.38 5.80
N ALA A 558 -1.65 42.56 6.00
CA ALA A 558 -0.74 42.81 4.91
C ALA A 558 -0.75 41.62 3.94
N VAL A 559 -0.57 40.40 4.45
CA VAL A 559 -0.58 39.18 3.64
C VAL A 559 -1.88 39.09 2.84
N ALA A 560 -2.99 39.55 3.44
CA ALA A 560 -4.31 39.49 2.83
C ALA A 560 -4.49 40.60 1.78
N ASP A 561 -3.95 41.79 2.05
CA ASP A 561 -4.04 42.91 1.10
C ASP A 561 -3.17 42.59 -0.12
N TYR A 562 -2.05 41.89 0.10
CA TYR A 562 -1.16 41.47 -0.97
C TYR A 562 -1.85 40.41 -1.83
N LYS A 563 -2.58 39.50 -1.17
CA LYS A 563 -3.30 38.44 -1.84
C LYS A 563 -4.42 39.00 -2.71
N LYS A 564 -5.13 40.02 -2.18
CA LYS A 564 -6.20 40.71 -2.89
C LYS A 564 -5.63 41.53 -4.04
N SER A 565 -4.36 41.96 -3.92
CA SER A 565 -3.62 42.58 -5.01
C SER A 565 -3.59 41.68 -6.27
N GLN A 566 -3.21 40.40 -6.11
CA GLN A 566 -3.06 39.46 -7.21
C GLN A 566 -4.39 38.82 -7.63
N GLY A 567 -5.52 39.54 -7.48
CA GLY A 567 -6.83 38.90 -7.54
C GLY A 567 -7.05 37.98 -6.33
N GLU A 568 -7.37 36.71 -6.58
CA GLU A 568 -7.24 35.65 -5.58
C GLU A 568 -8.21 35.80 -4.40
N PHE A 569 -8.38 34.65 -3.70
CA PHE A 569 -9.36 34.42 -2.64
C PHE A 569 -8.79 34.76 -1.25
N VAL A 570 -9.52 35.55 -0.45
CA VAL A 570 -9.15 35.70 0.96
C VAL A 570 -10.33 35.37 1.89
N TYR A 571 -10.06 34.41 2.78
CA TYR A 571 -11.00 33.89 3.78
C TYR A 571 -10.16 33.60 5.02
N PRO A 572 -10.71 33.67 6.25
CA PRO A 572 -9.92 33.38 7.45
C PRO A 572 -9.57 31.91 7.64
N ASP A 573 -8.38 31.64 8.20
CA ASP A 573 -8.09 30.34 8.80
C ASP A 573 -9.22 29.89 9.74
N ALA A 574 -9.42 28.57 9.81
CA ALA A 574 -10.48 28.00 10.62
C ALA A 574 -10.13 28.12 12.10
N ASN A 575 -11.18 28.37 12.91
CA ASN A 575 -11.05 28.65 14.33
C ASN A 575 -12.21 28.05 15.13
N LEU A 576 -12.74 26.89 14.68
CA LEU A 576 -13.86 26.19 15.31
C LEU A 576 -15.21 26.90 15.16
N SER A 577 -15.34 27.82 14.19
CA SER A 577 -16.60 28.52 14.00
C SER A 577 -17.31 27.95 12.77
N LEU A 578 -18.53 28.43 12.51
CA LEU A 578 -19.35 27.99 11.40
C LEU A 578 -18.84 28.54 10.06
N ARG A 579 -18.72 27.64 9.07
CA ARG A 579 -18.20 27.93 7.74
C ARG A 579 -18.98 27.18 6.64
N ILE A 580 -18.99 27.77 5.44
CA ILE A 580 -19.65 27.22 4.27
C ILE A 580 -18.56 26.89 3.26
N THR A 581 -18.66 25.71 2.65
CA THR A 581 -17.86 25.39 1.47
C THR A 581 -18.80 24.80 0.41
N PHE A 582 -18.43 24.99 -0.86
CA PHE A 582 -19.25 24.53 -1.96
C PHE A 582 -18.35 24.15 -3.13
N GLY A 583 -18.96 23.44 -4.08
CA GLY A 583 -18.30 22.93 -5.26
C GLY A 583 -19.16 21.89 -5.96
N ASN A 584 -18.48 20.89 -6.55
CA ASN A 584 -19.20 19.89 -7.33
C ASN A 584 -18.65 18.49 -7.07
N VAL A 585 -19.52 17.51 -7.30
CA VAL A 585 -19.10 16.12 -7.36
C VAL A 585 -18.16 15.99 -8.54
N MET A 586 -16.92 15.52 -8.29
CA MET A 586 -15.93 15.30 -9.34
C MET A 586 -14.75 14.47 -8.82
N GLY A 587 -14.10 13.78 -9.75
CA GLY A 587 -12.93 12.97 -9.45
C GLY A 587 -11.65 13.78 -9.55
N TYR A 588 -10.53 13.05 -9.74
CA TYR A 588 -9.20 13.65 -9.82
C TYR A 588 -8.29 12.62 -10.46
N GLY A 589 -7.09 13.04 -10.86
CA GLY A 589 -6.24 12.27 -11.77
C GLY A 589 -4.75 12.35 -11.41
N LYS A 590 -4.02 11.33 -11.82
CA LYS A 590 -2.59 11.20 -11.60
C LYS A 590 -2.08 10.51 -12.85
N ASP A 591 -0.77 10.54 -13.11
CA ASP A 591 -0.29 9.93 -14.34
C ASP A 591 -0.70 8.44 -14.36
N GLY A 592 -1.51 8.05 -15.37
CA GLY A 592 -1.97 6.68 -15.54
C GLY A 592 -3.32 6.36 -14.89
N VAL A 593 -3.90 7.32 -14.14
CA VAL A 593 -5.06 7.07 -13.30
C VAL A 593 -6.08 8.21 -13.39
N LYS A 594 -7.36 7.83 -13.44
CA LYS A 594 -8.45 8.75 -13.22
C LYS A 594 -9.42 8.16 -12.20
N TYR A 595 -9.50 8.83 -11.04
CA TYR A 595 -10.38 8.45 -9.95
C TYR A 595 -11.78 8.96 -10.28
N THR A 596 -12.73 8.02 -10.38
CA THR A 596 -14.11 8.34 -10.73
C THR A 596 -14.77 8.85 -9.47
N PRO A 597 -15.80 9.71 -9.54
CA PRO A 597 -16.40 10.31 -8.34
C PRO A 597 -17.23 9.43 -7.39
N PHE A 598 -17.56 8.18 -7.77
CA PHE A 598 -18.36 7.30 -6.93
C PHE A 598 -17.74 5.91 -6.80
N THR A 599 -17.96 5.30 -5.61
CA THR A 599 -17.85 3.87 -5.37
C THR A 599 -19.26 3.33 -5.17
N THR A 600 -19.37 2.00 -5.24
CA THR A 600 -20.62 1.25 -5.25
C THR A 600 -20.51 0.02 -4.36
N LEU A 601 -21.63 -0.72 -4.29
CA LEU A 601 -21.72 -1.91 -3.46
C LEU A 601 -20.70 -2.96 -3.88
N GLU A 602 -20.44 -3.10 -5.18
CA GLU A 602 -19.56 -4.18 -5.65
C GLU A 602 -18.12 -3.94 -5.20
N GLY A 603 -17.70 -2.67 -5.08
CA GLY A 603 -16.38 -2.37 -4.55
C GLY A 603 -16.20 -2.83 -3.11
N VAL A 604 -17.30 -2.92 -2.36
CA VAL A 604 -17.27 -3.36 -0.98
C VAL A 604 -17.02 -4.86 -0.92
N ALA A 605 -17.81 -5.62 -1.70
CA ALA A 605 -17.69 -7.06 -1.82
C ALA A 605 -16.30 -7.45 -2.35
N ALA A 606 -15.84 -6.73 -3.38
CA ALA A 606 -14.59 -7.00 -4.07
C ALA A 606 -13.39 -6.93 -3.13
N LYS A 607 -13.50 -6.17 -2.04
CA LYS A 607 -12.37 -5.99 -1.13
C LYS A 607 -12.48 -6.94 0.06
N GLU A 608 -13.47 -7.84 0.06
CA GLU A 608 -13.66 -8.81 1.13
C GLU A 608 -12.43 -9.71 1.29
N THR A 609 -11.87 -9.73 2.51
CA THR A 609 -10.78 -10.63 2.85
C THR A 609 -11.21 -11.65 3.92
N GLY A 610 -12.40 -11.47 4.51
CA GLY A 610 -12.82 -12.31 5.63
C GLY A 610 -12.06 -12.04 6.93
N GLU A 611 -11.21 -10.99 6.96
CA GLU A 611 -10.37 -10.64 8.10
C GLU A 611 -10.29 -9.11 8.26
N ASP A 612 -10.31 -8.67 9.50
CA ASP A 612 -10.15 -7.26 9.82
C ASP A 612 -8.97 -6.66 9.05
N PRO A 613 -9.09 -5.42 8.48
CA PRO A 613 -10.30 -4.59 8.53
C PRO A 613 -11.31 -4.74 7.41
N PHE A 614 -11.29 -5.90 6.72
CA PHE A 614 -12.13 -6.15 5.57
C PHE A 614 -13.09 -7.33 5.77
N ASP A 615 -13.77 -7.38 6.93
CA ASP A 615 -14.66 -8.47 7.29
C ASP A 615 -16.12 -8.01 7.38
N SER A 616 -16.73 -7.66 6.24
CA SER A 616 -18.11 -7.18 6.20
C SER A 616 -19.08 -8.20 6.81
N PRO A 617 -20.26 -7.77 7.31
CA PRO A 617 -21.26 -8.71 7.77
C PRO A 617 -21.77 -9.54 6.61
N LYS A 618 -22.17 -10.77 6.91
CA LYS A 618 -22.62 -11.73 5.93
C LYS A 618 -23.86 -11.20 5.19
N ALA A 619 -24.74 -10.52 5.94
CA ALA A 619 -25.97 -10.01 5.37
C ALA A 619 -25.67 -8.99 4.27
N LEU A 620 -24.51 -8.30 4.38
CA LEU A 620 -24.09 -7.38 3.34
C LEU A 620 -23.64 -8.16 2.11
N LEU A 621 -22.71 -9.09 2.30
CA LEU A 621 -22.22 -9.92 1.21
C LEU A 621 -23.37 -10.62 0.47
N ASP A 622 -24.37 -11.13 1.21
CA ASP A 622 -25.54 -11.79 0.60
C ASP A 622 -26.26 -10.81 -0.32
N ALA A 623 -26.60 -9.63 0.22
CA ALA A 623 -27.44 -8.68 -0.49
C ALA A 623 -26.81 -8.26 -1.82
N VAL A 624 -25.49 -8.01 -1.79
CA VAL A 624 -24.70 -7.61 -2.95
C VAL A 624 -24.63 -8.72 -3.99
N LYS A 625 -24.40 -9.96 -3.54
CA LYS A 625 -24.46 -11.13 -4.40
C LYS A 625 -25.81 -11.23 -5.10
N ALA A 626 -26.94 -10.98 -4.40
CA ALA A 626 -28.27 -11.07 -4.98
C ALA A 626 -28.72 -9.77 -5.67
N LYS A 627 -27.84 -8.76 -5.78
CA LYS A 627 -28.20 -7.45 -6.29
C LYS A 627 -29.49 -6.91 -5.67
N ARG A 628 -29.69 -7.12 -4.35
CA ARG A 628 -30.80 -6.52 -3.61
C ARG A 628 -30.53 -5.06 -3.29
N TYR A 629 -30.77 -4.18 -4.28
CA TYR A 629 -30.51 -2.75 -4.18
C TYR A 629 -31.59 -1.99 -3.39
N GLY A 630 -32.71 -2.64 -3.06
CA GLY A 630 -33.72 -2.02 -2.20
C GLY A 630 -34.27 -0.68 -2.73
N GLY A 631 -34.14 -0.44 -4.04
CA GLY A 631 -34.76 0.71 -4.67
C GLY A 631 -33.85 1.93 -4.69
N LEU A 632 -32.53 1.71 -4.51
CA LEU A 632 -31.62 2.80 -4.22
C LEU A 632 -30.56 2.95 -5.31
N GLU A 633 -30.58 2.07 -6.34
CA GLU A 633 -29.55 2.10 -7.36
C GLU A 633 -29.68 3.40 -8.14
N ASP A 634 -28.54 3.85 -8.66
CA ASP A 634 -28.46 4.94 -9.61
C ASP A 634 -28.29 4.27 -10.96
N LYS A 635 -29.23 4.50 -11.89
CA LYS A 635 -29.14 3.95 -13.23
C LYS A 635 -27.85 4.37 -13.96
N ARG A 636 -27.23 5.51 -13.58
CA ARG A 636 -26.00 5.94 -14.24
C ARG A 636 -24.79 5.15 -13.74
N LEU A 637 -24.89 4.48 -12.57
CA LEU A 637 -23.77 3.74 -12.02
C LEU A 637 -23.98 2.24 -12.13
N GLY A 638 -25.24 1.78 -12.27
CA GLY A 638 -25.57 0.36 -12.27
C GLY A 638 -25.79 -0.27 -10.88
N SER A 639 -25.46 0.43 -9.78
CA SER A 639 -25.47 -0.13 -8.43
C SER A 639 -25.88 0.94 -7.40
N VAL A 640 -25.91 0.58 -6.12
CA VAL A 640 -26.08 1.58 -5.07
C VAL A 640 -24.72 2.20 -4.74
N PRO A 641 -24.57 3.55 -4.78
CA PRO A 641 -23.30 4.20 -4.47
C PRO A 641 -22.99 4.14 -2.98
N VAL A 642 -21.71 4.26 -2.63
CA VAL A 642 -21.30 4.07 -1.25
C VAL A 642 -20.72 5.38 -0.75
N ASN A 643 -19.56 5.75 -1.28
CA ASN A 643 -18.93 7.05 -1.00
C ASN A 643 -18.80 7.85 -2.30
N PHE A 644 -18.46 9.14 -2.16
CA PHE A 644 -18.29 10.00 -3.33
C PHE A 644 -17.29 11.12 -3.05
N LEU A 645 -16.76 11.69 -4.15
CA LEU A 645 -15.72 12.72 -4.16
C LEU A 645 -16.33 14.06 -4.61
N SER A 646 -15.80 15.15 -4.04
CA SER A 646 -16.14 16.50 -4.47
C SER A 646 -15.01 17.44 -4.05
N ASN A 647 -15.00 18.66 -4.61
CA ASN A 647 -13.87 19.55 -4.49
C ASN A 647 -14.17 20.67 -3.49
N LEU A 648 -14.68 20.26 -2.32
CA LEU A 648 -15.03 21.14 -1.20
C LEU A 648 -13.83 21.26 -0.26
N ASP A 649 -13.73 22.38 0.49
CA ASP A 649 -12.56 22.68 1.32
C ASP A 649 -12.91 22.37 2.79
N ILE A 650 -12.52 21.18 3.28
CA ILE A 650 -12.76 20.80 4.68
C ILE A 650 -11.45 20.38 5.35
N THR A 651 -11.57 20.19 6.67
CA THR A 651 -10.48 19.75 7.53
C THR A 651 -11.07 19.22 8.84
N GLY A 652 -10.20 18.86 9.80
CA GLY A 652 -10.63 18.35 11.10
C GLY A 652 -11.71 19.23 11.74
N GLY A 653 -12.72 18.58 12.32
CA GLY A 653 -13.92 19.23 12.82
C GLY A 653 -15.07 19.19 11.81
N ASN A 654 -14.76 19.06 10.52
CA ASN A 654 -15.83 18.98 9.53
C ASN A 654 -16.45 17.58 9.46
N SER A 655 -15.86 16.59 10.15
CA SER A 655 -16.44 15.26 10.21
C SER A 655 -17.88 15.32 10.69
N GLY A 656 -18.78 14.60 9.99
CA GLY A 656 -20.20 14.54 10.32
C GLY A 656 -21.05 15.66 9.73
N SER A 657 -20.41 16.61 9.05
CA SER A 657 -21.11 17.70 8.40
C SER A 657 -22.02 17.13 7.33
N PRO A 658 -23.24 17.67 7.25
CA PRO A 658 -24.17 17.34 6.17
C PRO A 658 -23.78 17.98 4.85
N VAL A 659 -23.91 17.18 3.79
CA VAL A 659 -23.72 17.62 2.43
C VAL A 659 -25.10 17.86 1.85
N LEU A 660 -25.30 19.05 1.28
CA LEU A 660 -26.58 19.45 0.74
C LEU A 660 -26.46 19.59 -0.78
N ASP A 661 -27.55 19.22 -1.46
CA ASP A 661 -27.64 19.39 -2.90
C ASP A 661 -28.08 20.83 -3.18
N ALA A 662 -28.45 21.10 -4.43
CA ALA A 662 -28.89 22.43 -4.86
C ALA A 662 -30.19 22.88 -4.18
N ASN A 663 -31.00 21.96 -3.64
CA ASN A 663 -32.23 22.39 -2.95
C ASN A 663 -32.14 22.20 -1.43
N GLY A 664 -30.92 22.03 -0.88
CA GLY A 664 -30.72 22.01 0.56
C GLY A 664 -31.18 20.72 1.25
N LYS A 665 -31.34 19.63 0.49
CA LYS A 665 -31.64 18.33 1.05
C LYS A 665 -30.34 17.56 1.27
N LEU A 666 -30.39 16.58 2.16
CA LEU A 666 -29.21 15.84 2.57
C LEU A 666 -28.90 14.71 1.57
N VAL A 667 -27.68 14.73 1.00
CA VAL A 667 -27.26 13.71 0.06
C VAL A 667 -26.04 12.89 0.53
N GLY A 668 -25.45 13.27 1.69
CA GLY A 668 -24.33 12.56 2.30
C GLY A 668 -23.79 13.22 3.58
N LEU A 669 -22.85 12.54 4.24
CA LEU A 669 -22.08 13.13 5.34
C LEU A 669 -20.61 13.18 4.94
N ALA A 670 -19.96 14.32 5.20
CA ALA A 670 -18.50 14.40 5.11
C ALA A 670 -17.87 13.53 6.20
N PHE A 671 -16.77 12.81 5.88
CA PHE A 671 -16.04 12.11 6.94
C PHE A 671 -14.52 12.11 6.79
N ASP A 672 -14.01 12.26 5.56
CA ASP A 672 -12.58 12.15 5.31
C ASP A 672 -12.21 12.93 4.06
N GLY A 673 -10.90 12.94 3.74
CA GLY A 673 -10.36 13.36 2.46
C GLY A 673 -9.36 12.35 1.91
N ASN A 674 -8.89 12.64 0.69
CA ASN A 674 -7.98 11.74 0.00
C ASN A 674 -6.56 12.03 0.46
N TRP A 675 -5.61 11.20 0.01
CA TRP A 675 -4.25 11.16 0.52
C TRP A 675 -3.49 12.45 0.26
N GLU A 676 -3.76 13.04 -0.91
CA GLU A 676 -3.18 14.28 -1.39
C GLU A 676 -3.75 15.51 -0.68
N SER A 677 -4.94 15.39 -0.06
CA SER A 677 -5.57 16.57 0.50
C SER A 677 -4.98 16.96 1.87
N VAL A 678 -4.45 16.00 2.64
CA VAL A 678 -4.03 16.23 4.04
C VAL A 678 -3.07 17.41 4.23
N SER A 679 -2.19 17.65 3.25
CA SER A 679 -1.19 18.72 3.26
C SER A 679 -1.80 20.12 3.15
N SER A 680 -3.10 20.20 2.80
CA SER A 680 -3.77 21.46 2.47
C SER A 680 -4.28 22.19 3.72
N ASN A 681 -4.04 21.61 4.90
CA ASN A 681 -3.97 22.36 6.13
C ASN A 681 -2.98 23.52 6.02
N TRP A 682 -1.94 23.38 5.16
CA TRP A 682 -0.84 24.34 5.06
C TRP A 682 -0.87 25.13 3.75
N VAL A 683 -1.08 24.42 2.62
CA VAL A 683 -1.04 24.97 1.27
C VAL A 683 -2.01 24.16 0.40
N PHE A 684 -3.12 24.80 0.02
CA PHE A 684 -4.21 24.17 -0.72
C PHE A 684 -3.76 23.85 -2.14
N ASP A 685 -4.23 22.73 -2.67
CA ASP A 685 -3.91 22.32 -4.04
C ASP A 685 -5.21 22.02 -4.78
N PRO A 686 -5.71 22.92 -5.64
CA PRO A 686 -7.02 22.73 -6.29
C PRO A 686 -7.16 21.46 -7.16
N VAL A 687 -6.02 20.94 -7.65
CA VAL A 687 -6.04 19.84 -8.61
C VAL A 687 -6.41 18.52 -7.93
N MET A 688 -5.87 18.29 -6.71
CA MET A 688 -5.91 16.97 -6.10
C MET A 688 -6.49 17.00 -4.68
N THR A 689 -7.13 18.09 -4.28
CA THR A 689 -7.75 18.17 -2.97
C THR A 689 -9.26 17.83 -3.11
N ARG A 690 -9.69 16.80 -2.37
CA ARG A 690 -11.03 16.27 -2.49
C ARG A 690 -11.57 15.86 -1.12
N MET A 691 -12.88 16.08 -0.93
CA MET A 691 -13.61 15.58 0.21
C MET A 691 -14.19 14.19 -0.10
N ILE A 692 -14.13 13.30 0.90
CA ILE A 692 -14.83 12.03 0.81
C ILE A 692 -16.05 12.10 1.73
N ALA A 693 -17.23 11.77 1.16
CA ALA A 693 -18.49 11.75 1.88
C ALA A 693 -19.15 10.39 1.70
N VAL A 694 -20.00 10.01 2.67
CA VAL A 694 -20.83 8.82 2.60
C VAL A 694 -22.21 9.20 2.07
N ASP A 695 -22.68 8.48 1.03
CA ASP A 695 -23.90 8.77 0.32
C ASP A 695 -25.09 8.39 1.20
N SER A 696 -26.10 9.29 1.25
CA SER A 696 -27.33 9.09 1.99
C SER A 696 -28.06 7.82 1.55
N ARG A 697 -27.79 7.37 0.32
CA ARG A 697 -28.36 6.13 -0.19
C ARG A 697 -27.73 4.90 0.46
N TYR A 698 -26.42 4.95 0.76
CA TYR A 698 -25.78 3.82 1.43
C TYR A 698 -26.23 3.73 2.89
N MET A 699 -26.37 4.90 3.56
CA MET A 699 -26.91 4.98 4.92
C MET A 699 -28.26 4.26 4.99
N GLN A 700 -29.15 4.57 4.04
CA GLN A 700 -30.50 4.02 4.05
C GLN A 700 -30.44 2.53 3.70
N TRP A 701 -29.59 2.16 2.74
CA TRP A 701 -29.40 0.78 2.32
C TRP A 701 -28.99 -0.08 3.50
N ILE A 702 -27.94 0.33 4.23
CA ILE A 702 -27.43 -0.46 5.34
C ILE A 702 -28.56 -0.74 6.33
N MET A 703 -29.37 0.29 6.58
CA MET A 703 -30.46 0.27 7.56
C MET A 703 -31.65 -0.59 7.12
N GLN A 704 -31.84 -0.76 5.80
CA GLN A 704 -32.89 -1.59 5.23
C GLN A 704 -32.42 -3.05 5.15
N GLU A 705 -31.18 -3.29 4.72
CA GLU A 705 -30.80 -4.60 4.21
C GLU A 705 -29.71 -5.29 5.04
N VAL A 706 -29.10 -4.61 6.03
CA VAL A 706 -27.91 -5.18 6.65
C VAL A 706 -28.02 -5.13 8.17
N ALA A 707 -28.17 -3.92 8.71
CA ALA A 707 -28.24 -3.70 10.14
C ALA A 707 -29.50 -2.88 10.39
N PRO A 708 -30.68 -3.55 10.39
CA PRO A 708 -31.94 -2.86 10.16
C PRO A 708 -32.26 -1.92 11.30
N ALA A 709 -32.83 -0.76 10.98
CA ALA A 709 -33.34 0.21 11.95
C ALA A 709 -34.75 0.63 11.52
N PRO A 710 -35.74 -0.28 11.59
CA PRO A 710 -37.06 0.03 11.04
C PRO A 710 -37.70 1.22 11.74
N GLN A 711 -37.48 1.33 13.05
CA GLN A 711 -38.16 2.36 13.85
C GLN A 711 -37.66 3.74 13.41
N LEU A 712 -36.43 3.74 12.87
CA LEU A 712 -35.72 4.95 12.53
C LEU A 712 -36.00 5.37 11.08
N LEU A 713 -36.04 4.40 10.16
CA LEU A 713 -36.52 4.64 8.81
C LEU A 713 -37.95 5.23 8.79
N LYS A 714 -38.79 4.91 9.79
CA LYS A 714 -40.11 5.52 9.91
C LYS A 714 -40.01 6.95 10.45
N GLU A 715 -39.06 7.20 11.36
CA GLU A 715 -38.94 8.52 11.96
C GLU A 715 -38.50 9.50 10.88
N LEU A 716 -37.65 9.07 9.95
CA LEU A 716 -37.13 9.89 8.85
C LEU A 716 -38.04 9.84 7.61
N ASN A 717 -39.24 9.24 7.72
CA ASN A 717 -40.21 9.18 6.63
C ASN A 717 -39.62 8.54 5.37
N LEU A 718 -39.01 7.34 5.51
CA LEU A 718 -38.43 6.62 4.38
C LEU A 718 -38.98 5.19 4.25
N ALA A 719 -39.97 4.80 5.10
CA ALA A 719 -40.65 3.52 5.02
C ALA A 719 -41.89 3.60 4.14
N GLU B 24 -8.04 -15.86 -22.65
CA GLU B 24 -7.97 -15.23 -24.00
C GLU B 24 -6.87 -15.88 -24.84
N GLY B 25 -5.74 -16.25 -24.22
CA GLY B 25 -5.01 -17.44 -24.64
C GLY B 25 -3.56 -17.26 -25.04
N MET B 26 -2.80 -18.34 -24.81
CA MET B 26 -1.40 -18.46 -25.18
C MET B 26 -1.32 -19.49 -26.31
N TRP B 27 -1.47 -18.97 -27.53
CA TRP B 27 -1.72 -19.77 -28.72
C TRP B 27 -0.40 -20.28 -29.29
N VAL B 28 -0.37 -21.61 -29.55
CA VAL B 28 0.74 -22.24 -30.26
C VAL B 28 0.66 -21.83 -31.73
N PRO B 29 1.79 -21.80 -32.48
CA PRO B 29 1.75 -21.39 -33.90
C PRO B 29 0.81 -22.23 -34.77
N GLN B 30 0.69 -23.52 -34.42
CA GLN B 30 -0.18 -24.47 -35.10
C GLN B 30 -1.67 -24.10 -35.00
N GLN B 31 -2.02 -23.08 -34.20
CA GLN B 31 -3.42 -22.71 -33.94
C GLN B 31 -3.81 -21.45 -34.71
N LEU B 32 -2.95 -21.00 -35.63
CA LEU B 32 -3.16 -19.76 -36.38
C LEU B 32 -4.44 -19.78 -37.21
N PRO B 33 -4.80 -20.93 -37.82
CA PRO B 33 -6.13 -21.07 -38.43
C PRO B 33 -7.27 -20.41 -37.64
N GLU B 34 -7.47 -20.86 -36.38
CA GLU B 34 -8.63 -20.49 -35.57
C GLU B 34 -8.65 -19.00 -35.30
N ILE B 35 -7.50 -18.44 -34.90
CA ILE B 35 -7.41 -17.05 -34.43
C ILE B 35 -7.22 -16.08 -35.59
N ALA B 36 -7.28 -16.58 -36.83
CA ALA B 36 -7.15 -15.72 -38.00
C ALA B 36 -8.26 -14.66 -37.98
N GLY B 37 -9.51 -15.10 -37.78
CA GLY B 37 -10.65 -14.19 -37.72
C GLY B 37 -10.49 -13.13 -36.63
N PRO B 38 -10.37 -13.56 -35.34
CA PRO B 38 -10.10 -12.65 -34.23
C PRO B 38 -8.94 -11.67 -34.41
N LEU B 39 -7.86 -12.12 -35.05
CA LEU B 39 -6.69 -11.27 -35.31
C LEU B 39 -7.03 -10.12 -36.26
N GLN B 40 -7.72 -10.41 -37.38
CA GLN B 40 -8.15 -9.36 -38.29
C GLN B 40 -9.12 -8.45 -37.56
N LYS B 41 -10.10 -9.06 -36.88
CA LYS B 41 -11.07 -8.34 -36.08
C LYS B 41 -10.38 -7.39 -35.10
N ALA B 42 -9.26 -7.85 -34.50
CA ALA B 42 -8.57 -7.05 -33.50
C ALA B 42 -7.77 -5.89 -34.10
N GLY B 43 -7.30 -6.02 -35.37
CA GLY B 43 -6.69 -4.89 -36.07
C GLY B 43 -5.39 -5.21 -36.81
N LEU B 44 -4.99 -6.50 -36.87
CA LEU B 44 -3.79 -6.96 -37.56
C LEU B 44 -3.88 -6.69 -39.06
N LYS B 45 -2.81 -6.08 -39.60
CA LYS B 45 -2.71 -5.77 -41.02
C LYS B 45 -2.01 -6.90 -41.78
N LEU B 46 -0.88 -7.41 -41.27
CA LEU B 46 -0.22 -8.56 -41.87
C LEU B 46 -1.26 -9.64 -42.13
N SER B 47 -0.93 -10.58 -43.01
CA SER B 47 -1.79 -11.72 -43.21
C SER B 47 -1.51 -12.69 -42.06
N PRO B 48 -2.43 -13.60 -41.71
CA PRO B 48 -2.12 -14.68 -40.77
C PRO B 48 -0.99 -15.66 -41.15
N GLU B 49 -0.70 -15.86 -42.45
CA GLU B 49 0.22 -16.91 -42.82
C GLU B 49 1.64 -16.35 -43.00
N GLN B 50 1.78 -15.04 -43.17
CA GLN B 50 3.06 -14.37 -42.91
C GLN B 50 3.65 -14.81 -41.56
N LEU B 51 2.76 -15.10 -40.59
CA LEU B 51 3.13 -15.32 -39.19
C LEU B 51 3.42 -16.79 -38.91
N ALA B 52 2.79 -17.69 -39.69
CA ALA B 52 3.04 -19.12 -39.64
C ALA B 52 4.45 -19.45 -40.15
N ASN B 53 5.06 -18.48 -40.86
CA ASN B 53 6.46 -18.56 -41.21
C ASN B 53 7.30 -18.20 -39.98
N LEU B 54 7.84 -19.24 -39.31
CA LEU B 54 8.47 -19.10 -38.01
C LEU B 54 9.94 -18.66 -38.11
N THR B 55 10.56 -18.88 -39.27
CA THR B 55 11.92 -18.44 -39.54
C THR B 55 11.94 -17.27 -40.53
N GLY B 56 10.76 -16.85 -41.01
CA GLY B 56 10.65 -15.67 -41.86
C GLY B 56 10.33 -14.40 -41.08
N ASP B 57 9.35 -13.61 -41.57
CA ASP B 57 9.12 -12.28 -41.05
C ASP B 57 7.77 -12.19 -40.33
N PRO B 58 7.63 -11.40 -39.22
CA PRO B 58 8.76 -10.93 -38.40
C PRO B 58 9.14 -11.87 -37.25
N MET B 59 8.66 -13.13 -37.32
CA MET B 59 8.72 -14.09 -36.24
C MET B 59 10.12 -14.67 -36.09
N GLY B 60 10.84 -14.76 -37.20
CA GLY B 60 12.20 -15.27 -37.20
C GLY B 60 13.14 -14.34 -36.45
N ALA B 61 12.68 -13.12 -36.12
CA ALA B 61 13.51 -12.18 -35.35
C ALA B 61 13.45 -12.48 -33.84
N VAL B 62 12.51 -13.35 -33.41
CA VAL B 62 12.24 -13.56 -31.98
C VAL B 62 13.07 -14.71 -31.46
N VAL B 63 13.73 -14.49 -30.32
CA VAL B 63 14.70 -15.44 -29.79
C VAL B 63 14.37 -15.81 -28.35
N ALA B 64 14.90 -16.97 -27.94
CA ALA B 64 14.76 -17.48 -26.59
C ALA B 64 16.10 -17.28 -25.89
N LEU B 65 16.09 -16.87 -24.61
CA LEU B 65 17.32 -16.61 -23.89
C LEU B 65 17.56 -17.64 -22.80
N GLY B 66 16.85 -18.77 -22.85
CA GLY B 66 16.66 -19.58 -21.66
C GLY B 66 15.26 -19.33 -21.11
N GLY B 67 15.17 -18.58 -20.00
CA GLY B 67 13.88 -18.24 -19.40
C GLY B 67 13.43 -16.78 -19.55
N CYS B 68 13.85 -16.09 -20.61
CA CYS B 68 13.32 -14.78 -21.03
C CYS B 68 13.15 -14.78 -22.55
N THR B 69 12.58 -13.71 -23.11
CA THR B 69 12.51 -13.54 -24.55
C THR B 69 13.38 -12.34 -24.97
N ALA B 70 13.76 -12.32 -26.23
CA ALA B 70 14.40 -11.14 -26.81
C ALA B 70 14.12 -11.16 -28.30
N SER B 71 14.68 -10.18 -29.01
CA SER B 71 14.51 -10.06 -30.45
C SER B 71 15.78 -9.44 -31.03
N PHE B 72 16.13 -9.86 -32.25
CA PHE B 72 17.17 -9.23 -33.05
C PHE B 72 16.63 -7.95 -33.69
N VAL B 73 17.44 -6.89 -33.66
CA VAL B 73 16.99 -5.57 -34.08
C VAL B 73 17.99 -4.86 -34.98
N SER B 74 19.05 -5.58 -35.44
CA SER B 74 20.08 -5.02 -36.31
C SER B 74 20.77 -6.14 -37.08
N PRO B 75 21.24 -5.88 -38.33
CA PRO B 75 21.79 -6.93 -39.20
C PRO B 75 23.13 -7.50 -38.72
N GLN B 76 23.73 -6.83 -37.72
CA GLN B 76 24.99 -7.25 -37.10
C GLN B 76 24.75 -7.87 -35.71
N GLY B 77 23.59 -8.50 -35.51
CA GLY B 77 23.34 -9.38 -34.38
C GLY B 77 22.96 -8.66 -33.07
N LEU B 78 22.40 -7.45 -33.19
CA LEU B 78 21.93 -6.72 -32.01
C LEU B 78 20.64 -7.38 -31.53
N VAL B 79 20.50 -7.45 -30.20
CA VAL B 79 19.38 -8.10 -29.55
C VAL B 79 18.86 -7.18 -28.44
N VAL B 80 17.53 -7.08 -28.32
CA VAL B 80 16.94 -6.24 -27.29
C VAL B 80 16.08 -7.08 -26.32
N THR B 81 16.30 -6.82 -25.02
CA THR B 81 15.55 -7.51 -23.98
C THR B 81 15.32 -6.53 -22.83
N ASN B 82 14.78 -7.06 -21.72
CA ASN B 82 14.54 -6.27 -20.52
C ASN B 82 15.84 -6.12 -19.73
N HIS B 83 15.95 -5.00 -18.99
CA HIS B 83 17.03 -4.81 -18.03
C HIS B 83 17.02 -5.88 -16.96
N HIS B 84 15.84 -6.36 -16.55
CA HIS B 84 15.79 -7.40 -15.52
C HIS B 84 16.26 -8.75 -16.06
N CYS B 85 16.19 -8.98 -17.38
CA CYS B 85 16.65 -10.24 -17.96
C CYS B 85 18.18 -10.21 -18.09
N ALA B 86 18.72 -9.01 -18.33
CA ALA B 86 20.15 -8.80 -18.53
C ALA B 86 20.87 -8.66 -17.20
N TYR B 87 20.07 -8.64 -16.11
CA TYR B 87 20.50 -8.26 -14.78
C TYR B 87 21.60 -9.21 -14.29
N GLY B 88 21.55 -10.49 -14.70
CA GLY B 88 22.58 -11.44 -14.34
C GLY B 88 23.94 -11.04 -14.93
N ALA B 89 23.93 -10.72 -16.23
CA ALA B 89 25.12 -10.36 -16.98
C ALA B 89 25.77 -9.12 -16.37
N ILE B 90 24.96 -8.11 -16.10
CA ILE B 90 25.39 -6.84 -15.52
C ILE B 90 26.04 -7.10 -14.16
N GLN B 91 25.46 -8.04 -13.38
CA GLN B 91 25.87 -8.30 -12.01
C GLN B 91 27.20 -9.06 -11.97
N LEU B 92 27.31 -10.11 -12.82
CA LEU B 92 28.56 -10.79 -13.08
C LEU B 92 29.67 -9.79 -13.41
N ASN B 93 29.35 -8.73 -14.17
CA ASN B 93 30.34 -7.76 -14.63
C ASN B 93 30.54 -6.61 -13.63
N SER B 94 29.88 -6.67 -12.46
CA SER B 94 29.92 -5.59 -11.49
C SER B 94 30.77 -6.01 -10.28
N THR B 95 31.49 -5.03 -9.70
CA THR B 95 32.05 -5.12 -8.36
C THR B 95 31.51 -3.96 -7.53
N ALA B 96 31.82 -4.00 -6.21
CA ALA B 96 31.42 -2.93 -5.32
C ALA B 96 32.09 -1.61 -5.75
N GLN B 97 33.37 -1.67 -6.11
CA GLN B 97 34.08 -0.49 -6.60
C GLN B 97 33.46 -0.03 -7.91
N LYS B 98 33.09 -0.97 -8.82
CA LYS B 98 32.54 -0.62 -10.12
C LYS B 98 31.19 -1.30 -10.37
N ASN B 99 30.11 -0.69 -9.85
CA ASN B 99 28.80 -1.31 -9.84
C ASN B 99 28.02 -0.88 -11.09
N LEU B 100 27.98 -1.76 -12.11
CA LEU B 100 27.28 -1.46 -13.35
C LEU B 100 25.76 -1.44 -13.18
N ILE B 101 25.25 -2.05 -12.10
CA ILE B 101 23.83 -2.15 -11.82
C ILE B 101 23.28 -0.73 -11.57
N LYS B 102 23.82 -0.10 -10.52
CA LYS B 102 23.59 1.30 -10.19
C LYS B 102 23.92 2.23 -11.37
N ASP B 103 25.13 2.11 -11.96
CA ASP B 103 25.59 2.98 -13.05
C ASP B 103 25.12 2.43 -14.39
N GLY B 104 25.32 3.20 -15.45
CA GLY B 104 25.02 2.66 -16.77
C GLY B 104 25.89 1.45 -17.14
N PHE B 105 25.73 1.01 -18.40
CA PHE B 105 26.86 0.53 -19.18
C PHE B 105 26.61 0.86 -20.66
N ASN B 106 27.63 1.43 -21.32
CA ASN B 106 27.64 1.64 -22.77
C ASN B 106 28.94 1.08 -23.37
N ALA B 107 28.82 0.42 -24.52
CA ALA B 107 29.97 -0.05 -25.30
C ALA B 107 29.97 0.59 -26.70
N PRO B 108 30.71 1.71 -26.90
CA PRO B 108 30.67 2.44 -28.17
C PRO B 108 31.21 1.70 -29.41
N THR B 109 32.23 0.84 -29.20
CA THR B 109 32.77 -0.05 -30.22
C THR B 109 32.63 -1.52 -29.79
N LEU B 110 32.77 -2.41 -30.78
CA LEU B 110 32.65 -3.84 -30.57
C LEU B 110 33.61 -4.33 -29.49
N LYS B 111 34.83 -3.80 -29.47
CA LYS B 111 35.87 -4.31 -28.58
C LYS B 111 35.52 -4.05 -27.11
N ASP B 112 34.58 -3.12 -26.82
CA ASP B 112 34.23 -2.70 -25.46
C ASP B 112 33.16 -3.59 -24.80
N GLU B 113 32.43 -4.34 -25.62
CA GLU B 113 31.29 -5.15 -25.21
C GLU B 113 31.76 -6.29 -24.32
N LEU B 114 31.21 -6.35 -23.09
CA LEU B 114 31.58 -7.34 -22.08
C LEU B 114 30.90 -8.68 -22.35
N SER B 115 31.58 -9.77 -21.99
CA SER B 115 30.95 -11.08 -22.04
C SER B 115 29.85 -11.11 -21.00
N ALA B 116 28.71 -11.68 -21.41
CA ALA B 116 27.52 -11.73 -20.58
C ALA B 116 27.53 -12.97 -19.67
N GLY B 117 28.65 -13.73 -19.73
CA GLY B 117 28.83 -14.91 -18.90
C GLY B 117 28.80 -16.19 -19.72
N PRO B 118 29.44 -17.27 -19.25
CA PRO B 118 29.55 -18.51 -20.02
C PRO B 118 28.21 -19.15 -20.35
N ASN B 119 27.26 -19.08 -19.42
CA ASN B 119 26.00 -19.79 -19.53
C ASN B 119 24.94 -18.98 -20.28
N ALA B 120 25.30 -17.78 -20.79
CA ALA B 120 24.34 -16.97 -21.50
C ALA B 120 24.19 -17.51 -22.92
N ARG B 121 22.95 -17.50 -23.44
CA ARG B 121 22.64 -18.11 -24.73
C ARG B 121 21.66 -17.24 -25.52
N VAL B 122 21.65 -17.41 -26.85
CA VAL B 122 20.53 -17.06 -27.71
C VAL B 122 20.10 -18.28 -28.53
N PHE B 123 18.82 -18.66 -28.48
CA PHE B 123 18.30 -19.74 -29.32
C PHE B 123 17.55 -19.15 -30.51
N VAL B 124 17.94 -19.59 -31.71
CA VAL B 124 17.28 -19.14 -32.93
C VAL B 124 16.58 -20.34 -33.53
N LEU B 125 15.27 -20.20 -33.75
CA LEU B 125 14.46 -21.35 -34.10
C LEU B 125 14.81 -21.78 -35.52
N ASP B 126 15.09 -23.08 -35.68
CA ASP B 126 15.36 -23.70 -36.98
C ASP B 126 14.09 -24.41 -37.49
N GLN B 127 13.42 -25.23 -36.66
CA GLN B 127 12.41 -26.16 -37.14
C GLN B 127 11.57 -26.75 -36.00
N ILE B 128 10.29 -27.06 -36.29
CA ILE B 128 9.37 -27.73 -35.38
C ILE B 128 8.69 -28.87 -36.12
N THR B 129 8.89 -30.10 -35.63
CA THR B 129 8.19 -31.24 -36.19
C THR B 129 7.40 -31.92 -35.07
N ASP B 130 6.20 -32.41 -35.44
CA ASP B 130 5.33 -33.13 -34.53
C ASP B 130 5.68 -34.63 -34.51
N VAL B 131 5.96 -35.16 -33.31
CA VAL B 131 6.45 -36.51 -33.09
C VAL B 131 5.57 -37.22 -32.06
N THR B 132 4.27 -36.88 -32.07
CA THR B 132 3.30 -37.41 -31.12
C THR B 132 3.30 -38.94 -31.15
N ALA B 133 3.01 -39.52 -32.33
CA ALA B 133 2.71 -40.94 -32.44
C ALA B 133 3.91 -41.78 -32.02
N GLN B 134 5.12 -41.34 -32.39
CA GLN B 134 6.33 -42.04 -32.00
C GLN B 134 6.41 -42.09 -30.47
N ALA B 135 6.04 -40.95 -29.86
CA ALA B 135 6.14 -40.77 -28.42
C ALA B 135 5.18 -41.71 -27.70
N LYS B 136 3.94 -41.78 -28.20
CA LYS B 136 2.90 -42.63 -27.63
C LYS B 136 3.27 -44.10 -27.82
N ALA B 137 3.63 -44.45 -29.08
CA ALA B 137 4.15 -45.77 -29.38
C ALA B 137 5.21 -46.19 -28.35
N ALA B 138 6.14 -45.28 -28.03
CA ALA B 138 7.30 -45.56 -27.21
C ALA B 138 6.93 -45.93 -25.77
N ILE B 139 5.82 -45.39 -25.25
CA ILE B 139 5.43 -45.58 -23.84
C ILE B 139 4.52 -46.80 -23.72
N ALA B 140 3.60 -46.97 -24.69
CA ALA B 140 2.78 -48.16 -24.80
C ALA B 140 3.69 -49.38 -24.96
N GLY B 141 4.78 -49.21 -25.75
CA GLY B 141 5.81 -50.21 -25.95
C GLY B 141 6.37 -50.81 -24.67
N ALA B 142 6.40 -50.03 -23.56
CA ALA B 142 6.89 -50.52 -22.28
C ALA B 142 5.76 -51.17 -21.47
N GLY B 143 4.52 -51.09 -21.99
CA GLY B 143 3.38 -51.75 -21.40
C GLY B 143 2.99 -51.17 -20.03
N ASN B 144 3.13 -51.99 -18.99
CA ASN B 144 2.38 -51.82 -17.75
C ASN B 144 3.23 -51.17 -16.65
N ASP B 145 4.51 -51.51 -16.50
CA ASP B 145 5.27 -51.01 -15.35
C ASP B 145 5.42 -49.50 -15.45
N PRO B 146 5.02 -48.73 -14.41
CA PRO B 146 5.21 -47.27 -14.37
C PRO B 146 6.64 -46.75 -14.57
N LEU B 147 7.60 -47.33 -13.83
CA LEU B 147 9.00 -46.90 -13.89
C LEU B 147 9.57 -47.14 -15.30
N ALA B 148 9.14 -48.23 -15.94
CA ALA B 148 9.50 -48.58 -17.31
C ALA B 148 8.97 -47.55 -18.31
N ARG B 149 7.79 -46.99 -18.03
CA ARG B 149 7.19 -46.00 -18.89
C ARG B 149 7.99 -44.70 -18.80
N SER B 150 8.44 -44.38 -17.58
CA SER B 150 9.33 -43.27 -17.33
C SER B 150 10.60 -43.38 -18.19
N ARG B 151 11.21 -44.57 -18.22
CA ARG B 151 12.50 -44.75 -18.87
C ARG B 151 12.34 -44.82 -20.39
N ALA B 152 11.30 -45.52 -20.84
CA ALA B 152 10.99 -45.59 -22.26
C ALA B 152 10.90 -44.19 -22.88
N LEU B 153 10.30 -43.23 -22.18
CA LEU B 153 10.21 -41.88 -22.72
C LEU B 153 11.50 -41.08 -22.48
N ASP B 154 12.27 -41.39 -21.43
CA ASP B 154 13.58 -40.76 -21.25
C ASP B 154 14.50 -41.15 -22.40
N ALA B 155 14.46 -42.44 -22.77
CA ALA B 155 15.22 -42.99 -23.87
C ALA B 155 14.82 -42.36 -25.20
N PHE B 156 13.52 -42.20 -25.44
CA PHE B 156 13.03 -41.64 -26.70
C PHE B 156 13.46 -40.18 -26.86
N ASP B 157 13.42 -39.42 -25.75
CA ASP B 157 13.81 -38.01 -25.69
C ASP B 157 15.27 -37.86 -26.13
N LYS B 158 16.15 -38.64 -25.51
CA LYS B 158 17.59 -38.61 -25.76
C LYS B 158 17.90 -38.91 -27.23
N ALA B 159 17.30 -40.00 -27.76
CA ALA B 159 17.49 -40.41 -29.15
C ALA B 159 17.16 -39.24 -30.08
N GLN B 160 16.00 -38.62 -29.90
CA GLN B 160 15.57 -37.56 -30.81
C GLN B 160 16.52 -36.36 -30.66
N VAL B 161 16.93 -36.07 -29.42
CA VAL B 161 17.82 -34.95 -29.13
C VAL B 161 19.17 -35.15 -29.80
N ALA B 162 19.79 -36.33 -29.62
CA ALA B 162 21.16 -36.59 -30.07
C ALA B 162 21.27 -36.60 -31.59
N ALA B 163 20.19 -37.01 -32.28
CA ALA B 163 20.11 -37.01 -33.74
C ALA B 163 19.87 -35.61 -34.29
N CYS B 164 19.00 -34.85 -33.61
CA CYS B 164 18.69 -33.48 -33.95
C CYS B 164 19.89 -32.57 -33.67
N GLU B 165 20.69 -32.89 -32.64
CA GLU B 165 21.82 -32.06 -32.21
C GLU B 165 23.12 -32.49 -32.89
N ALA B 166 23.04 -33.27 -33.97
CA ALA B 166 24.20 -33.94 -34.53
C ALA B 166 25.08 -32.93 -35.28
N ASP B 167 24.45 -31.99 -36.02
CA ASP B 167 25.19 -30.85 -36.59
C ASP B 167 25.66 -29.94 -35.46
N ALA B 168 26.86 -29.38 -35.62
CA ALA B 168 27.65 -28.85 -34.51
C ALA B 168 26.99 -27.62 -33.86
N GLY B 169 26.25 -26.82 -34.64
CA GLY B 169 25.79 -25.53 -34.14
C GLY B 169 24.54 -25.58 -33.25
N PHE B 170 23.86 -26.74 -33.13
CA PHE B 170 22.42 -26.78 -32.85
C PHE B 170 22.06 -27.47 -31.52
N ARG B 171 20.91 -27.06 -30.97
CA ARG B 171 20.40 -27.50 -29.68
C ARG B 171 18.89 -27.76 -29.82
N CYS B 172 18.39 -28.81 -29.17
CA CYS B 172 17.06 -29.32 -29.46
C CYS B 172 16.39 -29.73 -28.15
N ARG B 173 15.05 -29.68 -28.15
CA ARG B 173 14.26 -29.93 -26.94
C ARG B 173 12.92 -30.57 -27.30
N LEU B 174 12.49 -31.51 -26.46
CA LEU B 174 11.20 -32.17 -26.62
C LEU B 174 10.19 -31.52 -25.68
N TYR B 175 9.02 -31.18 -26.23
CA TYR B 175 7.96 -30.52 -25.48
C TYR B 175 6.74 -31.42 -25.37
N SER B 176 6.27 -31.59 -24.12
CA SER B 176 4.97 -32.19 -23.85
C SER B 176 3.92 -31.08 -23.83
N PHE B 177 2.81 -31.30 -24.54
CA PHE B 177 1.68 -30.36 -24.62
C PHE B 177 0.41 -31.04 -24.14
N SER B 178 -0.43 -30.29 -23.40
CA SER B 178 -1.78 -30.73 -23.06
C SER B 178 -1.75 -32.04 -22.29
N GLY B 179 -0.87 -32.10 -21.28
CA GLY B 179 -0.72 -33.27 -20.42
C GLY B 179 0.03 -34.42 -21.09
N GLY B 180 0.44 -34.22 -22.35
CA GLY B 180 1.08 -35.26 -23.14
C GLY B 180 0.16 -35.85 -24.21
N ASN B 181 -0.87 -35.10 -24.63
CA ASN B 181 -1.69 -35.47 -25.78
C ASN B 181 -0.96 -35.15 -27.08
N THR B 182 0.04 -34.24 -27.00
CA THR B 182 0.86 -33.80 -28.10
C THR B 182 2.32 -33.76 -27.66
N TYR B 183 3.23 -34.15 -28.56
CA TYR B 183 4.66 -33.95 -28.36
C TYR B 183 5.28 -33.29 -29.59
N ARG B 184 6.07 -32.22 -29.42
CA ARG B 184 6.78 -31.61 -30.52
C ARG B 184 8.25 -31.45 -30.18
N LEU B 185 9.10 -31.49 -31.23
CA LEU B 185 10.54 -31.32 -31.10
C LEU B 185 10.91 -29.97 -31.72
N PHE B 186 11.70 -29.18 -30.98
CA PHE B 186 12.17 -27.85 -31.39
C PHE B 186 13.66 -27.90 -31.66
N ARG B 187 14.07 -27.40 -32.84
CA ARG B 187 15.47 -27.35 -33.25
C ARG B 187 15.93 -25.89 -33.21
N ASN B 188 17.07 -25.64 -32.54
CA ASN B 188 17.52 -24.27 -32.33
C ASN B 188 19.02 -24.11 -32.62
N MET B 189 19.40 -23.07 -33.38
CA MET B 189 20.79 -22.65 -33.44
C MET B 189 21.18 -22.01 -32.09
N GLU B 190 22.27 -22.50 -31.50
CA GLU B 190 22.65 -22.19 -30.13
C GLU B 190 23.84 -21.23 -30.13
N ILE B 191 23.58 -19.94 -29.91
CA ILE B 191 24.66 -18.97 -29.84
C ILE B 191 25.19 -18.91 -28.41
N LYS B 192 26.53 -19.03 -28.27
CA LYS B 192 27.17 -19.29 -26.98
C LYS B 192 28.09 -18.14 -26.55
N ASP B 193 28.27 -17.13 -27.41
CA ASP B 193 29.03 -15.94 -27.08
C ASP B 193 28.11 -14.72 -27.16
N VAL B 194 27.60 -14.33 -25.99
CA VAL B 194 26.65 -13.26 -25.84
C VAL B 194 27.37 -12.16 -25.07
N ARG B 195 27.24 -10.91 -25.52
CA ARG B 195 27.95 -9.79 -24.91
C ARG B 195 26.98 -8.67 -24.62
N LEU B 196 27.29 -7.91 -23.57
CA LEU B 196 26.48 -6.82 -23.11
C LEU B 196 26.91 -5.55 -23.84
N VAL B 197 25.96 -4.87 -24.49
CA VAL B 197 26.21 -3.64 -25.21
C VAL B 197 25.76 -2.42 -24.39
N TYR B 198 24.51 -2.43 -23.93
CA TYR B 198 23.93 -1.27 -23.26
C TYR B 198 23.01 -1.71 -22.12
N ALA B 199 23.22 -1.08 -20.96
CA ALA B 199 22.27 -1.11 -19.86
C ALA B 199 22.01 0.33 -19.44
N PRO B 200 20.74 0.75 -19.27
CA PRO B 200 20.48 2.02 -18.59
C PRO B 200 20.93 1.88 -17.14
N PRO B 201 21.11 3.00 -16.42
CA PRO B 201 21.30 2.94 -14.96
C PRO B 201 20.10 2.24 -14.29
N GLY B 202 20.37 1.55 -13.16
CA GLY B 202 19.37 0.83 -12.38
C GLY B 202 18.19 1.68 -11.94
N SER B 203 18.40 2.98 -11.71
CA SER B 203 17.31 3.86 -11.35
C SER B 203 16.38 4.16 -12.52
N VAL B 204 16.67 3.65 -13.73
CA VAL B 204 15.75 3.73 -14.85
C VAL B 204 15.16 2.34 -15.17
N GLY B 205 16.05 1.37 -15.37
CA GLY B 205 15.67 0.01 -15.75
C GLY B 205 14.94 -0.74 -14.64
N LYS B 206 15.06 -0.24 -13.41
CA LYS B 206 14.40 -0.81 -12.25
C LYS B 206 13.74 0.29 -11.40
N PHE B 207 13.34 1.40 -12.04
CA PHE B 207 12.66 2.50 -11.38
C PHE B 207 11.42 1.98 -10.64
N GLY B 208 11.38 2.31 -9.34
CA GLY B 208 10.31 1.93 -8.45
C GLY B 208 10.57 0.58 -7.75
N GLY B 209 11.70 -0.07 -8.06
CA GLY B 209 12.10 -1.34 -7.46
C GLY B 209 10.93 -2.24 -7.07
N ASP B 210 10.86 -2.58 -5.77
CA ASP B 210 9.93 -3.56 -5.22
C ASP B 210 8.59 -2.95 -4.83
N VAL B 211 8.49 -1.63 -4.75
CA VAL B 211 7.25 -0.91 -4.46
C VAL B 211 6.31 -0.91 -5.66
N ASP B 212 6.87 -0.67 -6.85
CA ASP B 212 6.11 -0.60 -8.09
C ASP B 212 6.03 -1.98 -8.77
N ASN B 213 6.77 -2.98 -8.29
CA ASN B 213 6.76 -4.31 -8.90
C ASN B 213 5.34 -4.87 -8.85
N TRP B 214 4.91 -5.47 -9.97
CA TRP B 214 3.57 -6.04 -10.13
C TRP B 214 2.49 -4.96 -10.05
N MET B 215 2.81 -3.72 -10.41
CA MET B 215 1.85 -2.63 -10.18
C MET B 215 1.70 -1.73 -11.40
N TRP B 216 0.52 -1.10 -11.49
CA TRP B 216 0.19 -0.01 -12.39
C TRP B 216 -0.46 1.10 -11.56
N PRO B 217 -0.22 2.40 -11.83
CA PRO B 217 0.61 2.88 -12.94
C PRO B 217 2.14 2.75 -12.73
N ARG B 218 2.83 2.52 -13.87
CA ARG B 218 4.22 2.10 -13.88
C ARG B 218 5.03 3.08 -14.73
N HIS B 219 6.33 3.18 -14.40
CA HIS B 219 7.22 4.23 -14.86
C HIS B 219 8.64 3.70 -15.09
N THR B 220 8.77 2.45 -15.58
CA THR B 220 10.04 1.73 -15.47
C THR B 220 10.63 1.51 -16.87
N GLY B 221 11.91 1.90 -17.02
CA GLY B 221 12.65 1.77 -18.27
C GLY B 221 13.36 0.42 -18.40
N ASP B 222 12.57 -0.65 -18.61
CA ASP B 222 13.06 -2.02 -18.49
C ASP B 222 13.46 -2.54 -19.87
N PHE B 223 14.70 -2.21 -20.25
CA PHE B 223 15.32 -2.65 -21.49
C PHE B 223 16.85 -2.64 -21.37
N SER B 224 17.49 -3.38 -22.28
CA SER B 224 18.93 -3.53 -22.40
C SER B 224 19.24 -4.21 -23.72
N PHE B 225 20.50 -4.09 -24.14
CA PHE B 225 20.92 -4.60 -25.45
C PHE B 225 22.07 -5.60 -25.28
N TYR B 226 21.95 -6.73 -25.97
CA TYR B 226 22.98 -7.74 -26.13
C TYR B 226 23.48 -7.72 -27.57
N ARG B 227 24.63 -8.38 -27.81
CA ARG B 227 25.08 -8.70 -29.15
C ARG B 227 25.52 -10.16 -29.23
N ALA B 228 25.00 -10.84 -30.25
CA ALA B 228 25.29 -12.25 -30.46
C ALA B 228 26.53 -12.38 -31.33
N TYR B 229 27.44 -13.29 -30.93
CA TYR B 229 28.69 -13.55 -31.64
C TYR B 229 28.79 -15.02 -32.07
N VAL B 230 29.44 -15.23 -33.21
CA VAL B 230 29.87 -16.54 -33.68
C VAL B 230 31.37 -16.47 -33.98
N GLY B 231 32.00 -17.65 -34.13
CA GLY B 231 33.36 -17.74 -34.63
C GLY B 231 33.46 -17.21 -36.07
N LYS B 232 34.66 -17.29 -36.66
CA LYS B 232 34.90 -16.79 -38.02
C LYS B 232 34.43 -17.79 -39.09
N ASP B 233 34.10 -19.03 -38.71
CA ASP B 233 33.48 -19.98 -39.62
C ASP B 233 32.01 -19.65 -39.87
N GLY B 234 31.42 -18.76 -39.05
CA GLY B 234 29.98 -18.50 -39.04
C GLY B 234 29.23 -19.45 -38.08
N LYS B 235 30.00 -20.28 -37.35
CA LYS B 235 29.52 -21.34 -36.49
C LYS B 235 29.54 -20.84 -35.05
N PRO B 236 28.60 -21.27 -34.17
CA PRO B 236 28.65 -20.90 -32.75
C PRO B 236 29.92 -21.39 -32.03
N ALA B 237 30.55 -20.48 -31.27
CA ALA B 237 31.72 -20.78 -30.48
C ALA B 237 31.61 -20.03 -29.15
N ALA B 238 32.22 -20.56 -28.08
CA ALA B 238 32.29 -19.87 -26.79
C ALA B 238 33.14 -18.61 -26.94
N PHE B 239 33.20 -17.79 -25.88
CA PHE B 239 33.93 -16.53 -25.91
C PHE B 239 35.34 -16.73 -26.46
N ALA B 240 35.60 -16.11 -27.62
CA ALA B 240 36.94 -15.79 -28.11
C ALA B 240 36.92 -14.33 -28.57
N ALA B 241 38.04 -13.61 -28.40
CA ALA B 241 38.16 -12.25 -28.91
C ALA B 241 38.25 -12.26 -30.45
N ASP B 242 38.41 -13.44 -31.06
CA ASP B 242 38.44 -13.65 -32.51
C ASP B 242 37.04 -13.66 -33.13
N ASN B 243 36.02 -13.88 -32.29
CA ASN B 243 34.66 -14.14 -32.77
C ASN B 243 34.07 -12.84 -33.36
N VAL B 244 33.16 -13.02 -34.31
CA VAL B 244 32.59 -11.87 -35.00
C VAL B 244 31.07 -11.88 -34.80
N PRO B 245 30.39 -10.72 -34.86
CA PRO B 245 28.95 -10.69 -34.67
C PRO B 245 28.26 -11.69 -35.59
N TYR B 246 27.26 -12.36 -35.07
CA TYR B 246 26.36 -13.16 -35.86
C TYR B 246 25.66 -12.21 -36.82
N GLN B 247 25.32 -12.73 -37.99
CA GLN B 247 24.50 -11.98 -38.94
C GLN B 247 23.15 -12.69 -38.98
N PRO B 248 22.10 -12.05 -38.39
CA PRO B 248 20.75 -12.61 -38.47
C PRO B 248 20.24 -12.54 -39.89
N LYS B 249 19.45 -13.55 -40.29
CA LYS B 249 18.63 -13.50 -41.47
C LYS B 249 17.57 -12.39 -41.33
N HIS B 250 16.90 -12.31 -40.17
CA HIS B 250 15.76 -11.42 -39.97
C HIS B 250 15.92 -10.64 -38.67
N PHE B 251 15.51 -9.36 -38.69
CA PHE B 251 15.49 -8.53 -37.50
C PHE B 251 14.28 -7.60 -37.56
N LEU B 252 13.96 -6.94 -36.43
CA LEU B 252 12.78 -6.10 -36.30
C LEU B 252 13.16 -4.64 -36.50
N LYS B 253 12.26 -3.89 -37.11
CA LYS B 253 12.43 -2.45 -37.18
C LYS B 253 11.53 -1.82 -36.13
N PHE B 254 12.01 -0.74 -35.50
CA PHE B 254 11.20 0.14 -34.67
C PHE B 254 10.05 0.72 -35.50
N ALA B 255 8.90 0.91 -34.85
CA ALA B 255 7.72 1.55 -35.45
C ALA B 255 8.03 2.99 -35.83
N ASP B 256 7.52 3.40 -37.00
CA ASP B 256 7.36 4.80 -37.36
C ASP B 256 5.98 5.26 -36.90
N GLN B 257 4.97 4.38 -37.03
CA GLN B 257 3.59 4.68 -36.64
C GLN B 257 3.50 4.81 -35.11
N PRO B 258 2.96 5.94 -34.61
CA PRO B 258 2.86 6.16 -33.16
C PRO B 258 1.72 5.31 -32.58
N LEU B 259 2.05 4.62 -31.49
CA LEU B 259 1.11 3.74 -30.82
C LEU B 259 0.12 4.59 -30.02
N GLY B 260 -1.18 4.32 -30.22
CA GLY B 260 -2.21 4.99 -29.45
C GLY B 260 -3.22 3.97 -28.93
N ALA B 261 -4.08 4.44 -28.00
CA ALA B 261 -5.16 3.67 -27.40
C ALA B 261 -6.05 3.04 -28.47
N ASP B 262 -6.44 1.76 -28.24
CA ASP B 262 -7.29 0.93 -29.09
C ASP B 262 -6.47 0.20 -30.17
N ASP B 263 -5.21 0.63 -30.41
CA ASP B 263 -4.39 -0.01 -31.42
C ASP B 263 -4.19 -1.49 -31.07
N PHE B 264 -4.29 -2.33 -32.11
CA PHE B 264 -3.96 -3.74 -32.05
C PHE B 264 -2.49 -3.93 -31.68
N VAL B 265 -2.22 -4.81 -30.69
CA VAL B 265 -0.86 -5.22 -30.35
C VAL B 265 -0.84 -6.74 -30.25
N MET B 266 0.35 -7.31 -30.51
CA MET B 266 0.56 -8.73 -30.36
C MET B 266 1.97 -8.95 -29.82
N VAL B 267 2.14 -10.11 -29.20
CA VAL B 267 3.41 -10.56 -28.64
C VAL B 267 3.62 -12.00 -29.06
N ALA B 268 4.88 -12.31 -29.35
CA ALA B 268 5.33 -13.68 -29.50
C ALA B 268 6.51 -13.90 -28.55
N GLY B 269 6.49 -15.03 -27.85
CA GLY B 269 7.49 -15.24 -26.82
C GLY B 269 7.43 -16.64 -26.24
N TYR B 270 8.20 -16.84 -25.17
CA TYR B 270 8.40 -18.15 -24.58
C TYR B 270 7.88 -18.16 -23.14
N PRO B 271 6.54 -18.21 -22.93
CA PRO B 271 5.96 -18.34 -21.60
C PRO B 271 6.31 -19.71 -21.02
N GLY B 272 6.65 -19.72 -19.71
CA GLY B 272 7.18 -20.88 -19.02
C GLY B 272 6.11 -21.87 -18.59
N ARG B 273 5.26 -21.49 -17.62
CA ARG B 273 4.29 -22.40 -17.00
C ARG B 273 2.98 -21.69 -16.68
N THR B 274 1.85 -22.36 -16.96
CA THR B 274 0.55 -21.96 -16.42
C THR B 274 -0.10 -23.19 -15.83
N ASN B 275 -1.08 -22.99 -14.94
CA ASN B 275 -1.68 -24.07 -14.16
C ASN B 275 -3.20 -24.01 -14.28
N ARG B 276 -3.68 -23.38 -15.35
CA ARG B 276 -5.10 -23.31 -15.62
C ARG B 276 -5.76 -24.68 -15.71
N TYR B 277 -5.01 -25.77 -15.90
CA TYR B 277 -5.63 -27.09 -16.07
C TYR B 277 -5.31 -27.96 -14.86
N ALA B 278 -4.97 -27.31 -13.76
CA ALA B 278 -4.71 -27.99 -12.49
C ALA B 278 -6.01 -28.56 -11.94
N LEU B 279 -5.89 -29.72 -11.28
CA LEU B 279 -6.94 -30.28 -10.45
C LEU B 279 -7.28 -29.32 -9.30
N ALA B 280 -8.49 -29.50 -8.74
CA ALA B 280 -9.02 -28.58 -7.76
C ALA B 280 -8.24 -28.68 -6.45
N GLY B 281 -7.72 -29.88 -6.16
CA GLY B 281 -6.90 -30.13 -4.97
C GLY B 281 -5.46 -29.62 -5.12
N GLU B 282 -4.90 -29.71 -6.34
CA GLU B 282 -3.64 -29.09 -6.70
C GLU B 282 -3.65 -27.61 -6.30
N PHE B 283 -4.71 -26.92 -6.75
CA PHE B 283 -4.94 -25.52 -6.49
C PHE B 283 -5.08 -25.25 -4.99
N ASN B 284 -5.92 -26.06 -4.33
CA ASN B 284 -6.30 -25.86 -2.95
C ASN B 284 -5.04 -25.89 -2.06
N GLU B 285 -4.06 -26.71 -2.47
CA GLU B 285 -2.83 -26.89 -1.72
C GLU B 285 -1.79 -25.82 -2.02
N THR B 286 -1.77 -25.32 -3.26
CA THR B 286 -0.90 -24.23 -3.64
C THR B 286 -1.30 -22.99 -2.85
N ALA B 287 -2.63 -22.78 -2.77
CA ALA B 287 -3.23 -21.58 -2.20
C ALA B 287 -3.09 -21.58 -0.68
N SER B 288 -3.39 -22.74 -0.06
CA SER B 288 -3.42 -22.87 1.38
C SER B 288 -2.03 -23.13 1.96
N PHE B 289 -1.12 -23.77 1.22
CA PHE B 289 0.17 -24.14 1.79
C PHE B 289 1.35 -23.47 1.07
N THR B 290 1.55 -23.82 -0.21
CA THR B 290 2.78 -23.51 -0.93
C THR B 290 3.04 -22.00 -0.95
N TYR B 291 2.08 -21.24 -1.48
CA TYR B 291 2.32 -19.82 -1.68
C TYR B 291 2.53 -19.10 -0.35
N PRO B 292 1.68 -19.27 0.70
CA PRO B 292 1.87 -18.57 1.97
C PRO B 292 3.17 -18.98 2.68
N THR B 293 3.49 -20.27 2.66
CA THR B 293 4.73 -20.75 3.25
C THR B 293 5.95 -20.13 2.57
N ILE B 294 6.01 -20.16 1.21
CA ILE B 294 7.18 -19.66 0.49
C ILE B 294 7.29 -18.15 0.70
N ALA B 295 6.16 -17.46 0.70
CA ALA B 295 6.16 -16.02 0.91
C ALA B 295 6.69 -15.62 2.29
N LYS B 296 6.28 -16.35 3.33
CA LYS B 296 6.75 -16.09 4.70
C LYS B 296 8.27 -16.24 4.76
N HIS B 297 8.79 -17.37 4.26
CA HIS B 297 10.18 -17.75 4.47
C HIS B 297 11.12 -16.90 3.59
N TYR B 298 10.68 -16.61 2.36
CA TYR B 298 11.44 -15.75 1.47
C TYR B 298 11.54 -14.34 2.07
N ASN B 299 10.50 -13.85 2.74
CA ASN B 299 10.58 -12.52 3.30
C ASN B 299 11.57 -12.50 4.49
N ALA B 300 11.69 -13.62 5.21
CA ALA B 300 12.56 -13.68 6.38
C ALA B 300 14.00 -13.55 5.89
N VAL B 301 14.27 -14.33 4.85
CA VAL B 301 15.58 -14.43 4.22
C VAL B 301 15.93 -13.13 3.51
N LEU B 302 14.95 -12.48 2.89
CA LEU B 302 15.24 -11.21 2.25
C LEU B 302 15.78 -10.22 3.27
N LYS B 303 15.31 -10.28 4.53
CA LYS B 303 15.66 -9.25 5.51
C LYS B 303 17.06 -9.54 6.06
N MET B 304 17.33 -10.82 6.31
CA MET B 304 18.69 -11.29 6.54
C MET B 304 19.65 -10.75 5.48
N ILE B 305 19.36 -10.97 4.18
CA ILE B 305 20.25 -10.56 3.08
C ILE B 305 20.41 -9.04 3.01
N ALA B 306 19.34 -8.27 3.22
CA ALA B 306 19.42 -6.82 3.13
C ALA B 306 20.32 -6.26 4.25
N ASP B 307 20.38 -6.96 5.37
CA ASP B 307 21.09 -6.51 6.56
C ASP B 307 22.59 -6.82 6.44
N ALA B 308 22.90 -8.05 6.02
CA ALA B 308 24.24 -8.42 5.60
C ALA B 308 24.74 -7.55 4.45
N GLY B 309 23.82 -7.08 3.58
CA GLY B 309 24.16 -6.27 2.42
C GLY B 309 24.59 -4.85 2.81
N LYS B 310 23.92 -4.32 3.84
CA LYS B 310 24.23 -3.02 4.39
C LYS B 310 25.59 -3.06 5.11
N ALA B 311 25.98 -4.23 5.61
CA ALA B 311 27.25 -4.38 6.33
C ALA B 311 28.40 -4.45 5.33
N ASP B 312 28.35 -5.45 4.43
CA ASP B 312 29.41 -5.71 3.46
C ASP B 312 28.88 -5.42 2.06
N ALA B 313 29.39 -4.34 1.44
CA ALA B 313 29.05 -3.98 0.08
C ALA B 313 29.40 -5.10 -0.91
N ASP B 314 30.36 -5.95 -0.53
CA ASP B 314 30.73 -7.11 -1.31
C ASP B 314 29.54 -8.08 -1.38
N VAL B 315 28.88 -8.29 -0.23
CA VAL B 315 27.75 -9.21 -0.13
C VAL B 315 26.57 -8.65 -0.92
N LYS B 316 26.42 -7.32 -0.88
CA LYS B 316 25.28 -6.68 -1.52
C LYS B 316 25.33 -6.96 -3.01
N VAL B 317 26.54 -6.90 -3.58
CA VAL B 317 26.67 -6.99 -5.02
C VAL B 317 26.58 -8.44 -5.46
N LYS B 318 27.17 -9.34 -4.68
CA LYS B 318 27.33 -10.71 -5.13
C LYS B 318 25.98 -11.43 -5.05
N TYR B 319 25.07 -10.91 -4.20
CA TYR B 319 23.78 -11.54 -3.93
C TYR B 319 22.63 -10.70 -4.50
N ALA B 320 22.87 -9.86 -5.51
CA ALA B 320 21.89 -8.89 -5.99
C ALA B 320 20.83 -9.55 -6.86
N ALA B 321 21.25 -10.52 -7.66
CA ALA B 321 20.38 -11.31 -8.50
C ALA B 321 19.51 -12.24 -7.67
N THR B 322 20.01 -12.69 -6.52
CA THR B 322 19.22 -13.57 -5.66
C THR B 322 18.08 -12.77 -5.01
N ALA B 323 18.45 -11.67 -4.37
CA ALA B 323 17.49 -10.79 -3.72
C ALA B 323 16.35 -10.43 -4.67
N ALA B 324 16.68 -9.91 -5.85
CA ALA B 324 15.72 -9.43 -6.84
C ALA B 324 14.76 -10.55 -7.28
N SER B 325 15.34 -11.72 -7.51
CA SER B 325 14.56 -12.87 -7.91
C SER B 325 13.62 -13.29 -6.78
N MET B 326 14.14 -13.29 -5.54
CA MET B 326 13.34 -13.73 -4.39
C MET B 326 12.22 -12.74 -4.07
N ASN B 327 12.50 -11.44 -4.20
CA ASN B 327 11.51 -10.38 -4.07
C ASN B 327 10.38 -10.52 -5.08
N ASN B 328 10.73 -10.80 -6.34
CA ASN B 328 9.74 -10.90 -7.41
C ASN B 328 8.81 -12.07 -7.07
N VAL B 329 9.38 -13.24 -6.77
CA VAL B 329 8.56 -14.41 -6.44
C VAL B 329 7.68 -14.11 -5.23
N ALA B 330 8.27 -13.50 -4.19
CA ALA B 330 7.58 -13.30 -2.92
C ALA B 330 6.36 -12.38 -3.10
N LYS B 331 6.55 -11.24 -3.75
CA LYS B 331 5.46 -10.32 -4.01
C LYS B 331 4.43 -10.94 -4.97
N ASN B 332 4.87 -11.75 -5.94
CA ASN B 332 3.97 -12.41 -6.87
C ASN B 332 3.00 -13.33 -6.12
N TYR B 333 3.52 -14.13 -5.20
CA TYR B 333 2.70 -15.05 -4.42
C TYR B 333 1.69 -14.28 -3.56
N LEU B 334 2.11 -13.20 -2.89
CA LEU B 334 1.17 -12.39 -2.13
C LEU B 334 0.03 -11.95 -3.05
N GLY B 335 0.38 -11.59 -4.30
CA GLY B 335 -0.58 -11.07 -5.26
C GLY B 335 -1.62 -12.12 -5.68
N GLN B 336 -1.18 -13.36 -5.87
CA GLN B 336 -2.09 -14.38 -6.38
C GLN B 336 -3.14 -14.70 -5.31
N LEU B 337 -2.70 -14.75 -4.03
CA LEU B 337 -3.59 -15.04 -2.91
C LEU B 337 -4.71 -14.01 -2.82
N GLU B 338 -4.40 -12.73 -3.06
CA GLU B 338 -5.42 -11.69 -3.07
C GLU B 338 -6.32 -11.84 -4.29
N GLY B 339 -5.76 -12.23 -5.43
CA GLY B 339 -6.56 -12.56 -6.60
C GLY B 339 -7.58 -13.67 -6.32
N PHE B 340 -7.12 -14.72 -5.63
CA PHE B 340 -7.93 -15.89 -5.34
C PHE B 340 -9.21 -15.49 -4.60
N LYS B 341 -9.08 -14.59 -3.62
CA LYS B 341 -10.21 -14.07 -2.87
C LYS B 341 -11.03 -13.10 -3.73
N ARG B 342 -10.39 -12.28 -4.59
CA ARG B 342 -11.11 -11.34 -5.42
C ARG B 342 -11.95 -12.03 -6.51
N ILE B 343 -11.66 -13.27 -6.95
CA ILE B 343 -12.49 -13.89 -7.98
C ILE B 343 -13.17 -15.19 -7.52
N ASP B 344 -13.06 -15.52 -6.22
CA ASP B 344 -13.37 -16.86 -5.71
C ASP B 344 -12.79 -17.95 -6.63
N ALA B 345 -11.45 -17.95 -6.74
CA ALA B 345 -10.75 -18.98 -7.49
C ALA B 345 -11.20 -20.36 -7.01
N ALA B 346 -11.23 -20.56 -5.68
CA ALA B 346 -11.49 -21.87 -5.10
C ALA B 346 -12.85 -22.42 -5.57
N GLY B 347 -13.83 -21.52 -5.68
CA GLY B 347 -15.19 -21.91 -6.04
C GLY B 347 -15.34 -22.19 -7.54
N GLN B 348 -14.54 -21.49 -8.37
CA GLN B 348 -14.57 -21.67 -9.82
C GLN B 348 -13.89 -22.98 -10.21
N LYS B 349 -12.77 -23.30 -9.56
CA LYS B 349 -12.08 -24.56 -9.79
C LYS B 349 -12.97 -25.73 -9.40
N GLN B 350 -13.59 -25.64 -8.20
CA GLN B 350 -14.46 -26.67 -7.71
C GLN B 350 -15.63 -26.89 -8.68
N ALA B 351 -16.14 -25.79 -9.27
CA ALA B 351 -17.35 -25.84 -10.04
C ALA B 351 -17.05 -26.51 -11.39
N GLU B 352 -15.86 -26.25 -11.93
CA GLU B 352 -15.50 -26.78 -13.24
C GLU B 352 -15.13 -28.26 -13.11
N GLU B 353 -14.47 -28.62 -11.99
CA GLU B 353 -14.16 -30.02 -11.70
C GLU B 353 -15.46 -30.82 -11.55
N ALA B 354 -16.39 -30.33 -10.73
CA ALA B 354 -17.64 -31.02 -10.48
C ALA B 354 -18.43 -31.22 -11.78
N ALA B 355 -18.48 -30.17 -12.62
CA ALA B 355 -19.15 -30.16 -13.90
C ALA B 355 -18.53 -31.18 -14.88
N VAL B 356 -17.20 -31.29 -14.90
CA VAL B 356 -16.53 -32.25 -15.75
C VAL B 356 -16.86 -33.63 -15.22
N LEU B 357 -16.64 -33.85 -13.92
CA LEU B 357 -16.84 -35.17 -13.33
C LEU B 357 -18.25 -35.68 -13.65
N ALA B 358 -19.22 -34.78 -13.79
CA ALA B 358 -20.62 -35.13 -14.00
C ALA B 358 -20.92 -35.32 -15.49
N TRP B 359 -20.33 -34.47 -16.36
CA TRP B 359 -20.38 -34.63 -17.80
C TRP B 359 -19.82 -36.00 -18.21
N LEU B 360 -18.84 -36.51 -17.45
CA LEU B 360 -18.24 -37.83 -17.70
C LEU B 360 -19.14 -38.96 -17.21
N LYS B 361 -19.79 -38.78 -16.04
CA LYS B 361 -20.53 -39.85 -15.39
C LYS B 361 -21.63 -40.38 -16.31
N LYS B 362 -22.09 -39.56 -17.28
CA LYS B 362 -23.03 -40.03 -18.29
C LYS B 362 -22.54 -39.74 -19.71
N GLN B 363 -21.26 -40.04 -19.99
CA GLN B 363 -20.81 -40.29 -21.36
C GLN B 363 -20.77 -41.80 -21.58
N GLY B 364 -20.99 -42.56 -20.49
CA GLY B 364 -20.99 -44.01 -20.56
C GLY B 364 -19.57 -44.56 -20.55
N ALA B 365 -19.15 -45.10 -21.70
CA ALA B 365 -17.85 -45.73 -21.89
C ALA B 365 -16.79 -44.70 -22.29
N ALA B 366 -17.22 -43.61 -22.95
CA ALA B 366 -16.33 -42.53 -23.37
C ALA B 366 -15.75 -41.74 -22.18
N GLY B 367 -16.10 -42.13 -20.93
CA GLY B 367 -15.85 -41.31 -19.76
C GLY B 367 -15.27 -42.09 -18.57
N LYS B 368 -15.38 -43.43 -18.58
CA LYS B 368 -14.85 -44.27 -17.52
C LYS B 368 -13.33 -44.15 -17.41
N PRO B 369 -12.56 -44.06 -18.53
CA PRO B 369 -11.09 -43.96 -18.46
C PRO B 369 -10.56 -42.73 -17.75
N ALA B 370 -11.20 -41.59 -18.04
CA ALA B 370 -10.89 -40.28 -17.47
C ALA B 370 -11.16 -40.22 -15.96
N LEU B 371 -12.19 -40.94 -15.49
CA LEU B 371 -12.56 -40.94 -14.09
C LEU B 371 -11.54 -41.74 -13.29
N ALA B 372 -11.06 -42.84 -13.85
CA ALA B 372 -10.01 -43.62 -13.22
C ALA B 372 -8.75 -42.77 -13.00
N ALA B 373 -8.48 -41.90 -13.99
CA ALA B 373 -7.26 -41.10 -14.07
C ALA B 373 -7.27 -39.98 -13.04
N HIS B 374 -8.39 -39.24 -12.95
CA HIS B 374 -8.65 -38.32 -11.85
C HIS B 374 -8.29 -38.96 -10.51
N ALA B 375 -8.89 -40.14 -10.21
CA ALA B 375 -8.64 -40.84 -8.96
C ALA B 375 -7.13 -41.08 -8.75
N GLN B 376 -6.42 -41.45 -9.83
CA GLN B 376 -5.00 -41.75 -9.72
C GLN B 376 -4.22 -40.48 -9.36
N LEU B 377 -4.63 -39.33 -9.92
CA LEU B 377 -3.92 -38.08 -9.70
C LEU B 377 -4.08 -37.62 -8.25
N LEU B 378 -5.23 -37.95 -7.64
CA LEU B 378 -5.52 -37.46 -6.30
C LEU B 378 -4.61 -38.12 -5.27
N LYS B 379 -4.12 -39.33 -5.59
CA LYS B 379 -3.23 -40.08 -4.71
C LYS B 379 -1.85 -39.43 -4.71
N HIS B 380 -1.40 -38.95 -5.88
CA HIS B 380 -0.11 -38.29 -6.01
C HIS B 380 -0.03 -37.12 -5.04
N LEU B 381 -1.17 -36.43 -4.88
CA LEU B 381 -1.26 -35.25 -4.05
C LEU B 381 -1.24 -35.63 -2.56
N ASP B 382 -1.88 -36.74 -2.19
CA ASP B 382 -1.96 -37.19 -0.81
C ASP B 382 -0.58 -37.61 -0.27
N THR B 383 0.27 -38.17 -1.14
CA THR B 383 1.62 -38.60 -0.76
C THR B 383 2.54 -37.41 -0.57
N SER B 384 2.30 -36.33 -1.33
CA SER B 384 3.17 -35.16 -1.33
C SER B 384 2.84 -34.24 -0.16
N LYS B 385 1.68 -34.44 0.49
CA LYS B 385 1.26 -33.66 1.65
C LYS B 385 2.03 -34.07 2.90
N SER B 386 2.18 -35.39 3.08
CA SER B 386 2.83 -35.97 4.24
C SER B 386 4.21 -35.35 4.48
N THR B 387 4.95 -35.06 3.39
CA THR B 387 6.36 -34.76 3.48
C THR B 387 6.66 -33.28 3.18
N ARG B 388 5.62 -32.45 2.98
CA ARG B 388 5.75 -31.21 2.22
C ARG B 388 6.63 -30.15 2.90
N GLU B 389 6.62 -30.08 4.23
CA GLU B 389 7.32 -29.06 4.99
C GLU B 389 8.81 -29.38 5.09
N ARG B 390 9.13 -30.66 5.22
CA ARG B 390 10.51 -31.14 5.25
C ARG B 390 11.14 -31.04 3.86
N ASP B 391 10.34 -31.40 2.84
CA ASP B 391 10.80 -31.43 1.46
C ASP B 391 11.28 -30.04 1.10
N LEU B 392 10.58 -29.03 1.60
CA LEU B 392 10.87 -27.64 1.28
C LEU B 392 12.15 -27.20 2.00
N PHE B 393 12.27 -27.50 3.30
CA PHE B 393 13.41 -27.04 4.07
C PHE B 393 14.68 -27.82 3.69
N VAL B 394 14.58 -29.14 3.41
CA VAL B 394 15.72 -29.95 3.01
C VAL B 394 16.14 -29.58 1.57
N GLY B 395 15.15 -29.37 0.70
CA GLY B 395 15.41 -28.89 -0.66
C GLY B 395 16.17 -27.57 -0.66
N GLN B 396 15.74 -26.62 0.17
CA GLN B 396 16.35 -25.31 0.23
C GLN B 396 17.76 -25.41 0.82
N PHE B 397 17.96 -26.34 1.74
CA PHE B 397 19.25 -26.50 2.39
C PHE B 397 20.25 -27.05 1.37
N ASN B 398 19.79 -28.06 0.63
CA ASN B 398 20.57 -28.78 -0.36
C ASN B 398 20.76 -27.93 -1.64
N ASN B 399 20.19 -26.71 -1.69
CA ASN B 399 20.48 -25.80 -2.79
C ASN B 399 21.23 -24.55 -2.33
N THR B 400 21.71 -24.52 -1.09
CA THR B 400 22.70 -23.52 -0.69
C THR B 400 23.97 -23.78 -1.50
N SER B 401 24.78 -22.73 -1.67
CA SER B 401 25.79 -22.71 -2.72
C SER B 401 26.80 -23.86 -2.57
N ALA B 402 27.43 -23.98 -1.41
CA ALA B 402 28.47 -24.98 -1.20
C ALA B 402 27.92 -26.40 -1.27
N VAL B 403 26.78 -26.65 -0.60
CA VAL B 403 26.20 -27.98 -0.52
C VAL B 403 25.68 -28.37 -1.91
N GLY B 404 25.06 -27.40 -2.59
CA GLY B 404 24.48 -27.61 -3.91
C GLY B 404 25.54 -28.05 -4.92
N ALA B 405 26.69 -27.38 -4.83
CA ALA B 405 27.87 -27.69 -5.64
C ALA B 405 28.32 -29.13 -5.37
N ALA B 406 28.43 -29.49 -4.09
CA ALA B 406 28.97 -30.79 -3.69
C ALA B 406 28.08 -31.90 -4.24
N ILE B 407 26.77 -31.68 -4.12
CA ILE B 407 25.78 -32.63 -4.62
C ILE B 407 25.90 -32.75 -6.14
N THR B 408 26.07 -31.61 -6.84
CA THR B 408 26.01 -31.60 -8.30
C THR B 408 27.24 -32.30 -8.87
N LEU B 409 28.41 -31.97 -8.31
CA LEU B 409 29.71 -32.51 -8.71
C LEU B 409 29.82 -34.02 -8.46
N TYR B 410 29.42 -34.46 -7.25
CA TYR B 410 29.41 -35.88 -6.91
C TYR B 410 28.44 -36.66 -7.82
N ARG B 411 27.23 -36.14 -8.00
CA ARG B 411 26.25 -36.75 -8.88
C ARG B 411 26.84 -36.97 -10.27
N LEU B 412 27.66 -36.00 -10.73
CA LEU B 412 28.14 -36.00 -12.10
C LEU B 412 29.19 -37.10 -12.32
N SER B 413 30.03 -37.31 -11.30
CA SER B 413 31.04 -38.37 -11.32
C SER B 413 30.37 -39.73 -11.27
N ILE B 414 29.27 -39.85 -10.52
CA ILE B 414 28.48 -41.07 -10.56
C ILE B 414 28.00 -41.32 -11.99
N GLU B 415 27.57 -40.25 -12.67
CA GLU B 415 26.97 -40.38 -13.99
C GLU B 415 28.04 -40.65 -15.06
N ARG B 416 29.27 -40.16 -14.86
CA ARG B 416 30.34 -40.36 -15.83
C ARG B 416 30.67 -41.84 -16.04
N SER B 417 30.64 -42.65 -14.97
CA SER B 417 30.80 -44.09 -15.03
C SER B 417 30.00 -44.72 -16.18
N LYS B 418 28.75 -44.27 -16.35
CA LYS B 418 27.81 -44.87 -17.29
C LYS B 418 28.08 -44.32 -18.69
N PRO B 419 27.73 -45.04 -19.77
CA PRO B 419 27.83 -44.50 -21.12
C PRO B 419 26.81 -43.37 -21.28
N ASP B 420 26.93 -42.59 -22.35
CA ASP B 420 26.31 -41.27 -22.40
C ASP B 420 24.78 -41.37 -22.44
N ALA B 421 24.24 -42.34 -23.20
CA ALA B 421 22.80 -42.46 -23.39
C ALA B 421 22.11 -42.92 -22.10
N GLU B 422 22.88 -43.44 -21.15
CA GLU B 422 22.34 -44.05 -19.95
C GLU B 422 22.45 -43.08 -18.77
N ARG B 423 22.85 -41.83 -19.04
CA ARG B 423 23.02 -40.83 -17.99
C ARG B 423 21.75 -40.01 -17.78
N GLU B 424 21.55 -39.59 -16.54
CA GLU B 424 20.43 -38.75 -16.14
C GLU B 424 20.48 -37.43 -16.92
N ALA B 425 19.40 -37.15 -17.66
CA ALA B 425 19.20 -35.84 -18.28
C ALA B 425 19.77 -34.75 -17.37
N GLY B 426 20.52 -33.82 -17.96
CA GLY B 426 21.17 -32.76 -17.20
C GLY B 426 22.57 -33.17 -16.74
N TYR B 427 22.97 -34.42 -17.00
CA TYR B 427 24.25 -34.93 -16.54
C TYR B 427 25.01 -35.59 -17.69
N GLN B 428 24.61 -35.29 -18.94
CA GLN B 428 25.20 -35.89 -20.14
C GLN B 428 26.32 -35.01 -20.71
N GLU B 429 26.90 -35.41 -21.85
CA GLU B 429 28.01 -34.70 -22.44
C GLU B 429 27.57 -33.26 -22.75
N ARG B 430 26.44 -33.17 -23.47
CA ARG B 430 25.82 -31.92 -23.90
C ARG B 430 25.57 -30.92 -22.76
N ASP B 431 25.42 -31.41 -21.53
CA ASP B 431 25.08 -30.60 -20.37
C ASP B 431 26.34 -30.18 -19.60
N LEU B 432 27.55 -30.61 -20.02
CA LEU B 432 28.79 -30.41 -19.27
C LEU B 432 29.19 -28.93 -19.25
N THR B 433 29.00 -28.29 -20.40
CA THR B 433 29.40 -26.92 -20.65
C THR B 433 28.60 -25.99 -19.72
N THR B 434 27.31 -26.32 -19.52
CA THR B 434 26.42 -25.62 -18.60
C THR B 434 26.92 -25.77 -17.16
N ILE B 435 27.01 -27.02 -16.70
CA ILE B 435 27.52 -27.34 -15.38
C ILE B 435 28.81 -26.56 -15.08
N GLU B 436 29.76 -26.54 -16.03
CA GLU B 436 31.04 -25.86 -15.85
C GLU B 436 30.84 -24.35 -15.76
N GLY B 437 29.81 -23.84 -16.47
CA GLY B 437 29.46 -22.42 -16.43
C GLY B 437 28.93 -21.98 -15.08
N GLY B 438 28.03 -22.80 -14.49
CA GLY B 438 27.44 -22.57 -13.17
C GLY B 438 28.50 -22.36 -12.09
N LEU B 439 29.59 -23.11 -12.19
CA LEU B 439 30.63 -23.10 -11.18
C LEU B 439 31.51 -21.87 -11.31
N LYS B 440 31.61 -21.33 -12.53
CA LYS B 440 32.31 -20.07 -12.79
C LYS B 440 31.46 -18.89 -12.34
N GLN B 441 30.15 -18.96 -12.60
CA GLN B 441 29.24 -17.86 -12.31
C GLN B 441 29.07 -17.70 -10.80
N MET B 442 29.09 -18.84 -10.08
CA MET B 442 29.00 -18.87 -8.63
C MET B 442 30.11 -18.03 -7.97
N ASP B 443 31.23 -17.83 -8.67
CA ASP B 443 32.36 -17.05 -8.16
C ASP B 443 31.93 -15.62 -7.83
N ARG B 444 31.11 -15.02 -8.71
CA ARG B 444 30.66 -13.65 -8.55
C ARG B 444 29.37 -13.58 -7.73
N ARG B 445 29.01 -14.68 -7.04
CA ARG B 445 27.71 -14.85 -6.41
C ARG B 445 27.83 -15.75 -5.19
N TYR B 446 28.80 -15.47 -4.32
CA TYR B 446 29.00 -16.34 -3.17
C TYR B 446 29.89 -15.65 -2.14
N VAL B 447 29.50 -15.72 -0.88
CA VAL B 447 30.35 -15.23 0.21
C VAL B 447 30.11 -16.13 1.41
N ALA B 448 31.17 -16.84 1.83
CA ALA B 448 31.10 -17.83 2.89
C ALA B 448 30.11 -17.41 3.98
N LYS B 449 30.24 -16.18 4.51
CA LYS B 449 29.49 -15.82 5.72
C LYS B 449 27.99 -15.68 5.42
N MET B 450 27.63 -15.31 4.18
CA MET B 450 26.21 -15.23 3.80
C MET B 450 25.63 -16.63 3.56
N ASP B 451 26.39 -17.51 2.90
CA ASP B 451 25.97 -18.89 2.67
C ASP B 451 25.67 -19.56 4.02
N GLN B 452 26.39 -19.15 5.07
CA GLN B 452 26.28 -19.79 6.37
C GLN B 452 25.04 -19.31 7.09
N GLN B 453 24.67 -18.05 6.86
CA GLN B 453 23.40 -17.54 7.34
C GLN B 453 22.25 -18.24 6.63
N LEU B 454 22.38 -18.53 5.33
CA LEU B 454 21.33 -19.20 4.58
C LEU B 454 21.20 -20.67 5.01
N GLN B 455 22.34 -21.35 5.23
CA GLN B 455 22.40 -22.70 5.81
C GLN B 455 21.74 -22.71 7.19
N THR B 456 22.08 -21.73 8.04
CA THR B 456 21.50 -21.61 9.37
C THR B 456 19.98 -21.47 9.26
N TYR B 457 19.52 -20.54 8.43
CA TYR B 457 18.09 -20.26 8.32
C TYR B 457 17.31 -21.55 8.04
N TRP B 458 17.67 -22.30 6.99
CA TRP B 458 16.85 -23.43 6.58
C TRP B 458 16.93 -24.55 7.60
N LEU B 459 18.02 -24.57 8.36
CA LEU B 459 18.20 -25.59 9.38
C LEU B 459 17.41 -25.24 10.63
N ASP B 460 17.32 -23.94 10.95
CA ASP B 460 16.47 -23.50 12.05
C ASP B 460 15.02 -23.90 11.78
N GLN B 461 14.60 -23.94 10.50
CA GLN B 461 13.23 -24.30 10.13
C GLN B 461 13.02 -25.81 10.20
N TYR B 462 14.08 -26.61 9.98
CA TYR B 462 13.95 -28.05 10.03
C TYR B 462 13.84 -28.53 11.49
N VAL B 463 14.64 -27.96 12.39
CA VAL B 463 14.70 -28.42 13.77
C VAL B 463 13.47 -27.96 14.54
N ALA B 464 12.79 -26.92 14.03
CA ALA B 464 11.56 -26.42 14.62
C ALA B 464 10.36 -27.30 14.22
N LEU B 465 10.51 -28.15 13.20
CA LEU B 465 9.48 -29.12 12.86
C LEU B 465 9.21 -30.06 14.03
N PRO B 466 7.94 -30.46 14.23
CA PRO B 466 7.60 -31.54 15.17
C PRO B 466 8.35 -32.84 14.87
N ALA B 467 8.86 -33.48 15.93
CA ALA B 467 9.74 -34.64 15.87
C ALA B 467 9.29 -35.69 14.83
N ALA B 468 7.97 -35.95 14.70
CA ALA B 468 7.46 -36.94 13.76
C ALA B 468 7.95 -36.69 12.33
N GLN B 469 8.10 -35.40 11.97
CA GLN B 469 8.40 -35.00 10.59
C GLN B 469 9.90 -34.76 10.34
N ARG B 470 10.75 -34.80 11.38
CA ARG B 470 12.19 -34.70 11.24
C ARG B 470 12.80 -36.08 10.97
N ASP B 471 12.55 -36.65 9.78
CA ASP B 471 12.94 -38.01 9.45
C ASP B 471 13.82 -38.06 8.19
N ASN B 472 14.68 -37.05 8.03
CA ASN B 472 15.85 -37.15 7.16
C ASN B 472 16.98 -37.78 7.99
N GLU B 473 17.16 -39.10 7.82
CA GLU B 473 18.10 -39.86 8.64
C GLU B 473 19.46 -39.16 8.71
N VAL B 474 20.00 -38.94 7.51
CA VAL B 474 21.35 -38.44 7.31
C VAL B 474 21.55 -37.09 8.01
N LEU B 475 20.53 -36.21 7.94
CA LEU B 475 20.66 -34.84 8.42
C LEU B 475 20.60 -34.75 9.95
N ASN B 476 19.76 -35.60 10.58
CA ASN B 476 19.69 -35.66 12.05
C ASN B 476 20.99 -36.22 12.61
N LYS B 477 21.60 -37.18 11.89
CA LYS B 477 22.89 -37.75 12.25
C LYS B 477 23.96 -36.65 12.29
N TRP B 478 23.90 -35.77 11.28
CA TRP B 478 24.88 -34.69 11.13
C TRP B 478 24.55 -33.53 12.07
N LEU B 479 23.34 -33.52 12.63
CA LEU B 479 22.90 -32.43 13.48
C LEU B 479 23.33 -32.71 14.93
N ALA B 480 23.08 -33.94 15.41
CA ALA B 480 23.42 -34.37 16.77
C ALA B 480 22.67 -33.51 17.80
N GLY B 481 21.35 -33.43 17.64
CA GLY B 481 20.51 -32.55 18.42
C GLY B 481 19.36 -31.98 17.58
N SER B 482 18.75 -30.90 18.10
CA SER B 482 17.71 -30.17 17.40
C SER B 482 17.42 -28.86 18.13
N ASP B 483 18.42 -28.34 18.86
CA ASP B 483 18.35 -27.01 19.44
C ASP B 483 19.15 -26.08 18.52
N ALA B 484 19.19 -24.79 18.86
CA ALA B 484 19.81 -23.79 18.01
C ALA B 484 21.32 -24.02 17.93
N ALA B 485 21.94 -24.54 19.00
CA ALA B 485 23.39 -24.63 19.04
C ALA B 485 23.91 -25.93 18.40
N ALA B 486 23.03 -26.81 17.90
CA ALA B 486 23.44 -27.98 17.12
C ALA B 486 23.49 -27.61 15.63
N VAL B 487 22.63 -26.65 15.26
CA VAL B 487 22.68 -25.99 13.97
C VAL B 487 24.00 -25.24 13.85
N LYS B 488 24.35 -24.47 14.89
CA LYS B 488 25.56 -23.67 14.93
C LYS B 488 26.79 -24.56 14.80
N SER B 489 26.70 -25.80 15.31
CA SER B 489 27.83 -26.71 15.31
C SER B 489 28.00 -27.35 13.93
N LEU B 490 26.88 -27.62 13.24
CA LEU B 490 26.91 -28.20 11.91
C LEU B 490 27.42 -27.18 10.87
N VAL B 491 27.09 -25.90 11.05
CA VAL B 491 27.48 -24.89 10.08
C VAL B 491 28.97 -24.59 10.23
N ASN B 492 29.50 -24.71 11.46
CA ASN B 492 30.94 -24.60 11.70
C ASN B 492 31.69 -25.76 11.02
N LYS B 493 31.15 -26.97 11.15
CA LYS B 493 31.72 -28.16 10.54
C LYS B 493 31.78 -28.00 9.01
N LEU B 494 30.75 -27.38 8.41
CA LEU B 494 30.73 -27.17 6.97
C LEU B 494 31.58 -25.96 6.59
N GLY B 495 31.98 -25.13 7.57
CA GLY B 495 32.89 -24.00 7.35
C GLY B 495 34.24 -24.43 6.78
N GLY B 496 34.69 -25.64 7.10
CA GLY B 496 35.98 -26.12 6.66
C GLY B 496 35.97 -26.74 5.26
N THR B 497 35.23 -26.15 4.31
CA THR B 497 35.23 -26.63 2.93
C THR B 497 36.02 -25.67 2.04
N GLU B 498 36.55 -26.20 0.94
CA GLU B 498 37.33 -25.44 -0.03
C GLU B 498 36.51 -25.17 -1.29
N LEU B 499 35.24 -25.60 -1.31
CA LEU B 499 34.36 -25.43 -2.47
C LEU B 499 33.97 -23.96 -2.68
N GLY B 500 34.46 -23.05 -1.81
CA GLY B 500 34.37 -21.61 -2.03
C GLY B 500 35.28 -21.14 -3.16
N SER B 501 36.41 -21.83 -3.35
CA SER B 501 37.38 -21.47 -4.36
C SER B 501 36.99 -22.03 -5.73
N LEU B 502 37.16 -21.20 -6.76
CA LEU B 502 36.80 -21.57 -8.12
C LEU B 502 37.61 -22.79 -8.58
N ASP B 503 38.91 -22.80 -8.25
CA ASP B 503 39.83 -23.75 -8.84
C ASP B 503 39.63 -25.11 -8.19
N THR B 504 39.15 -25.11 -6.93
CA THR B 504 38.71 -26.34 -6.26
C THR B 504 37.44 -26.87 -6.91
N ARG B 505 36.45 -26.02 -7.20
CA ARG B 505 35.23 -26.51 -7.86
C ARG B 505 35.58 -27.11 -9.21
N LEU B 506 36.52 -26.48 -9.91
CA LEU B 506 36.88 -26.87 -11.26
C LEU B 506 37.62 -28.22 -11.25
N LYS B 507 38.37 -28.47 -10.17
CA LYS B 507 39.06 -29.74 -9.96
C LYS B 507 38.08 -30.90 -9.83
N TRP B 508 36.98 -30.70 -9.07
CA TRP B 508 35.99 -31.74 -8.79
C TRP B 508 35.10 -31.95 -10.00
N PHE B 509 34.98 -30.90 -10.83
CA PHE B 509 34.29 -31.03 -12.10
C PHE B 509 34.99 -32.11 -12.94
N LYS B 510 36.30 -32.33 -12.73
CA LYS B 510 37.06 -33.28 -13.53
C LYS B 510 37.13 -34.67 -12.88
N ALA B 511 37.33 -34.72 -11.55
CA ALA B 511 37.60 -35.96 -10.84
C ALA B 511 36.43 -36.95 -10.89
N ASP B 512 36.74 -38.20 -10.50
CA ASP B 512 35.81 -39.32 -10.63
C ASP B 512 35.32 -39.74 -9.23
N ARG B 513 34.36 -40.66 -9.25
CA ARG B 513 33.72 -41.25 -8.07
C ARG B 513 34.70 -41.42 -6.91
N ALA B 514 35.80 -42.15 -7.14
CA ALA B 514 36.68 -42.66 -6.09
C ALA B 514 37.34 -41.54 -5.27
N ALA B 515 37.58 -40.38 -5.90
CA ALA B 515 38.21 -39.25 -5.23
C ALA B 515 37.22 -38.60 -4.26
N PHE B 516 35.95 -38.48 -4.69
CA PHE B 516 34.90 -37.91 -3.86
C PHE B 516 34.73 -38.76 -2.62
N GLU B 517 34.68 -40.08 -2.83
CA GLU B 517 34.52 -41.04 -1.75
C GLU B 517 35.77 -41.07 -0.87
N ALA B 518 36.85 -40.43 -1.34
CA ALA B 518 38.10 -40.34 -0.59
C ALA B 518 38.26 -38.99 0.11
N SER B 519 37.33 -38.07 -0.09
CA SER B 519 37.59 -36.70 0.33
C SER B 519 37.27 -36.50 1.81
N ASN B 520 38.09 -35.65 2.47
CA ASN B 520 37.82 -35.19 3.83
C ASN B 520 37.24 -33.76 3.82
N ASP B 521 36.70 -33.31 2.67
CA ASP B 521 35.95 -32.06 2.60
C ASP B 521 34.54 -32.29 3.16
N PRO B 522 34.12 -31.54 4.21
CA PRO B 522 32.85 -31.79 4.89
C PRO B 522 31.65 -31.89 3.96
N ALA B 523 31.55 -30.93 3.02
CA ALA B 523 30.44 -30.88 2.08
C ALA B 523 30.42 -32.11 1.19
N ILE B 524 31.60 -32.66 0.89
CA ILE B 524 31.69 -33.77 -0.04
C ILE B 524 31.24 -35.04 0.67
N GLN B 525 31.69 -35.22 1.91
CA GLN B 525 31.22 -36.35 2.72
C GLN B 525 29.71 -36.28 2.88
N TYR B 526 29.17 -35.05 3.02
CA TYR B 526 27.74 -34.85 3.21
C TYR B 526 26.99 -35.34 1.98
N ALA B 527 27.51 -34.97 0.79
CA ALA B 527 26.88 -35.30 -0.48
C ALA B 527 26.92 -36.80 -0.73
N VAL B 528 28.03 -37.42 -0.33
CA VAL B 528 28.24 -38.86 -0.49
C VAL B 528 27.18 -39.59 0.35
N ALA B 529 26.97 -39.09 1.56
CA ALA B 529 26.04 -39.65 2.54
C ALA B 529 24.58 -39.55 2.08
N VAL B 530 24.16 -38.38 1.54
CA VAL B 530 22.77 -38.13 1.14
C VAL B 530 22.43 -38.76 -0.21
N MET B 531 23.43 -39.21 -0.98
CA MET B 531 23.17 -39.46 -2.39
C MET B 531 22.23 -40.66 -2.53
N PRO B 532 22.36 -41.75 -1.72
CA PRO B 532 21.47 -42.91 -1.82
C PRO B 532 20.00 -42.62 -1.49
N ALA B 533 19.75 -41.79 -0.46
CA ALA B 533 18.42 -41.27 -0.16
C ALA B 533 17.88 -40.50 -1.37
N LEU B 534 18.63 -39.50 -1.84
CA LEU B 534 18.23 -38.70 -2.99
C LEU B 534 17.88 -39.57 -4.21
N LEU B 535 18.59 -40.67 -4.39
CA LEU B 535 18.43 -41.49 -5.59
C LEU B 535 17.14 -42.32 -5.53
N LYS B 536 16.69 -42.69 -4.32
CA LYS B 536 15.46 -43.47 -4.17
C LYS B 536 14.25 -42.54 -4.17
N GLN B 537 14.40 -41.37 -3.53
CA GLN B 537 13.44 -40.28 -3.60
C GLN B 537 13.21 -39.91 -5.07
N GLU B 538 14.26 -40.03 -5.91
CA GLU B 538 14.15 -39.72 -7.32
C GLU B 538 13.54 -40.88 -8.11
N GLU B 539 13.87 -42.12 -7.70
CA GLU B 539 13.24 -43.32 -8.26
C GLU B 539 11.73 -43.26 -8.04
N GLN B 540 11.32 -42.75 -6.87
CA GLN B 540 9.92 -42.69 -6.46
C GLN B 540 9.18 -41.68 -7.33
N LYS B 541 9.84 -40.53 -7.56
CA LYS B 541 9.35 -39.47 -8.42
C LYS B 541 9.06 -40.03 -9.82
N LYS B 542 9.97 -40.83 -10.36
CA LYS B 542 9.81 -41.35 -11.72
C LYS B 542 8.68 -42.38 -11.81
N ILE B 543 8.32 -43.06 -10.69
CA ILE B 543 7.21 -44.01 -10.69
C ILE B 543 5.90 -43.24 -10.85
N ARG B 544 5.74 -42.19 -10.04
CA ARG B 544 4.64 -41.25 -10.20
C ARG B 544 4.61 -40.61 -11.59
N GLU B 545 5.76 -40.14 -12.11
CA GLU B 545 5.78 -39.53 -13.44
C GLU B 545 5.27 -40.54 -14.46
N GLY B 546 5.66 -41.81 -14.28
CA GLY B 546 5.17 -42.92 -15.10
C GLY B 546 3.66 -43.10 -15.03
N GLU B 547 3.10 -43.01 -13.82
CA GLU B 547 1.66 -43.13 -13.61
C GLU B 547 0.92 -41.97 -14.27
N SER B 548 1.49 -40.76 -14.19
CA SER B 548 0.82 -39.58 -14.73
C SER B 548 0.93 -39.50 -16.27
N LEU B 549 1.83 -40.29 -16.89
CA LEU B 549 2.02 -40.24 -18.34
C LEU B 549 0.80 -40.77 -19.10
N THR B 550 -0.03 -41.64 -18.50
CA THR B 550 -1.29 -42.05 -19.12
C THR B 550 -2.49 -41.35 -18.48
N ALA B 551 -2.44 -41.10 -17.16
CA ALA B 551 -3.53 -40.45 -16.48
C ALA B 551 -3.68 -39.00 -16.92
N ARG B 552 -2.59 -38.22 -16.84
CA ARG B 552 -2.69 -36.77 -17.01
C ARG B 552 -3.27 -36.47 -18.39
N PRO B 553 -2.83 -37.10 -19.49
CA PRO B 553 -3.38 -36.78 -20.81
C PRO B 553 -4.86 -37.16 -20.92
N LEU B 554 -5.26 -38.26 -20.26
CA LEU B 554 -6.65 -38.71 -20.29
C LEU B 554 -7.55 -37.65 -19.65
N TYR B 555 -7.13 -37.20 -18.45
CA TYR B 555 -7.95 -36.27 -17.69
C TYR B 555 -7.98 -34.90 -18.37
N LEU B 556 -6.84 -34.43 -18.92
CA LEU B 556 -6.86 -33.13 -19.57
C LEU B 556 -7.60 -33.18 -20.90
N GLN B 557 -7.67 -34.36 -21.53
CA GLN B 557 -8.48 -34.54 -22.73
C GLN B 557 -9.96 -34.38 -22.39
N ALA B 558 -10.35 -34.90 -21.21
CA ALA B 558 -11.72 -34.76 -20.71
C ALA B 558 -12.08 -33.29 -20.46
N VAL B 559 -11.20 -32.56 -19.77
CA VAL B 559 -11.45 -31.16 -19.46
C VAL B 559 -11.56 -30.37 -20.76
N ALA B 560 -10.63 -30.59 -21.69
CA ALA B 560 -10.69 -29.91 -22.97
C ALA B 560 -11.93 -30.31 -23.77
N ASP B 561 -12.39 -31.57 -23.66
CA ASP B 561 -13.58 -32.05 -24.34
C ASP B 561 -14.79 -31.23 -23.89
N TYR B 562 -15.03 -31.27 -22.57
CA TYR B 562 -16.10 -30.51 -21.92
C TYR B 562 -16.02 -29.01 -22.25
N LYS B 563 -14.83 -28.41 -22.13
CA LYS B 563 -14.65 -26.98 -22.35
C LYS B 563 -15.09 -26.59 -23.75
N LYS B 564 -14.88 -27.47 -24.73
CA LYS B 564 -15.15 -27.14 -26.12
C LYS B 564 -16.65 -27.17 -26.38
N SER B 565 -17.34 -28.10 -25.70
CA SER B 565 -18.79 -28.22 -25.83
C SER B 565 -19.47 -26.96 -25.30
N GLN B 566 -18.95 -26.37 -24.21
CA GLN B 566 -19.42 -25.08 -23.69
C GLN B 566 -18.96 -23.91 -24.57
N GLY B 567 -18.15 -24.23 -25.60
CA GLY B 567 -17.55 -23.24 -26.48
C GLY B 567 -16.65 -22.25 -25.74
N GLU B 568 -15.77 -22.77 -24.86
CA GLU B 568 -14.74 -21.94 -24.23
C GLU B 568 -13.46 -22.01 -25.09
N PHE B 569 -12.55 -21.06 -24.86
CA PHE B 569 -11.27 -21.02 -25.54
C PHE B 569 -10.37 -22.16 -25.04
N VAL B 570 -9.75 -22.90 -25.97
CA VAL B 570 -8.99 -24.11 -25.63
C VAL B 570 -7.57 -24.04 -26.16
N TYR B 571 -6.60 -24.15 -25.25
CA TYR B 571 -5.19 -23.88 -25.54
C TYR B 571 -4.35 -24.46 -24.41
N PRO B 572 -3.19 -25.08 -24.71
CA PRO B 572 -2.44 -25.82 -23.68
C PRO B 572 -1.77 -24.86 -22.70
N ASP B 573 -1.52 -25.33 -21.47
CA ASP B 573 -0.76 -24.55 -20.50
C ASP B 573 0.64 -24.28 -21.05
N ALA B 574 1.20 -23.09 -20.76
CA ALA B 574 2.55 -22.73 -21.16
C ALA B 574 3.54 -23.82 -20.74
N ASN B 575 4.54 -24.10 -21.60
CA ASN B 575 5.45 -25.20 -21.32
C ASN B 575 6.87 -24.89 -21.81
N LEU B 576 7.24 -23.59 -21.84
CA LEU B 576 8.53 -23.07 -22.28
C LEU B 576 8.67 -23.00 -23.82
N SER B 577 7.63 -23.37 -24.57
CA SER B 577 7.65 -23.32 -26.02
C SER B 577 7.15 -21.97 -26.49
N LEU B 578 7.29 -21.71 -27.80
CA LEU B 578 6.92 -20.45 -28.42
C LEU B 578 5.41 -20.36 -28.60
N ARG B 579 4.88 -19.19 -28.22
CA ARG B 579 3.44 -18.90 -28.16
C ARG B 579 3.16 -17.49 -28.64
N ILE B 580 1.89 -17.27 -29.03
CA ILE B 580 1.41 -16.03 -29.62
C ILE B 580 0.14 -15.57 -28.91
N THR B 581 0.11 -14.28 -28.56
CA THR B 581 -1.03 -13.68 -27.89
C THR B 581 -1.33 -12.33 -28.53
N PHE B 582 -2.58 -11.89 -28.48
CA PHE B 582 -2.95 -10.63 -29.13
C PHE B 582 -4.04 -9.89 -28.37
N GLY B 583 -4.27 -8.63 -28.78
CA GLY B 583 -5.31 -7.79 -28.22
C GLY B 583 -5.04 -6.31 -28.54
N ASN B 584 -5.38 -5.42 -27.57
CA ASN B 584 -5.47 -4.00 -27.85
C ASN B 584 -4.90 -3.19 -26.70
N VAL B 585 -4.46 -1.98 -27.01
CA VAL B 585 -4.08 -1.02 -25.99
C VAL B 585 -5.34 -0.53 -25.26
N MET B 586 -5.39 -0.78 -23.95
CA MET B 586 -6.49 -0.38 -23.09
C MET B 586 -6.08 -0.52 -21.63
N GLY B 587 -6.61 0.40 -20.84
CA GLY B 587 -6.60 0.23 -19.41
C GLY B 587 -7.65 -0.76 -18.91
N TYR B 588 -7.88 -0.66 -17.60
CA TYR B 588 -8.81 -1.50 -16.88
C TYR B 588 -9.38 -0.63 -15.76
N GLY B 589 -10.53 -1.04 -15.23
CA GLY B 589 -11.16 -0.32 -14.14
C GLY B 589 -11.29 -1.18 -12.89
N LYS B 590 -11.47 -0.47 -11.77
CA LYS B 590 -11.80 -1.04 -10.48
C LYS B 590 -12.86 -0.12 -9.87
N ASP B 591 -13.53 -0.52 -8.78
CA ASP B 591 -14.53 0.34 -8.18
C ASP B 591 -13.85 1.64 -7.69
N GLY B 592 -14.28 2.77 -8.30
CA GLY B 592 -13.76 4.10 -8.03
C GLY B 592 -12.60 4.54 -8.92
N VAL B 593 -12.07 3.66 -9.78
CA VAL B 593 -10.83 3.91 -10.52
C VAL B 593 -10.98 3.46 -11.98
N LYS B 594 -10.51 4.32 -12.89
CA LYS B 594 -10.41 4.07 -14.31
C LYS B 594 -8.95 4.31 -14.66
N TYR B 595 -8.17 3.23 -14.84
CA TYR B 595 -6.76 3.30 -15.22
C TYR B 595 -6.63 3.57 -16.73
N THR B 596 -5.71 4.48 -17.10
CA THR B 596 -5.54 4.91 -18.48
C THR B 596 -4.37 4.17 -19.10
N PRO B 597 -4.39 3.89 -20.44
CA PRO B 597 -3.41 2.99 -21.06
C PRO B 597 -1.91 3.34 -21.02
N PHE B 598 -1.55 4.62 -20.89
CA PHE B 598 -0.16 5.09 -20.94
C PHE B 598 0.20 5.93 -19.71
N THR B 599 1.48 5.88 -19.31
CA THR B 599 2.10 6.86 -18.43
C THR B 599 3.06 7.75 -19.25
N THR B 600 3.63 8.79 -18.61
CA THR B 600 4.37 9.83 -19.31
C THR B 600 5.56 10.31 -18.47
N LEU B 601 6.35 11.20 -19.08
CA LEU B 601 7.60 11.61 -18.47
C LEU B 601 7.36 12.30 -17.15
N GLU B 602 6.26 13.05 -17.06
CA GLU B 602 5.98 13.84 -15.86
C GLU B 602 5.62 12.90 -14.70
N GLY B 603 5.06 11.73 -15.01
CA GLY B 603 4.76 10.72 -14.01
C GLY B 603 5.99 10.19 -13.31
N VAL B 604 7.13 10.17 -14.01
CA VAL B 604 8.37 9.67 -13.43
C VAL B 604 8.96 10.74 -12.52
N ALA B 605 8.85 11.99 -12.95
CA ALA B 605 9.34 13.12 -12.17
C ALA B 605 8.52 13.28 -10.89
N ALA B 606 7.20 13.01 -10.96
CA ALA B 606 6.32 13.17 -9.81
C ALA B 606 6.59 12.11 -8.72
N LYS B 607 7.04 10.89 -9.10
CA LYS B 607 7.36 9.85 -8.14
C LYS B 607 8.73 10.06 -7.47
N GLU B 608 9.45 11.14 -7.81
CA GLU B 608 10.81 11.36 -7.32
C GLU B 608 10.88 11.50 -5.80
N THR B 609 11.91 10.86 -5.19
CA THR B 609 12.21 11.01 -3.77
C THR B 609 13.65 11.48 -3.55
N GLY B 610 14.59 11.05 -4.42
CA GLY B 610 16.02 11.22 -4.19
C GLY B 610 16.63 10.09 -3.36
N GLU B 611 15.79 9.20 -2.83
CA GLU B 611 16.19 7.99 -2.15
C GLU B 611 15.67 6.78 -2.93
N ASP B 612 16.52 5.76 -3.07
CA ASP B 612 16.18 4.47 -3.64
C ASP B 612 14.80 4.05 -3.17
N PRO B 613 13.91 3.48 -4.03
CA PRO B 613 14.16 3.26 -5.45
C PRO B 613 13.52 4.29 -6.39
N PHE B 614 13.31 5.52 -5.88
CA PHE B 614 12.70 6.60 -6.65
C PHE B 614 13.69 7.73 -6.85
N ASP B 615 14.92 7.38 -7.26
CA ASP B 615 16.05 8.30 -7.38
C ASP B 615 16.52 8.35 -8.83
N SER B 616 15.68 8.92 -9.72
CA SER B 616 16.04 9.03 -11.14
C SER B 616 17.36 9.81 -11.31
N PRO B 617 18.13 9.53 -12.39
CA PRO B 617 19.36 10.29 -12.66
C PRO B 617 19.07 11.76 -12.89
N LYS B 618 20.00 12.63 -12.44
CA LYS B 618 19.88 14.07 -12.57
C LYS B 618 19.53 14.45 -14.03
N ALA B 619 20.15 13.78 -15.00
CA ALA B 619 19.94 14.08 -16.41
C ALA B 619 18.47 13.96 -16.81
N LEU B 620 17.74 13.01 -16.19
CA LEU B 620 16.33 12.76 -16.47
C LEU B 620 15.44 13.86 -15.88
N LEU B 621 15.69 14.21 -14.61
CA LEU B 621 14.96 15.26 -13.92
C LEU B 621 15.10 16.57 -14.68
N ASP B 622 16.32 16.84 -15.20
CA ASP B 622 16.60 18.06 -15.92
C ASP B 622 15.92 18.03 -17.30
N ALA B 623 16.04 16.92 -18.03
CA ALA B 623 15.44 16.83 -19.36
C ALA B 623 13.93 17.02 -19.28
N VAL B 624 13.31 16.52 -18.20
CA VAL B 624 11.87 16.53 -18.06
C VAL B 624 11.45 17.91 -17.57
N LYS B 625 12.22 18.46 -16.63
CA LYS B 625 11.95 19.77 -16.06
C LYS B 625 11.95 20.83 -17.17
N ALA B 626 12.79 20.67 -18.20
CA ALA B 626 12.87 21.62 -19.30
C ALA B 626 12.25 21.09 -20.62
N LYS B 627 11.46 20.00 -20.57
CA LYS B 627 10.61 19.60 -21.69
C LYS B 627 11.40 19.20 -22.92
N ARG B 628 12.54 18.51 -22.75
CA ARG B 628 13.35 18.04 -23.87
C ARG B 628 12.83 16.68 -24.37
N TYR B 629 11.84 16.73 -25.25
CA TYR B 629 11.10 15.55 -25.61
C TYR B 629 11.78 14.84 -26.76
N GLY B 630 12.96 15.34 -27.17
CA GLY B 630 13.73 14.80 -28.29
C GLY B 630 12.88 14.42 -29.50
N GLY B 631 11.79 15.16 -29.77
CA GLY B 631 10.97 14.93 -30.96
C GLY B 631 10.13 13.65 -30.92
N LEU B 632 9.81 13.16 -29.72
CA LEU B 632 9.25 11.82 -29.49
C LEU B 632 7.87 11.88 -28.81
N GLU B 633 7.55 13.03 -28.23
CA GLU B 633 6.20 13.40 -27.80
C GLU B 633 5.19 12.73 -28.73
N ASP B 634 4.11 12.16 -28.14
CA ASP B 634 2.87 11.88 -28.84
C ASP B 634 1.83 12.87 -28.33
N LYS B 635 1.16 13.57 -29.26
CA LYS B 635 0.25 14.68 -28.96
C LYS B 635 -0.89 14.25 -28.03
N ARG B 636 -1.45 13.05 -28.24
CA ARG B 636 -2.61 12.57 -27.48
C ARG B 636 -2.28 12.50 -25.99
N LEU B 637 -0.98 12.53 -25.66
CA LEU B 637 -0.49 12.79 -24.32
C LEU B 637 0.31 14.09 -24.37
N GLY B 638 0.33 14.85 -23.27
CA GLY B 638 1.07 16.11 -23.29
C GLY B 638 2.59 15.92 -23.44
N SER B 639 3.08 14.67 -23.41
CA SER B 639 4.51 14.40 -23.43
C SER B 639 4.82 13.04 -24.08
N VAL B 640 5.99 12.48 -23.71
CA VAL B 640 6.53 11.23 -24.26
C VAL B 640 5.98 10.04 -23.44
N PRO B 641 5.54 8.92 -24.08
CA PRO B 641 5.12 7.72 -23.33
C PRO B 641 6.25 7.09 -22.52
N VAL B 642 5.94 6.49 -21.36
CA VAL B 642 6.90 5.71 -20.60
C VAL B 642 6.55 4.23 -20.70
N ASN B 643 5.41 3.81 -20.13
CA ASN B 643 4.95 2.42 -20.21
C ASN B 643 3.52 2.42 -20.76
N PHE B 644 3.00 1.26 -21.21
CA PHE B 644 1.59 1.16 -21.58
C PHE B 644 0.95 -0.19 -21.26
N LEU B 645 -0.40 -0.22 -21.26
CA LEU B 645 -1.20 -1.39 -20.90
C LEU B 645 -1.89 -1.98 -22.13
N SER B 646 -2.16 -3.28 -22.10
CA SER B 646 -2.91 -3.96 -23.16
C SER B 646 -3.40 -5.30 -22.63
N ASN B 647 -4.49 -5.82 -23.24
CA ASN B 647 -5.14 -7.03 -22.76
C ASN B 647 -4.57 -8.25 -23.47
N LEU B 648 -3.29 -8.52 -23.21
CA LEU B 648 -2.58 -9.69 -23.73
C LEU B 648 -2.40 -10.72 -22.60
N ASP B 649 -1.99 -11.95 -22.96
CA ASP B 649 -1.91 -13.07 -22.03
C ASP B 649 -0.44 -13.50 -21.88
N ILE B 650 0.21 -13.00 -20.82
CA ILE B 650 1.62 -13.30 -20.58
C ILE B 650 1.83 -13.80 -19.15
N THR B 651 3.04 -14.33 -18.90
CA THR B 651 3.43 -14.99 -17.66
C THR B 651 4.97 -15.07 -17.70
N GLY B 652 5.57 -15.70 -16.70
CA GLY B 652 7.03 -15.77 -16.62
C GLY B 652 7.62 -16.35 -17.91
N GLY B 653 8.75 -15.80 -18.37
CA GLY B 653 9.36 -16.11 -19.66
C GLY B 653 8.96 -15.19 -20.82
N ASN B 654 7.80 -14.54 -20.70
CA ASN B 654 7.39 -13.56 -21.68
C ASN B 654 8.11 -12.24 -21.46
N SER B 655 8.97 -12.12 -20.42
CA SER B 655 9.75 -10.90 -20.27
C SER B 655 10.74 -10.77 -21.43
N GLY B 656 10.86 -9.54 -21.96
CA GLY B 656 11.76 -9.20 -23.06
C GLY B 656 11.10 -9.41 -24.42
N SER B 657 9.98 -10.15 -24.44
CA SER B 657 9.20 -10.40 -25.65
C SER B 657 8.94 -9.07 -26.37
N PRO B 658 9.19 -9.00 -27.69
CA PRO B 658 8.82 -7.81 -28.47
C PRO B 658 7.31 -7.65 -28.55
N VAL B 659 6.86 -6.39 -28.46
CA VAL B 659 5.47 -6.02 -28.73
C VAL B 659 5.40 -5.33 -30.10
N LEU B 660 4.65 -5.95 -31.04
CA LEU B 660 4.56 -5.49 -32.41
C LEU B 660 3.21 -4.82 -32.68
N ASP B 661 3.23 -3.71 -33.43
CA ASP B 661 2.04 -3.04 -33.96
C ASP B 661 1.38 -3.92 -35.02
N ALA B 662 0.31 -3.39 -35.63
CA ALA B 662 -0.58 -4.17 -36.48
C ALA B 662 0.13 -4.61 -37.76
N ASN B 663 1.20 -3.88 -38.13
CA ASN B 663 2.04 -4.13 -39.29
C ASN B 663 3.42 -4.64 -38.90
N GLY B 664 3.52 -5.38 -37.80
CA GLY B 664 4.71 -6.15 -37.52
C GLY B 664 5.89 -5.35 -36.96
N LYS B 665 5.88 -4.02 -36.96
CA LYS B 665 6.99 -3.27 -36.40
C LYS B 665 6.94 -3.27 -34.85
N LEU B 666 8.03 -2.83 -34.21
CA LEU B 666 8.16 -2.96 -32.77
C LEU B 666 7.79 -1.65 -32.06
N VAL B 667 6.93 -1.75 -31.03
CA VAL B 667 6.45 -0.57 -30.31
C VAL B 667 6.82 -0.63 -28.82
N GLY B 668 7.39 -1.76 -28.37
CA GLY B 668 7.80 -1.87 -26.98
C GLY B 668 8.16 -3.29 -26.56
N LEU B 669 8.64 -3.40 -25.33
CA LEU B 669 8.94 -4.68 -24.71
C LEU B 669 7.96 -4.96 -23.58
N ALA B 670 7.43 -6.21 -23.57
CA ALA B 670 6.73 -6.80 -22.43
C ALA B 670 7.66 -6.90 -21.22
N PHE B 671 7.21 -6.49 -20.03
CA PHE B 671 8.06 -6.69 -18.86
C PHE B 671 7.33 -7.06 -17.57
N ASP B 672 6.00 -6.86 -17.44
CA ASP B 672 5.31 -7.14 -16.19
C ASP B 672 3.81 -7.18 -16.44
N GLY B 673 3.04 -7.45 -15.35
CA GLY B 673 1.58 -7.36 -15.30
C GLY B 673 1.09 -6.52 -14.12
N ASN B 674 -0.19 -6.13 -14.16
CA ASN B 674 -0.80 -5.42 -13.03
C ASN B 674 -1.14 -6.41 -11.92
N TRP B 675 -1.45 -5.84 -10.74
CA TRP B 675 -1.65 -6.58 -9.50
C TRP B 675 -2.73 -7.65 -9.64
N GLU B 676 -3.82 -7.35 -10.36
CA GLU B 676 -4.97 -8.22 -10.43
C GLU B 676 -4.76 -9.27 -11.53
N SER B 677 -3.62 -9.21 -12.24
CA SER B 677 -3.34 -10.12 -13.34
C SER B 677 -2.75 -11.45 -12.87
N VAL B 678 -1.95 -11.42 -11.79
CA VAL B 678 -1.05 -12.51 -11.45
C VAL B 678 -1.83 -13.78 -11.12
N SER B 679 -3.08 -13.62 -10.67
CA SER B 679 -3.94 -14.73 -10.31
C SER B 679 -4.31 -15.58 -11.54
N SER B 680 -4.04 -15.05 -12.74
CA SER B 680 -4.49 -15.66 -13.99
C SER B 680 -3.65 -16.88 -14.33
N ASN B 681 -2.53 -17.05 -13.63
CA ASN B 681 -1.79 -18.29 -13.71
C ASN B 681 -2.73 -19.51 -13.55
N TRP B 682 -3.69 -19.45 -12.60
CA TRP B 682 -4.59 -20.55 -12.24
C TRP B 682 -6.03 -20.37 -12.76
N VAL B 683 -6.53 -19.11 -12.83
CA VAL B 683 -7.88 -18.78 -13.27
C VAL B 683 -7.91 -17.41 -13.95
N PHE B 684 -8.00 -17.38 -15.28
CA PHE B 684 -7.91 -16.16 -16.07
C PHE B 684 -9.11 -15.22 -15.84
N ASP B 685 -8.86 -13.97 -15.44
CA ASP B 685 -9.88 -12.93 -15.38
C ASP B 685 -9.66 -11.93 -16.51
N PRO B 686 -10.53 -11.91 -17.57
CA PRO B 686 -10.37 -10.96 -18.68
C PRO B 686 -10.58 -9.47 -18.35
N VAL B 687 -11.42 -9.16 -17.37
CA VAL B 687 -11.74 -7.77 -17.04
C VAL B 687 -10.48 -7.01 -16.58
N MET B 688 -9.62 -7.68 -15.80
CA MET B 688 -8.55 -6.98 -15.07
C MET B 688 -7.16 -7.58 -15.32
N THR B 689 -7.02 -8.50 -16.27
CA THR B 689 -5.71 -9.01 -16.64
C THR B 689 -5.12 -8.13 -17.76
N ARG B 690 -4.01 -7.44 -17.47
CA ARG B 690 -3.36 -6.54 -18.43
C ARG B 690 -1.85 -6.80 -18.44
N MET B 691 -1.22 -6.59 -19.62
CA MET B 691 0.23 -6.56 -19.71
C MET B 691 0.76 -5.13 -19.54
N ILE B 692 1.89 -4.99 -18.82
CA ILE B 692 2.67 -3.76 -18.84
C ILE B 692 3.91 -3.94 -19.72
N ALA B 693 4.08 -2.96 -20.65
CA ALA B 693 5.20 -2.88 -21.60
C ALA B 693 5.89 -1.51 -21.50
N VAL B 694 7.20 -1.47 -21.83
CA VAL B 694 7.93 -0.21 -22.00
C VAL B 694 7.88 0.18 -23.48
N ASP B 695 7.51 1.44 -23.77
CA ASP B 695 7.33 1.94 -25.13
C ASP B 695 8.69 2.24 -25.75
N SER B 696 8.84 1.92 -27.05
CA SER B 696 10.07 2.11 -27.82
C SER B 696 10.52 3.56 -27.80
N ARG B 697 9.57 4.47 -27.65
CA ARG B 697 9.86 5.89 -27.61
C ARG B 697 10.56 6.26 -26.31
N TYR B 698 10.20 5.58 -25.20
CA TYR B 698 10.89 5.84 -23.95
C TYR B 698 12.33 5.31 -24.02
N MET B 699 12.51 4.13 -24.64
CA MET B 699 13.83 3.55 -24.86
C MET B 699 14.71 4.54 -25.62
N GLN B 700 14.22 4.93 -26.80
CA GLN B 700 14.91 5.88 -27.65
C GLN B 700 15.22 7.14 -26.85
N TRP B 701 14.20 7.72 -26.19
CA TRP B 701 14.33 8.91 -25.36
C TRP B 701 15.47 8.78 -24.34
N ILE B 702 15.67 7.60 -23.76
CA ILE B 702 16.69 7.42 -22.73
C ILE B 702 18.11 7.44 -23.32
N MET B 703 18.30 6.84 -24.51
CA MET B 703 19.59 6.73 -25.16
C MET B 703 19.95 8.04 -25.89
N GLN B 704 18.98 8.99 -25.96
CA GLN B 704 19.18 10.30 -26.56
C GLN B 704 19.51 11.34 -25.50
N GLU B 705 18.75 11.37 -24.39
CA GLU B 705 18.73 12.53 -23.49
C GLU B 705 19.15 12.21 -22.05
N VAL B 706 19.49 10.95 -21.70
CA VAL B 706 19.74 10.61 -20.30
C VAL B 706 21.09 9.88 -20.13
N ALA B 707 21.15 8.60 -20.53
CA ALA B 707 22.41 7.86 -20.57
C ALA B 707 22.66 7.50 -22.03
N PRO B 708 23.28 8.39 -22.82
CA PRO B 708 23.21 8.26 -24.28
C PRO B 708 23.98 7.04 -24.78
N ALA B 709 23.56 6.61 -25.98
CA ALA B 709 24.21 5.54 -26.72
C ALA B 709 24.12 5.86 -28.22
N PRO B 710 24.86 6.89 -28.72
CA PRO B 710 24.67 7.38 -30.09
C PRO B 710 24.93 6.26 -31.09
N GLN B 711 25.95 5.44 -30.78
CA GLN B 711 26.39 4.30 -31.59
C GLN B 711 25.22 3.35 -31.89
N LEU B 712 24.27 3.18 -30.93
CA LEU B 712 23.07 2.34 -31.08
C LEU B 712 21.96 3.06 -31.84
N LEU B 713 21.81 4.36 -31.61
CA LEU B 713 20.88 5.15 -32.41
C LEU B 713 21.28 5.10 -33.88
N LYS B 714 22.59 5.03 -34.16
CA LYS B 714 23.06 4.87 -35.53
C LYS B 714 22.70 3.46 -36.02
N GLU B 715 23.03 2.44 -35.22
CA GLU B 715 22.82 1.06 -35.65
C GLU B 715 21.35 0.75 -35.94
N LEU B 716 20.44 1.59 -35.44
CA LEU B 716 19.03 1.25 -35.47
C LEU B 716 18.24 2.09 -36.48
N ASN B 717 18.86 3.08 -37.13
CA ASN B 717 18.18 4.00 -38.05
C ASN B 717 17.18 4.88 -37.29
N LEU B 718 17.64 5.46 -36.18
CA LEU B 718 16.89 6.46 -35.43
C LEU B 718 17.76 7.71 -35.35
N ALA B 719 18.61 7.90 -36.37
CA ALA B 719 19.59 8.98 -36.45
C ALA B 719 20.33 8.89 -37.79
#